data_7Q00
#
_entry.id   7Q00
#
_cell.length_a   59.091
_cell.length_b   130.914
_cell.length_c   121.778
_cell.angle_alpha   90.000
_cell.angle_beta   92.261
_cell.angle_gamma   90.000
#
_symmetry.space_group_name_H-M   'P 1 21 1'
#
loop_
_entity.id
_entity.type
_entity.pdbx_description
1 polymer 'Serine hydroxymethyltransferase 4'
2 non-polymer 1,2-ETHANEDIOL
3 non-polymer 2-AMINO-2-HYDROXYMETHYL-PROPANE-1,3-DIOL
4 water water
#
_entity_poly.entity_id   1
_entity_poly.type   'polypeptide(L)'
_entity_poly.pdbx_seq_one_letter_code
;SNAMEPVSSWGNTSLVSVDPEIHDLIEKEKRRQCRGIELIASENFTSFAVIEALGSALTNKYSEGIPGNRYYGGNEFIDE
IENLCRSRALEAFHCDPAAWGVNVQPYSGSPANFAAYTALLQPHDRIMGLDLPSGGHLTHGYYTSGGKKISATSIYFESL
PYKVNFTTGYIDYDKLEEKALDFRPKLLICGGSAYPRDWDYARFRAIADKVGALLLCDMAHISGLVAAQEAANPFEYCDV
VTTTTH(LLP)SLRGPRAGMIFYRKGPKPPKKGQPEGAVYDFEDKINFAVFPALQGGPHNHQIGALAVALKQANTPGFKV
YAKQVKANAVALGNYLMSKGYQIVTNGTENHLVLWDLRPLGLTGNKVEKLCDLCSITLNKNAVFGDSSALAPGGVRIGAP
AMTSRGLVEKDFEQIGEFLSRAVTLTLDIQKTYGKLLKDFNKGLVNNKDLDQLKADVEKFSASYEMPGFLMSEMKYKD
;
_entity_poly.pdbx_strand_id   A,B,C,D
#
loop_
_chem_comp.id
_chem_comp.type
_chem_comp.name
_chem_comp.formula
EDO non-polymer 1,2-ETHANEDIOL 'C2 H6 O2'
TRS non-polymer 2-AMINO-2-HYDROXYMETHYL-PROPANE-1,3-DIOL 'C4 H12 N O3 1'
#
# COMPACT_ATOMS: atom_id res chain seq x y z
N ALA A 3 14.74 14.54 -51.57
CA ALA A 3 14.85 15.94 -51.17
C ALA A 3 13.70 16.30 -50.24
N MET A 4 13.98 16.98 -49.14
CA MET A 4 12.92 17.32 -48.18
C MET A 4 11.98 18.38 -48.78
N GLU A 5 10.70 18.27 -48.43
CA GLU A 5 9.74 19.30 -48.75
C GLU A 5 10.22 20.65 -48.21
N PRO A 6 10.09 21.74 -48.96
CA PRO A 6 10.54 23.05 -48.44
C PRO A 6 9.88 23.37 -47.11
N VAL A 7 10.62 24.07 -46.23
CA VAL A 7 10.07 24.42 -44.92
C VAL A 7 8.76 25.17 -45.07
N SER A 8 8.71 26.14 -45.98
CA SER A 8 7.53 26.97 -46.14
C SER A 8 6.29 26.12 -46.46
N SER A 9 6.46 24.99 -47.14
CA SER A 9 5.32 24.21 -47.59
C SER A 9 4.57 23.58 -46.41
N TRP A 10 5.24 22.69 -45.67
CA TRP A 10 4.56 22.08 -44.53
C TRP A 10 4.53 23.01 -43.33
N GLY A 11 5.51 23.92 -43.20
CA GLY A 11 5.74 24.57 -41.92
C GLY A 11 5.19 25.97 -41.72
N ASN A 12 4.90 26.67 -42.80
CA ASN A 12 4.40 28.04 -42.71
C ASN A 12 3.03 28.23 -43.34
N THR A 13 2.50 27.23 -44.04
CA THR A 13 1.20 27.35 -44.67
C THR A 13 0.09 27.36 -43.62
N SER A 14 -0.97 28.13 -43.90
CA SER A 14 -2.06 28.25 -42.95
C SER A 14 -2.87 26.96 -42.81
N LEU A 15 -3.55 26.84 -41.67
CA LEU A 15 -4.38 25.68 -41.37
C LEU A 15 -5.44 25.42 -42.43
N VAL A 16 -6.09 26.46 -42.93
CA VAL A 16 -7.15 26.29 -43.93
C VAL A 16 -6.65 25.52 -45.15
N SER A 17 -5.36 25.68 -45.50
CA SER A 17 -4.76 25.00 -46.63
C SER A 17 -4.18 23.63 -46.27
N VAL A 18 -3.52 23.53 -45.11
CA VAL A 18 -2.89 22.28 -44.72
C VAL A 18 -3.94 21.21 -44.38
N ASP A 19 -5.00 21.59 -43.68
CA ASP A 19 -5.97 20.63 -43.14
C ASP A 19 -7.36 21.24 -43.22
N PRO A 20 -7.97 21.27 -44.42
CA PRO A 20 -9.32 21.84 -44.53
C PRO A 20 -10.36 21.15 -43.66
N GLU A 21 -10.24 19.84 -43.46
CA GLU A 21 -11.19 19.11 -42.61
C GLU A 21 -11.21 19.70 -41.21
N ILE A 22 -10.04 19.84 -40.60
CA ILE A 22 -9.99 20.36 -39.23
C ILE A 22 -10.36 21.84 -39.21
N HIS A 23 -9.88 22.62 -40.18
CA HIS A 23 -10.26 24.03 -40.21
C HIS A 23 -11.78 24.16 -40.24
N ASP A 24 -12.45 23.30 -41.02
CA ASP A 24 -13.89 23.39 -41.16
C ASP A 24 -14.59 23.02 -39.86
N LEU A 25 -14.06 22.04 -39.13
CA LEU A 25 -14.68 21.64 -37.87
C LEU A 25 -14.50 22.72 -36.80
N ILE A 26 -13.34 23.40 -36.79
CA ILE A 26 -13.18 24.50 -35.86
C ILE A 26 -14.16 25.63 -36.20
N GLU A 27 -14.39 25.86 -37.51
CA GLU A 27 -15.34 26.90 -37.90
C GLU A 27 -16.75 26.53 -37.47
N LYS A 28 -17.13 25.26 -37.61
CA LYS A 28 -18.46 24.83 -37.13
C LYS A 28 -18.57 24.99 -35.62
N GLU A 29 -17.49 24.68 -34.89
CA GLU A 29 -17.54 24.84 -33.45
C GLU A 29 -17.61 26.31 -33.04
N LYS A 30 -16.87 27.17 -33.75
CA LYS A 30 -16.97 28.62 -33.51
C LYS A 30 -18.40 29.11 -33.64
N ARG A 31 -19.10 28.69 -34.70
CA ARG A 31 -20.51 29.06 -34.85
C ARG A 31 -21.35 28.50 -33.71
N ARG A 32 -21.13 27.23 -33.35
CA ARG A 32 -21.91 26.65 -32.27
C ARG A 32 -21.74 27.44 -30.98
N GLN A 33 -20.52 27.88 -30.68
CA GLN A 33 -20.30 28.64 -29.46
C GLN A 33 -21.02 29.98 -29.45
N CYS A 34 -21.19 30.64 -30.60
CA CYS A 34 -21.83 31.94 -30.49
C CYS A 34 -23.28 31.92 -30.96
N ARG A 35 -23.85 30.75 -31.21
CA ARG A 35 -25.28 30.68 -31.56
C ARG A 35 -26.09 29.91 -30.52
N GLY A 36 -25.49 29.53 -29.38
CA GLY A 36 -26.19 28.85 -28.32
C GLY A 36 -26.21 29.67 -27.04
N ILE A 37 -26.95 29.17 -26.04
CA ILE A 37 -26.91 29.72 -24.69
C ILE A 37 -26.07 28.78 -23.85
N GLU A 38 -24.87 29.24 -23.49
CA GLU A 38 -23.91 28.41 -22.77
C GLU A 38 -24.09 28.65 -21.28
N LEU A 39 -24.68 27.67 -20.59
CA LEU A 39 -24.99 27.79 -19.16
C LEU A 39 -24.20 26.79 -18.32
N ILE A 40 -23.26 26.06 -18.92
CA ILE A 40 -22.41 25.16 -18.14
C ILE A 40 -21.52 26.00 -17.24
N ALA A 41 -21.66 25.78 -15.92
CA ALA A 41 -21.08 26.68 -14.94
C ALA A 41 -19.57 26.71 -14.98
N SER A 42 -18.94 25.66 -15.49
CA SER A 42 -17.49 25.62 -15.65
C SER A 42 -17.02 26.18 -16.98
N GLU A 43 -17.92 26.65 -17.83
CA GLU A 43 -17.51 27.10 -19.15
C GLU A 43 -17.32 28.61 -19.18
N ASN A 44 -16.43 29.06 -20.04
CA ASN A 44 -16.28 30.49 -20.28
C ASN A 44 -15.76 30.67 -21.70
N PHE A 45 -15.66 31.94 -22.11
CA PHE A 45 -15.12 32.29 -23.43
C PHE A 45 -13.95 33.24 -23.20
N THR A 46 -12.73 32.77 -23.50
CA THR A 46 -11.54 33.53 -23.18
C THR A 46 -11.21 34.52 -24.30
N SER A 47 -10.21 35.35 -24.07
CA SER A 47 -9.96 36.47 -24.96
C SER A 47 -9.07 36.05 -26.14
N PHE A 48 -9.10 36.87 -27.20
CA PHE A 48 -8.21 36.66 -28.34
C PHE A 48 -6.75 36.80 -27.93
N ALA A 49 -6.46 37.73 -27.02
CA ALA A 49 -5.09 37.90 -26.54
C ALA A 49 -4.55 36.62 -25.91
N VAL A 50 -5.35 35.99 -25.05
CA VAL A 50 -4.98 34.70 -24.46
C VAL A 50 -4.76 33.66 -25.57
N ILE A 51 -5.68 33.60 -26.53
CA ILE A 51 -5.59 32.63 -27.60
C ILE A 51 -4.34 32.86 -28.45
N GLU A 52 -3.94 34.13 -28.64
CA GLU A 52 -2.73 34.39 -29.44
C GLU A 52 -1.48 33.94 -28.72
N ALA A 53 -1.43 34.06 -27.38
CA ALA A 53 -0.26 33.56 -26.66
C ALA A 53 -0.29 32.03 -26.61
N LEU A 54 -1.50 31.46 -26.56
CA LEU A 54 -1.66 30.01 -26.52
C LEU A 54 -1.15 29.34 -27.78
N GLY A 55 -1.48 29.90 -28.95
CA GLY A 55 -0.95 29.40 -30.21
C GLY A 55 0.30 30.15 -30.60
N SER A 56 1.43 29.83 -29.98
CA SER A 56 2.65 30.60 -30.21
C SER A 56 3.85 29.67 -30.20
N ALA A 57 4.99 30.21 -30.66
CA ALA A 57 6.22 29.44 -30.66
C ALA A 57 6.70 29.02 -29.27
N LEU A 58 6.03 29.47 -28.19
CA LEU A 58 6.38 28.96 -26.85
C LEU A 58 6.19 27.46 -26.77
N THR A 59 5.35 26.88 -27.61
CA THR A 59 5.19 25.43 -27.58
C THR A 59 6.46 24.69 -27.97
N ASN A 60 7.45 25.35 -28.58
CA ASN A 60 8.65 24.67 -29.07
C ASN A 60 9.78 24.55 -28.06
N LYS A 61 9.61 24.96 -26.80
CA LYS A 61 10.75 25.00 -25.88
C LYS A 61 10.54 24.04 -24.73
N TYR A 62 11.49 23.14 -24.52
CA TYR A 62 11.50 22.31 -23.33
C TYR A 62 12.12 23.09 -22.19
N SER A 63 11.47 23.13 -21.03
CA SER A 63 11.96 23.94 -19.92
C SER A 63 11.74 23.24 -18.58
N GLU A 64 12.07 21.94 -18.51
CA GLU A 64 11.94 21.20 -17.26
C GLU A 64 12.71 21.88 -16.13
N GLY A 65 12.09 21.92 -14.96
CA GLY A 65 12.60 22.66 -13.81
C GLY A 65 11.73 23.87 -13.48
N ILE A 66 12.35 24.84 -12.82
CA ILE A 66 11.70 26.10 -12.46
C ILE A 66 12.68 27.22 -12.82
N PRO A 67 12.24 28.47 -12.88
CA PRO A 67 13.18 29.55 -13.20
C PRO A 67 14.35 29.57 -12.23
N GLY A 68 15.55 29.77 -12.79
CA GLY A 68 16.75 29.72 -11.99
C GLY A 68 17.24 28.34 -11.67
N ASN A 69 16.48 27.29 -11.97
CA ASN A 69 16.93 25.92 -11.72
C ASN A 69 16.33 25.00 -12.78
N ARG A 70 16.80 25.19 -14.01
CA ARG A 70 16.35 24.43 -15.18
C ARG A 70 17.31 23.29 -15.47
N TYR A 71 16.77 22.22 -16.06
CA TYR A 71 17.63 21.12 -16.47
C TYR A 71 18.44 21.47 -17.73
N TYR A 72 17.86 22.23 -18.67
CA TYR A 72 18.52 22.63 -19.91
C TYR A 72 18.82 24.12 -19.90
N GLY A 73 19.62 24.54 -20.89
CA GLY A 73 19.86 25.95 -21.14
C GLY A 73 18.87 26.50 -22.14
N GLY A 74 19.12 27.75 -22.55
CA GLY A 74 18.25 28.44 -23.49
C GLY A 74 16.95 28.94 -22.92
N ASN A 75 16.81 29.01 -21.59
CA ASN A 75 15.53 29.35 -20.97
C ASN A 75 15.47 30.80 -20.48
N GLU A 76 16.30 31.69 -21.01
N GLU A 76 16.32 31.68 -21.02
CA GLU A 76 16.33 33.06 -20.51
CA GLU A 76 16.36 33.08 -20.60
C GLU A 76 14.97 33.74 -20.64
C GLU A 76 14.97 33.72 -20.65
N PHE A 77 14.26 33.55 -21.77
CA PHE A 77 12.96 34.19 -21.93
C PHE A 77 11.81 33.36 -21.38
N ILE A 78 11.90 32.04 -21.43
CA ILE A 78 10.93 31.22 -20.69
C ILE A 78 10.94 31.61 -19.22
N ASP A 79 12.14 31.83 -18.66
CA ASP A 79 12.21 32.20 -17.24
C ASP A 79 11.52 33.53 -16.99
N GLU A 80 11.76 34.51 -17.84
CA GLU A 80 11.09 35.80 -17.68
C GLU A 80 9.57 35.62 -17.77
N ILE A 81 9.10 34.79 -18.69
CA ILE A 81 7.66 34.61 -18.85
C ILE A 81 7.07 33.92 -17.61
N GLU A 82 7.73 32.86 -17.15
CA GLU A 82 7.19 32.13 -15.99
C GLU A 82 7.28 32.97 -14.73
N ASN A 83 8.36 33.75 -14.58
CA ASN A 83 8.47 34.61 -13.41
C ASN A 83 7.37 35.66 -13.40
N LEU A 84 7.10 36.24 -14.57
CA LEU A 84 6.03 37.23 -14.70
C LEU A 84 4.67 36.59 -14.43
N CYS A 85 4.45 35.37 -14.93
CA CYS A 85 3.21 34.66 -14.68
C CYS A 85 3.01 34.44 -13.19
N ARG A 86 4.06 33.99 -12.49
CA ARG A 86 3.96 33.75 -11.05
C ARG A 86 3.67 35.05 -10.29
N SER A 87 4.42 36.11 -10.60
CA SER A 87 4.18 37.37 -9.91
C SER A 87 2.79 37.92 -10.22
N ARG A 88 2.31 37.76 -11.46
CA ARG A 88 0.96 38.24 -11.76
C ARG A 88 -0.12 37.41 -11.05
N ALA A 89 0.12 36.10 -10.87
CA ALA A 89 -0.85 35.28 -10.13
C ALA A 89 -0.94 35.72 -8.67
N LEU A 90 0.20 35.97 -8.03
CA LEU A 90 0.18 36.43 -6.65
C LEU A 90 -0.49 37.79 -6.53
N GLU A 91 -0.27 38.66 -7.51
CA GLU A 91 -0.91 39.97 -7.47
C GLU A 91 -2.41 39.86 -7.68
N ALA A 92 -2.84 38.98 -8.60
CA ALA A 92 -4.28 38.89 -8.86
C ALA A 92 -5.05 38.41 -7.63
N PHE A 93 -4.43 37.57 -6.82
CA PHE A 93 -5.05 37.02 -5.63
C PHE A 93 -4.56 37.70 -4.35
N HIS A 94 -3.88 38.84 -4.48
CA HIS A 94 -3.62 39.78 -3.40
C HIS A 94 -2.73 39.14 -2.32
N CYS A 95 -1.75 38.37 -2.78
CA CYS A 95 -0.84 37.64 -1.91
C CYS A 95 0.46 38.40 -1.76
N ASP A 96 0.91 38.53 -0.52
CA ASP A 96 2.28 38.98 -0.23
C ASP A 96 3.27 37.90 -0.65
N PRO A 97 4.22 38.19 -1.56
CA PRO A 97 5.12 37.13 -2.03
C PRO A 97 6.03 36.59 -0.94
N ALA A 98 6.20 37.31 0.17
CA ALA A 98 6.93 36.77 1.30
C ALA A 98 6.15 35.70 2.05
N ALA A 99 4.83 35.66 1.88
CA ALA A 99 3.95 34.74 2.62
C ALA A 99 3.31 33.68 1.74
N TRP A 100 3.42 33.82 0.42
CA TRP A 100 2.78 32.93 -0.54
C TRP A 100 3.68 32.77 -1.76
N GLY A 101 3.75 31.55 -2.30
CA GLY A 101 4.32 31.31 -3.61
C GLY A 101 3.31 30.57 -4.47
N VAL A 102 3.69 30.34 -5.73
CA VAL A 102 2.78 29.67 -6.66
C VAL A 102 3.61 28.89 -7.68
N ASN A 103 3.09 27.71 -8.05
CA ASN A 103 3.60 26.95 -9.17
C ASN A 103 2.56 27.01 -10.28
N VAL A 104 2.96 27.50 -11.46
CA VAL A 104 2.04 27.74 -12.57
C VAL A 104 2.20 26.70 -13.67
N GLN A 105 2.94 25.61 -13.41
CA GLN A 105 3.13 24.56 -14.42
C GLN A 105 2.06 23.46 -14.53
N PRO A 106 1.17 23.23 -13.56
CA PRO A 106 0.19 22.13 -13.71
C PRO A 106 -0.56 22.22 -15.03
N TYR A 107 -0.69 21.07 -15.73
CA TYR A 107 -1.29 21.12 -17.06
C TYR A 107 -2.77 21.51 -17.04
N SER A 108 -3.47 21.22 -15.93
CA SER A 108 -4.87 21.58 -15.80
C SER A 108 -5.24 21.53 -14.31
N GLY A 109 -6.53 21.68 -14.01
CA GLY A 109 -6.96 21.65 -12.62
C GLY A 109 -6.72 20.31 -11.95
N SER A 110 -7.06 19.22 -12.63
CA SER A 110 -6.91 17.90 -12.01
C SER A 110 -5.44 17.55 -11.75
N PRO A 111 -4.50 17.85 -12.68
CA PRO A 111 -3.08 17.66 -12.36
C PRO A 111 -2.61 18.52 -11.19
N ALA A 112 -3.11 19.75 -11.08
CA ALA A 112 -2.74 20.59 -9.94
C ALA A 112 -3.12 19.92 -8.63
N ASN A 113 -4.32 19.38 -8.55
CA ASN A 113 -4.75 18.73 -7.32
C ASN A 113 -3.90 17.50 -7.02
N PHE A 114 -3.67 16.64 -8.02
CA PHE A 114 -2.90 15.44 -7.72
C PHE A 114 -1.46 15.77 -7.36
N ALA A 115 -0.90 16.83 -7.96
CA ALA A 115 0.45 17.27 -7.58
C ALA A 115 0.45 17.78 -6.13
N ALA A 116 -0.55 18.57 -5.75
CA ALA A 116 -0.63 19.01 -4.36
C ALA A 116 -0.72 17.82 -3.40
N TYR A 117 -1.54 16.80 -3.74
CA TYR A 117 -1.62 15.65 -2.84
C TYR A 117 -0.29 14.91 -2.75
N THR A 118 0.36 14.71 -3.90
CA THR A 118 1.65 14.04 -3.93
C THR A 118 2.67 14.79 -3.09
N ALA A 119 2.63 16.13 -3.13
CA ALA A 119 3.58 16.93 -2.38
C ALA A 119 3.35 16.80 -0.87
N LEU A 120 2.09 16.80 -0.44
CA LEU A 120 1.74 16.96 0.97
C LEU A 120 1.52 15.65 1.71
N LEU A 121 1.24 14.56 0.99
CA LEU A 121 0.74 13.34 1.59
C LEU A 121 1.58 12.14 1.17
N GLN A 122 1.47 11.08 1.94
CA GLN A 122 1.97 9.77 1.57
C GLN A 122 0.85 8.95 0.95
N PRO A 123 1.20 7.99 0.08
CA PRO A 123 0.18 7.04 -0.41
C PRO A 123 -0.64 6.49 0.75
N HIS A 124 -1.96 6.41 0.53
CA HIS A 124 -2.96 5.92 1.49
C HIS A 124 -3.25 6.88 2.64
N ASP A 125 -2.65 8.07 2.68
CA ASP A 125 -3.06 9.04 3.70
C ASP A 125 -4.53 9.43 3.51
N ARG A 126 -5.18 9.80 4.62
CA ARG A 126 -6.60 10.10 4.59
C ARG A 126 -6.90 11.53 4.15
N ILE A 127 -7.92 11.66 3.32
CA ILE A 127 -8.37 12.92 2.72
C ILE A 127 -9.89 13.02 2.89
N MET A 128 -10.38 14.24 3.13
CA MET A 128 -11.81 14.52 3.10
C MET A 128 -12.12 15.67 2.15
N GLY A 129 -13.18 15.51 1.36
CA GLY A 129 -13.63 16.55 0.46
C GLY A 129 -15.14 16.50 0.33
N LEU A 130 -15.72 17.58 -0.20
CA LEU A 130 -17.16 17.63 -0.41
C LEU A 130 -17.60 16.50 -1.34
N ASP A 131 -18.64 15.79 -0.92
CA ASP A 131 -19.22 14.67 -1.66
C ASP A 131 -19.66 15.10 -3.06
N LEU A 132 -19.39 14.26 -4.05
CA LEU A 132 -19.83 14.61 -5.41
C LEU A 132 -21.32 14.92 -5.50
N PRO A 133 -22.23 14.10 -4.96
CA PRO A 133 -23.66 14.49 -4.95
C PRO A 133 -23.97 15.74 -4.14
N SER A 134 -23.06 16.20 -3.28
CA SER A 134 -23.26 17.46 -2.55
C SER A 134 -22.61 18.64 -3.25
N GLY A 135 -22.04 18.45 -4.42
CA GLY A 135 -21.40 19.52 -5.17
C GLY A 135 -19.89 19.53 -5.19
N GLY A 136 -19.23 18.45 -4.75
CA GLY A 136 -17.78 18.38 -4.81
C GLY A 136 -17.30 18.00 -6.21
N HIS A 137 -15.98 17.87 -6.34
CA HIS A 137 -15.35 17.49 -7.59
C HIS A 137 -14.72 16.10 -7.47
N LEU A 138 -14.76 15.34 -8.57
CA LEU A 138 -14.10 14.04 -8.68
C LEU A 138 -12.71 14.02 -8.05
N THR A 139 -11.90 15.05 -8.28
CA THR A 139 -10.53 15.01 -7.77
C THR A 139 -10.47 15.09 -6.25
N HIS A 140 -11.57 15.42 -5.57
CA HIS A 140 -11.59 15.45 -4.11
C HIS A 140 -11.87 14.09 -3.52
N GLY A 141 -12.07 13.09 -4.36
CA GLY A 141 -12.31 11.73 -3.93
C GLY A 141 -13.68 11.25 -4.36
N TYR A 142 -13.77 10.03 -4.87
CA TYR A 142 -15.09 9.49 -5.17
C TYR A 142 -14.99 7.97 -5.23
N TYR A 143 -15.81 7.28 -4.45
CA TYR A 143 -16.00 5.85 -4.64
C TYR A 143 -17.48 5.54 -4.59
N THR A 144 -17.88 4.45 -5.26
CA THR A 144 -19.30 4.13 -5.40
C THR A 144 -19.77 3.31 -4.22
N SER A 145 -21.10 3.18 -4.11
CA SER A 145 -21.68 2.34 -3.07
C SER A 145 -21.21 0.90 -3.19
N GLY A 146 -20.91 0.46 -4.41
CA GLY A 146 -20.34 -0.85 -4.59
C GLY A 146 -18.87 -0.96 -4.25
N GLY A 147 -18.23 0.13 -3.80
CA GLY A 147 -16.84 0.08 -3.42
C GLY A 147 -15.87 0.43 -4.53
N LYS A 148 -16.34 0.65 -5.76
CA LYS A 148 -15.43 0.94 -6.86
C LYS A 148 -14.77 2.29 -6.65
N LYS A 149 -13.44 2.32 -6.73
CA LYS A 149 -12.69 3.56 -6.56
C LYS A 149 -12.60 4.25 -7.93
N ILE A 150 -13.24 5.41 -8.05
CA ILE A 150 -13.41 6.08 -9.34
C ILE A 150 -12.34 7.14 -9.56
N SER A 151 -12.22 8.08 -8.62
CA SER A 151 -11.17 9.07 -8.67
C SER A 151 -9.82 8.45 -8.32
N ALA A 152 -8.77 8.90 -9.03
CA ALA A 152 -7.41 8.51 -8.63
C ALA A 152 -7.10 8.96 -7.20
N THR A 153 -7.77 10.02 -6.74
CA THR A 153 -7.61 10.42 -5.35
C THR A 153 -8.02 9.31 -4.41
N SER A 154 -9.08 8.59 -4.76
CA SER A 154 -9.52 7.46 -3.94
C SER A 154 -8.74 6.19 -4.23
N ILE A 155 -8.06 6.13 -5.37
CA ILE A 155 -7.22 4.97 -5.70
C ILE A 155 -5.91 4.99 -4.90
N TYR A 156 -5.25 6.14 -4.87
CA TYR A 156 -3.93 6.25 -4.29
C TYR A 156 -3.93 6.79 -2.87
N PHE A 157 -5.06 7.34 -2.41
CA PHE A 157 -5.24 7.84 -1.05
C PHE A 157 -6.52 7.25 -0.48
N GLU A 158 -6.80 7.56 0.79
CA GLU A 158 -7.96 7.03 1.51
C GLU A 158 -8.93 8.18 1.75
N SER A 159 -10.02 8.23 0.98
CA SER A 159 -10.90 9.40 1.02
C SER A 159 -12.22 9.11 1.74
N LEU A 160 -12.83 10.17 2.27
CA LEU A 160 -14.13 10.08 2.90
C LEU A 160 -14.82 11.39 2.67
N PRO A 161 -16.03 11.40 2.10
CA PRO A 161 -16.69 12.68 1.80
C PRO A 161 -17.48 13.26 2.95
N TYR A 162 -17.63 14.58 2.93
CA TYR A 162 -18.61 15.29 3.76
C TYR A 162 -19.72 15.88 2.89
N LYS A 163 -20.87 16.13 3.51
CA LYS A 163 -22.09 16.39 2.75
C LYS A 163 -22.75 17.70 3.13
N VAL A 164 -23.63 18.14 2.22
CA VAL A 164 -24.54 19.23 2.55
C VAL A 164 -25.68 18.69 3.41
N ASN A 165 -26.29 19.62 4.13
CA ASN A 165 -27.53 19.33 4.84
C ASN A 165 -28.63 18.95 3.86
N PHE A 166 -29.17 17.75 4.04
CA PHE A 166 -30.28 17.12 3.34
C PHE A 166 -31.48 18.07 3.12
N THR A 167 -31.73 18.96 4.08
CA THR A 167 -32.93 19.79 4.05
C THR A 167 -32.67 21.19 3.53
N THR A 168 -31.55 21.81 3.93
CA THR A 168 -31.28 23.20 3.62
C THR A 168 -30.36 23.38 2.43
N GLY A 169 -29.57 22.38 2.07
CA GLY A 169 -28.63 22.51 0.98
C GLY A 169 -27.32 23.21 1.33
N TYR A 170 -27.16 23.65 2.57
CA TYR A 170 -25.89 24.21 3.02
C TYR A 170 -24.97 23.11 3.52
N ILE A 171 -23.67 23.37 3.43
CA ILE A 171 -22.69 22.48 4.05
C ILE A 171 -23.02 22.29 5.52
N ASP A 172 -23.03 21.04 5.98
CA ASP A 172 -23.28 20.73 7.38
C ASP A 172 -21.93 20.73 8.11
N TYR A 173 -21.55 21.89 8.65
CA TYR A 173 -20.24 21.99 9.27
C TYR A 173 -20.14 21.14 10.54
N ASP A 174 -21.25 21.00 11.29
CA ASP A 174 -21.21 20.16 12.48
C ASP A 174 -20.97 18.69 12.12
N LYS A 175 -21.67 18.18 11.10
CA LYS A 175 -21.44 16.79 10.72
C LYS A 175 -20.04 16.61 10.13
N LEU A 176 -19.54 17.62 9.40
CA LEU A 176 -18.17 17.55 8.91
C LEU A 176 -17.20 17.43 10.07
N GLU A 177 -17.36 18.28 11.10
CA GLU A 177 -16.42 18.24 12.21
C GLU A 177 -16.47 16.90 12.93
N GLU A 178 -17.68 16.36 13.11
CA GLU A 178 -17.86 15.04 13.71
C GLU A 178 -17.12 13.96 12.92
N LYS A 179 -17.30 13.98 11.59
CA LYS A 179 -16.63 12.99 10.76
C LYS A 179 -15.12 13.17 10.77
N ALA A 180 -14.65 14.42 10.72
CA ALA A 180 -13.21 14.64 10.71
C ALA A 180 -12.56 14.18 12.01
N LEU A 181 -13.27 14.32 13.13
CA LEU A 181 -12.74 13.82 14.40
C LEU A 181 -12.65 12.30 14.40
N ASP A 182 -13.60 11.60 13.75
CA ASP A 182 -13.56 10.14 13.74
C ASP A 182 -12.51 9.63 12.76
N PHE A 183 -12.52 10.18 11.53
CA PHE A 183 -11.69 9.68 10.44
C PHE A 183 -10.25 10.18 10.50
N ARG A 184 -10.02 11.40 11.03
CA ARG A 184 -8.71 12.01 11.20
C ARG A 184 -8.01 12.15 9.85
N PRO A 185 -8.57 12.92 8.93
CA PRO A 185 -7.86 13.15 7.66
C PRO A 185 -6.53 13.87 7.88
N LYS A 186 -5.54 13.55 7.03
CA LYS A 186 -4.33 14.35 6.97
C LYS A 186 -4.54 15.62 6.17
N LEU A 187 -5.51 15.60 5.26
CA LEU A 187 -5.80 16.70 4.34
C LEU A 187 -7.30 16.90 4.31
N LEU A 188 -7.74 18.12 4.61
CA LEU A 188 -9.12 18.53 4.49
C LEU A 188 -9.23 19.45 3.30
N ILE A 189 -10.16 19.14 2.40
CA ILE A 189 -10.31 19.92 1.16
C ILE A 189 -11.62 20.69 1.24
N CYS A 190 -11.58 21.99 0.92
CA CYS A 190 -12.76 22.80 0.75
C CYS A 190 -12.80 23.32 -0.68
N GLY A 191 -13.98 23.74 -1.09
CA GLY A 191 -14.18 24.13 -2.48
C GLY A 191 -14.99 23.07 -3.21
N GLY A 192 -15.67 23.50 -4.27
CA GLY A 192 -16.56 22.57 -4.96
C GLY A 192 -16.96 23.06 -6.34
N SER A 193 -17.69 22.19 -7.03
CA SER A 193 -18.10 22.41 -8.41
C SER A 193 -19.56 22.77 -8.59
N ALA A 194 -20.40 22.54 -7.58
CA ALA A 194 -21.84 22.78 -7.72
C ALA A 194 -22.44 23.15 -6.36
N TYR A 195 -21.82 24.12 -5.68
CA TYR A 195 -22.32 24.62 -4.42
C TYR A 195 -22.67 26.09 -4.63
N PRO A 196 -23.91 26.50 -4.35
CA PRO A 196 -24.35 27.87 -4.67
C PRO A 196 -24.14 28.89 -3.55
N ARG A 197 -23.35 28.58 -2.52
CA ARG A 197 -23.12 29.53 -1.45
C ARG A 197 -21.62 29.68 -1.20
N ASP A 198 -21.26 30.74 -0.50
CA ASP A 198 -19.86 30.91 -0.15
C ASP A 198 -19.49 29.96 0.99
N TRP A 199 -18.19 29.93 1.30
CA TRP A 199 -17.58 28.92 2.16
C TRP A 199 -17.11 29.56 3.46
N ASP A 200 -17.39 28.90 4.58
CA ASP A 200 -16.92 29.37 5.88
C ASP A 200 -15.50 28.85 6.08
N TYR A 201 -14.52 29.55 5.48
CA TYR A 201 -13.13 29.10 5.57
C TYR A 201 -12.64 29.14 7.01
N ALA A 202 -13.10 30.12 7.79
CA ALA A 202 -12.67 30.18 9.18
C ALA A 202 -13.06 28.90 9.92
N ARG A 203 -14.25 28.35 9.62
CA ARG A 203 -14.67 27.13 10.33
C ARG A 203 -13.91 25.93 9.82
N PHE A 204 -13.59 25.89 8.53
CA PHE A 204 -12.74 24.83 8.02
C PHE A 204 -11.40 24.83 8.73
N ARG A 205 -10.84 26.02 8.98
CA ARG A 205 -9.57 26.10 9.69
C ARG A 205 -9.72 25.62 11.14
N ALA A 206 -10.81 26.01 11.79
CA ALA A 206 -11.07 25.52 13.15
C ALA A 206 -11.08 23.99 13.17
N ILE A 207 -11.78 23.38 12.21
CA ILE A 207 -11.92 21.92 12.17
C ILE A 207 -10.57 21.28 11.82
N ALA A 208 -9.89 21.81 10.79
CA ALA A 208 -8.58 21.27 10.45
C ALA A 208 -7.64 21.31 11.65
N ASP A 209 -7.63 22.40 12.40
CA ASP A 209 -6.74 22.47 13.56
C ASP A 209 -7.10 21.47 14.64
N LYS A 210 -8.40 21.18 14.82
CA LYS A 210 -8.79 20.20 15.84
C LYS A 210 -8.24 18.81 15.55
N VAL A 211 -8.08 18.45 14.27
CA VAL A 211 -7.57 17.14 13.90
C VAL A 211 -6.14 17.17 13.39
N GLY A 212 -5.53 18.35 13.34
CA GLY A 212 -4.16 18.40 12.88
C GLY A 212 -4.01 18.18 11.40
N ALA A 213 -5.05 18.48 10.62
CA ALA A 213 -5.00 18.33 9.17
C ALA A 213 -4.49 19.58 8.49
N LEU A 214 -3.85 19.39 7.33
CA LEU A 214 -3.64 20.45 6.37
C LEU A 214 -4.97 20.85 5.74
N LEU A 215 -5.10 22.13 5.39
CA LEU A 215 -6.32 22.67 4.80
C LEU A 215 -6.03 23.19 3.41
N LEU A 216 -6.69 22.62 2.41
CA LEU A 216 -6.52 23.01 1.02
C LEU A 216 -7.84 23.49 0.46
N CYS A 217 -7.81 24.59 -0.31
CA CYS A 217 -9.01 25.05 -1.00
C CYS A 217 -8.82 24.90 -2.50
N ASP A 218 -9.72 24.19 -3.16
CA ASP A 218 -9.79 24.11 -4.62
C ASP A 218 -10.81 25.14 -5.08
N MET A 219 -10.33 26.30 -5.53
CA MET A 219 -11.21 27.41 -5.87
C MET A 219 -11.53 27.48 -7.35
N ALA A 220 -11.35 26.37 -8.09
CA ALA A 220 -11.46 26.36 -9.55
C ALA A 220 -12.72 27.06 -10.03
N HIS A 221 -13.87 26.79 -9.40
CA HIS A 221 -15.10 27.34 -9.95
C HIS A 221 -15.23 28.83 -9.67
N ILE A 222 -14.65 29.32 -8.58
CA ILE A 222 -14.90 30.70 -8.14
C ILE A 222 -13.66 31.58 -8.22
N SER A 223 -12.59 31.11 -8.90
CA SER A 223 -11.32 31.84 -8.80
C SER A 223 -11.45 33.26 -9.33
N GLY A 224 -12.25 33.46 -10.38
CA GLY A 224 -12.48 34.82 -10.87
C GLY A 224 -13.15 35.70 -9.81
N LEU A 225 -14.15 35.15 -9.12
CA LEU A 225 -14.78 35.88 -8.02
C LEU A 225 -13.80 36.16 -6.88
N VAL A 226 -12.94 35.19 -6.55
CA VAL A 226 -11.94 35.40 -5.49
C VAL A 226 -11.00 36.53 -5.86
N ALA A 227 -10.48 36.51 -7.10
CA ALA A 227 -9.55 37.54 -7.52
C ALA A 227 -10.17 38.92 -7.46
N ALA A 228 -11.42 39.04 -7.91
CA ALA A 228 -12.08 40.32 -7.91
C ALA A 228 -12.61 40.72 -6.53
N GLN A 229 -12.32 39.93 -5.49
CA GLN A 229 -12.77 40.21 -4.13
C GLN A 229 -14.30 40.25 -4.06
N GLU A 230 -14.90 39.34 -4.80
CA GLU A 230 -16.34 39.13 -4.84
C GLU A 230 -16.76 37.79 -4.23
N ALA A 231 -15.86 37.14 -3.50
CA ALA A 231 -16.11 35.94 -2.73
C ALA A 231 -15.15 35.96 -1.55
N ALA A 232 -15.48 35.22 -0.49
CA ALA A 232 -14.59 35.18 0.66
C ALA A 232 -13.21 34.67 0.24
N ASN A 233 -12.17 35.10 0.97
CA ASN A 233 -10.79 34.84 0.55
C ASN A 233 -10.25 33.55 1.18
N PRO A 234 -10.09 32.46 0.42
CA PRO A 234 -9.55 31.24 1.03
C PRO A 234 -8.10 31.36 1.47
N PHE A 235 -7.33 32.28 0.88
CA PHE A 235 -5.94 32.46 1.29
C PHE A 235 -5.81 32.90 2.75
N GLU A 236 -6.84 33.52 3.32
CA GLU A 236 -6.74 33.92 4.72
C GLU A 236 -6.62 32.74 5.66
N TYR A 237 -7.09 31.56 5.24
CA TYR A 237 -7.19 30.44 6.16
C TYR A 237 -6.55 29.14 5.68
N CYS A 238 -6.28 28.99 4.40
CA CYS A 238 -5.85 27.70 3.88
C CYS A 238 -4.33 27.63 3.74
N ASP A 239 -3.80 26.42 3.92
CA ASP A 239 -2.36 26.17 3.69
C ASP A 239 -2.00 26.24 2.21
N VAL A 240 -2.87 25.71 1.35
CA VAL A 240 -2.62 25.56 -0.09
C VAL A 240 -3.93 25.88 -0.78
N VAL A 241 -3.86 26.56 -1.93
CA VAL A 241 -5.02 26.85 -2.75
C VAL A 241 -4.71 26.34 -4.16
N THR A 242 -5.54 25.45 -4.68
CA THR A 242 -5.36 25.01 -6.05
C THR A 242 -6.46 25.61 -6.92
N THR A 243 -6.20 25.65 -8.22
CA THR A 243 -7.21 26.23 -9.09
C THR A 243 -6.95 25.83 -10.53
N THR A 244 -8.03 25.81 -11.30
CA THR A 244 -7.96 25.99 -12.74
C THR A 244 -7.72 27.45 -13.08
N THR A 245 -7.33 27.70 -14.33
CA THR A 245 -7.18 29.07 -14.77
C THR A 245 -8.22 29.47 -15.80
N HIS A 246 -9.04 28.53 -16.26
CA HIS A 246 -10.17 28.83 -17.13
C HIS A 246 -11.39 29.04 -16.20
N1 LLP A 247 -11.47 21.12 -9.31
C2 LLP A 247 -12.65 21.76 -9.36
C2' LLP A 247 -13.33 22.26 -8.08
C3 LLP A 247 -13.22 21.95 -10.60
O3 LLP A 247 -14.42 22.60 -10.69
C4 LLP A 247 -12.64 21.51 -11.75
C4' LLP A 247 -13.40 21.86 -13.03
C5 LLP A 247 -11.43 20.88 -11.67
C6 LLP A 247 -10.86 20.67 -10.43
C5' LLP A 247 -10.67 20.25 -12.84
OP4 LLP A 247 -10.13 21.09 -13.80
P LLP A 247 -9.66 20.33 -15.19
OP1 LLP A 247 -8.85 21.36 -15.91
OP2 LLP A 247 -10.93 19.98 -15.93
OP3 LLP A 247 -8.88 19.08 -14.85
N LLP A 247 -12.55 28.52 -16.55
CA LLP A 247 -13.78 28.78 -15.78
CB LLP A 247 -13.83 27.93 -14.49
CG LLP A 247 -13.57 26.44 -14.87
CD LLP A 247 -13.73 25.50 -13.66
CE LLP A 247 -13.89 24.04 -14.12
NZ LLP A 247 -13.39 23.12 -13.10
C LLP A 247 -13.89 30.28 -15.45
O LLP A 247 -13.71 31.09 -16.38
N SER A 248 -14.23 30.66 -14.20
CA SER A 248 -14.61 32.06 -13.95
C SER A 248 -13.42 33.01 -14.04
N LEU A 249 -12.21 32.46 -14.06
CA LEU A 249 -11.02 33.28 -14.20
C LEU A 249 -10.78 33.69 -15.64
N ARG A 250 -11.38 32.98 -16.60
CA ARG A 250 -11.47 33.38 -18.01
C ARG A 250 -10.13 33.30 -18.72
N GLY A 251 -9.25 32.41 -18.28
CA GLY A 251 -7.96 32.24 -18.94
C GLY A 251 -7.85 30.96 -19.75
N PRO A 252 -6.63 30.55 -20.08
CA PRO A 252 -6.43 29.26 -20.76
C PRO A 252 -6.74 28.10 -19.82
N ARG A 253 -6.75 26.89 -20.39
CA ARG A 253 -6.87 25.68 -19.58
C ARG A 253 -5.50 25.34 -19.01
N ALA A 254 -5.38 25.44 -17.69
CA ALA A 254 -4.14 25.24 -16.97
C ALA A 254 -4.52 25.16 -15.51
N GLY A 255 -3.54 24.90 -14.65
CA GLY A 255 -3.79 24.90 -13.22
C GLY A 255 -2.66 25.65 -12.53
N MET A 256 -2.93 26.04 -11.28
CA MET A 256 -1.93 26.66 -10.41
C MET A 256 -2.04 26.05 -9.05
N ILE A 257 -0.91 26.00 -8.34
CA ILE A 257 -0.90 25.61 -6.92
C ILE A 257 -0.26 26.74 -6.13
N PHE A 258 -1.03 27.36 -5.23
CA PHE A 258 -0.52 28.38 -4.32
C PHE A 258 -0.21 27.74 -2.98
N TYR A 259 0.86 28.18 -2.31
CA TYR A 259 1.23 27.59 -1.03
C TYR A 259 1.81 28.67 -0.11
N ARG A 260 1.61 28.49 1.20
CA ARG A 260 2.18 29.42 2.17
C ARG A 260 3.69 29.27 2.22
N LYS A 261 4.33 30.41 2.53
CA LYS A 261 5.76 30.55 2.76
C LYS A 261 5.96 31.39 4.01
N GLY A 262 7.15 31.28 4.60
CA GLY A 262 7.53 32.16 5.67
C GLY A 262 7.08 31.67 7.03
N PRO A 263 7.13 32.55 8.03
CA PRO A 263 6.84 32.12 9.41
C PRO A 263 5.42 31.60 9.58
N LYS A 264 5.31 30.51 10.31
CA LYS A 264 4.01 29.98 10.68
C LYS A 264 3.39 30.78 11.83
N PRO A 265 2.06 30.85 11.89
CA PRO A 265 1.39 31.44 13.07
C PRO A 265 1.45 30.51 14.28
N PRO A 266 1.31 31.05 15.49
CA PRO A 266 1.44 30.22 16.70
C PRO A 266 0.46 29.04 16.73
N LYS A 267 0.97 27.91 17.23
CA LYS A 267 0.26 26.66 17.46
C LYS A 267 0.99 25.94 18.57
N LYS A 268 0.23 25.37 19.52
CA LYS A 268 0.86 24.69 20.64
C LYS A 268 1.60 23.44 20.17
N GLY A 269 2.83 23.27 20.65
CA GLY A 269 3.67 22.17 20.21
C GLY A 269 4.50 22.45 18.98
N GLN A 270 4.57 23.71 18.54
CA GLN A 270 5.30 24.10 17.35
C GLN A 270 6.57 24.86 17.72
N PRO A 271 7.73 24.50 17.18
CA PRO A 271 8.97 25.19 17.54
C PRO A 271 8.91 26.68 17.22
N GLU A 272 9.38 27.49 18.17
CA GLU A 272 9.51 28.93 17.93
C GLU A 272 10.32 29.18 16.67
N GLY A 273 9.84 30.09 15.82
CA GLY A 273 10.52 30.40 14.59
C GLY A 273 10.17 29.50 13.42
N ALA A 274 9.28 28.53 13.60
CA ALA A 274 8.97 27.58 12.54
C ALA A 274 8.48 28.30 11.28
N VAL A 275 8.87 27.77 10.12
CA VAL A 275 8.45 28.31 8.83
C VAL A 275 7.77 27.22 8.03
N TYR A 276 6.92 27.64 7.10
CA TYR A 276 6.27 26.70 6.20
C TYR A 276 7.30 25.99 5.33
N ASP A 277 7.02 24.74 4.98
CA ASP A 277 7.91 23.94 4.15
C ASP A 277 7.18 23.32 2.97
N PHE A 278 6.28 24.09 2.34
CA PHE A 278 5.49 23.61 1.22
C PHE A 278 6.21 23.80 -0.11
N GLU A 279 6.92 24.91 -0.27
CA GLU A 279 7.44 25.31 -1.58
C GLU A 279 8.22 24.19 -2.26
N ASP A 280 9.23 23.66 -1.58
CA ASP A 280 10.10 22.70 -2.27
C ASP A 280 9.34 21.41 -2.59
N LYS A 281 8.45 21.01 -1.70
CA LYS A 281 7.67 19.78 -1.89
C LYS A 281 6.69 19.93 -3.04
N ILE A 282 6.03 21.09 -3.15
CA ILE A 282 5.09 21.28 -4.25
C ILE A 282 5.83 21.36 -5.57
N ASN A 283 6.92 22.13 -5.61
CA ASN A 283 7.68 22.22 -6.85
C ASN A 283 8.18 20.84 -7.28
N PHE A 284 8.68 20.06 -6.33
CA PHE A 284 9.23 18.74 -6.65
C PHE A 284 8.15 17.79 -7.14
N ALA A 285 6.95 17.87 -6.57
CA ALA A 285 5.86 16.99 -7.00
C ALA A 285 5.45 17.29 -8.44
N VAL A 286 5.36 18.56 -8.79
CA VAL A 286 5.07 18.93 -10.17
C VAL A 286 6.18 18.43 -11.09
N PHE A 287 7.44 18.73 -10.75
CA PHE A 287 8.59 18.22 -11.50
C PHE A 287 9.75 18.09 -10.54
N PRO A 288 10.45 16.94 -10.50
CA PRO A 288 10.40 15.82 -11.45
C PRO A 288 9.33 14.74 -11.25
N ALA A 289 8.51 14.80 -10.19
CA ALA A 289 7.78 13.60 -9.82
C ALA A 289 6.71 13.23 -10.85
N LEU A 290 5.93 14.20 -11.30
CA LEU A 290 4.68 13.88 -12.00
C LEU A 290 4.65 14.35 -13.44
N GLN A 291 5.01 15.61 -13.69
CA GLN A 291 4.96 16.18 -15.03
C GLN A 291 6.33 16.13 -15.70
N GLY A 292 6.33 16.43 -17.00
CA GLY A 292 7.55 16.56 -17.78
C GLY A 292 7.76 18.01 -18.12
N GLY A 293 7.98 18.36 -19.39
CA GLY A 293 8.16 19.74 -19.77
C GLY A 293 6.89 20.54 -19.55
N PRO A 294 7.01 21.75 -19.00
CA PRO A 294 5.85 22.64 -18.89
C PRO A 294 5.31 22.99 -20.28
N HIS A 295 4.04 23.38 -20.33
CA HIS A 295 3.46 23.87 -21.58
C HIS A 295 3.59 25.39 -21.57
N ASN A 296 4.70 25.87 -22.11
CA ASN A 296 5.02 27.28 -21.93
C ASN A 296 4.04 28.19 -22.66
N HIS A 297 3.40 27.70 -23.72
CA HIS A 297 2.36 28.50 -24.36
C HIS A 297 1.17 28.70 -23.41
N GLN A 298 0.82 27.68 -22.62
CA GLN A 298 -0.20 27.83 -21.57
C GLN A 298 0.24 28.83 -20.52
N ILE A 299 1.51 28.77 -20.13
CA ILE A 299 1.97 29.68 -19.10
C ILE A 299 1.96 31.12 -19.60
N GLY A 300 2.39 31.35 -20.86
CA GLY A 300 2.33 32.69 -21.40
C GLY A 300 0.90 33.18 -21.52
N ALA A 301 0.00 32.30 -21.98
CA ALA A 301 -1.40 32.67 -22.10
C ALA A 301 -2.00 32.93 -20.73
N LEU A 302 -1.57 32.15 -19.71
CA LEU A 302 -2.04 32.40 -18.36
C LEU A 302 -1.58 33.76 -17.87
N ALA A 303 -0.34 34.13 -18.15
CA ALA A 303 0.15 35.45 -17.73
C ALA A 303 -0.74 36.55 -18.30
N VAL A 304 -1.14 36.43 -19.58
CA VAL A 304 -2.08 37.38 -20.19
C VAL A 304 -3.38 37.41 -19.41
N ALA A 305 -3.97 36.23 -19.18
CA ALA A 305 -5.24 36.15 -18.45
C ALA A 305 -5.15 36.78 -17.06
N LEU A 306 -4.01 36.61 -16.37
CA LEU A 306 -3.89 37.14 -15.02
C LEU A 306 -3.76 38.66 -15.01
N LYS A 307 -3.11 39.21 -16.02
CA LYS A 307 -3.12 40.66 -16.19
C LYS A 307 -4.53 41.17 -16.45
N GLN A 308 -5.27 40.49 -17.33
CA GLN A 308 -6.63 40.93 -17.62
C GLN A 308 -7.53 40.82 -16.39
N ALA A 309 -7.30 39.82 -15.54
CA ALA A 309 -8.13 39.61 -14.37
C ALA A 309 -7.90 40.67 -13.30
N ASN A 310 -6.68 41.22 -13.22
CA ASN A 310 -6.34 42.18 -12.17
C ASN A 310 -6.58 43.62 -12.63
N THR A 311 -7.82 43.89 -12.98
CA THR A 311 -8.22 45.19 -13.52
C THR A 311 -9.57 45.60 -12.95
N PRO A 312 -9.87 46.91 -12.97
CA PRO A 312 -11.24 47.31 -12.61
C PRO A 312 -12.28 46.69 -13.52
N GLY A 313 -11.99 46.57 -14.83
CA GLY A 313 -12.93 45.92 -15.74
C GLY A 313 -13.33 44.53 -15.28
N PHE A 314 -12.35 43.73 -14.86
CA PHE A 314 -12.67 42.36 -14.47
C PHE A 314 -13.53 42.32 -13.22
N LYS A 315 -13.27 43.24 -12.29
CA LYS A 315 -14.10 43.31 -11.09
C LYS A 315 -15.55 43.63 -11.45
N VAL A 316 -15.76 44.55 -12.39
CA VAL A 316 -17.11 44.81 -12.90
C VAL A 316 -17.71 43.53 -13.48
N TYR A 317 -16.91 42.76 -14.21
CA TYR A 317 -17.38 41.49 -14.76
C TYR A 317 -17.80 40.53 -13.64
N ALA A 318 -16.92 40.35 -12.65
CA ALA A 318 -17.23 39.42 -11.56
C ALA A 318 -18.51 39.82 -10.83
N LYS A 319 -18.68 41.13 -10.55
CA LYS A 319 -19.93 41.56 -9.93
C LYS A 319 -21.14 41.21 -10.80
N GLN A 320 -21.00 41.42 -12.11
CA GLN A 320 -22.09 41.16 -13.03
C GLN A 320 -22.42 39.69 -13.14
N VAL A 321 -21.39 38.83 -13.10
CA VAL A 321 -21.65 37.40 -13.08
C VAL A 321 -22.57 37.05 -11.91
N LYS A 322 -22.26 37.59 -10.71
CA LYS A 322 -23.08 37.31 -9.54
C LYS A 322 -24.48 37.90 -9.70
N ALA A 323 -24.57 39.11 -10.26
CA ALA A 323 -25.87 39.76 -10.38
C ALA A 323 -26.75 39.04 -11.39
N ASN A 324 -26.13 38.49 -12.43
CA ASN A 324 -26.85 37.71 -13.42
C ASN A 324 -27.32 36.38 -12.85
N ALA A 325 -26.46 35.69 -12.08
CA ALA A 325 -26.90 34.48 -11.41
C ALA A 325 -28.08 34.76 -10.49
N VAL A 326 -28.04 35.88 -9.75
CA VAL A 326 -29.15 36.20 -8.85
C VAL A 326 -30.41 36.51 -9.65
N ALA A 327 -30.26 37.28 -10.73
CA ALA A 327 -31.41 37.67 -11.55
C ALA A 327 -32.07 36.45 -12.17
N LEU A 328 -31.28 35.46 -12.57
CA LEU A 328 -31.84 34.22 -13.11
C LEU A 328 -32.51 33.40 -12.02
N GLY A 329 -31.85 33.26 -10.88
CA GLY A 329 -32.45 32.52 -9.79
C GLY A 329 -33.76 33.16 -9.33
N ASN A 330 -33.77 34.49 -9.23
CA ASN A 330 -34.98 35.21 -8.85
C ASN A 330 -36.08 35.01 -9.88
N TYR A 331 -35.73 35.00 -11.17
CA TYR A 331 -36.74 34.81 -12.21
C TYR A 331 -37.40 33.44 -12.07
N LEU A 332 -36.59 32.39 -11.94
CA LEU A 332 -37.15 31.05 -11.78
C LEU A 332 -38.04 30.96 -10.55
N MET A 333 -37.58 31.54 -9.43
CA MET A 333 -38.40 31.51 -8.22
C MET A 333 -39.68 32.30 -8.41
N SER A 334 -39.64 33.36 -9.23
CA SER A 334 -40.87 34.13 -9.48
C SER A 334 -41.90 33.34 -10.28
N LYS A 335 -41.47 32.34 -11.04
CA LYS A 335 -42.39 31.47 -11.76
C LYS A 335 -42.88 30.30 -10.91
N GLY A 336 -42.42 30.18 -9.67
CA GLY A 336 -42.80 29.08 -8.81
C GLY A 336 -41.81 27.94 -8.76
N TYR A 337 -40.68 28.07 -9.45
CA TYR A 337 -39.68 27.03 -9.41
C TYR A 337 -38.88 27.10 -8.12
N GLN A 338 -38.19 26.01 -7.81
CA GLN A 338 -37.46 25.88 -6.56
C GLN A 338 -35.99 25.75 -6.87
N ILE A 339 -35.18 26.61 -6.26
CA ILE A 339 -33.73 26.51 -6.42
C ILE A 339 -33.12 26.24 -5.05
N VAL A 340 -32.02 25.49 -5.05
CA VAL A 340 -31.47 25.00 -3.79
C VAL A 340 -30.89 26.17 -3.01
N THR A 341 -31.24 26.25 -1.72
CA THR A 341 -31.02 27.35 -0.78
C THR A 341 -31.79 28.61 -1.15
N ASN A 342 -32.65 28.56 -2.17
CA ASN A 342 -33.51 29.67 -2.55
C ASN A 342 -32.70 30.89 -3.01
N GLY A 343 -31.55 30.68 -3.62
CA GLY A 343 -30.73 31.80 -4.05
C GLY A 343 -29.33 31.34 -4.34
N THR A 344 -28.45 32.32 -4.50
CA THR A 344 -27.04 32.02 -4.76
C THR A 344 -26.21 33.17 -4.24
N GLU A 345 -24.95 32.86 -3.93
CA GLU A 345 -23.97 33.88 -3.57
C GLU A 345 -22.81 33.90 -4.56
N ASN A 346 -22.87 33.09 -5.59
CA ASN A 346 -21.76 33.03 -6.53
C ASN A 346 -22.27 33.06 -7.95
N HIS A 347 -21.65 32.29 -8.82
CA HIS A 347 -21.87 32.34 -10.25
C HIS A 347 -22.92 31.36 -10.74
N LEU A 348 -23.47 30.51 -9.87
CA LEU A 348 -24.31 29.42 -10.36
C LEU A 348 -25.61 29.32 -9.56
N VAL A 349 -26.56 28.58 -10.15
CA VAL A 349 -27.82 28.26 -9.50
C VAL A 349 -28.07 26.77 -9.70
N LEU A 350 -28.62 26.13 -8.67
CA LEU A 350 -29.06 24.74 -8.72
C LEU A 350 -30.57 24.73 -8.71
N TRP A 351 -31.18 24.15 -9.75
CA TRP A 351 -32.63 24.14 -9.91
C TRP A 351 -33.13 22.75 -9.56
N ASP A 352 -33.95 22.67 -8.51
CA ASP A 352 -34.57 21.42 -8.06
C ASP A 352 -35.79 21.15 -8.94
N LEU A 353 -35.71 20.11 -9.76
CA LEU A 353 -36.78 19.76 -10.68
C LEU A 353 -37.76 18.75 -10.11
N ARG A 354 -37.46 18.17 -8.94
CA ARG A 354 -38.32 17.13 -8.38
C ARG A 354 -39.77 17.55 -8.21
N PRO A 355 -40.11 18.76 -7.75
CA PRO A 355 -41.53 19.12 -7.62
C PRO A 355 -42.28 19.10 -8.94
N LEU A 356 -41.56 19.15 -10.06
CA LEU A 356 -42.14 19.08 -11.40
C LEU A 356 -42.33 17.65 -11.91
N GLY A 357 -41.78 16.66 -11.21
CA GLY A 357 -41.80 15.30 -11.74
C GLY A 357 -40.82 15.06 -12.85
N LEU A 358 -39.80 15.91 -12.97
CA LEU A 358 -38.82 15.82 -14.03
C LEU A 358 -37.45 15.42 -13.46
N THR A 359 -36.71 14.67 -14.25
CA THR A 359 -35.33 14.39 -13.95
C THR A 359 -34.44 15.41 -14.64
N GLY A 360 -33.23 15.55 -14.12
CA GLY A 360 -32.27 16.44 -14.74
C GLY A 360 -31.91 16.04 -16.17
N ASN A 361 -31.82 14.73 -16.45
CA ASN A 361 -31.35 14.35 -17.78
C ASN A 361 -32.38 14.66 -18.85
N LYS A 362 -33.67 14.56 -18.53
CA LYS A 362 -34.70 14.94 -19.50
C LYS A 362 -34.56 16.41 -19.88
N VAL A 363 -34.38 17.29 -18.89
CA VAL A 363 -34.19 18.70 -19.17
C VAL A 363 -32.88 18.94 -19.92
N GLU A 364 -31.78 18.32 -19.46
CA GLU A 364 -30.50 18.53 -20.14
C GLU A 364 -30.57 18.11 -21.60
N LYS A 365 -31.25 17.00 -21.89
CA LYS A 365 -31.34 16.51 -23.27
C LYS A 365 -32.20 17.42 -24.14
N LEU A 366 -33.37 17.83 -23.64
CA LEU A 366 -34.21 18.71 -24.46
C LEU A 366 -33.53 20.06 -24.68
N CYS A 367 -32.91 20.62 -23.64
CA CYS A 367 -32.17 21.86 -23.79
C CYS A 367 -31.08 21.75 -24.86
N ASP A 368 -30.29 20.67 -24.82
CA ASP A 368 -29.23 20.51 -25.81
C ASP A 368 -29.79 20.53 -27.22
N LEU A 369 -30.98 19.98 -27.43
CA LEU A 369 -31.57 20.00 -28.76
C LEU A 369 -32.06 21.38 -29.17
N CYS A 370 -32.22 22.31 -28.21
N CYS A 370 -32.25 22.32 -28.24
CA CYS A 370 -32.57 23.70 -28.46
CA CYS A 370 -32.54 23.69 -28.62
C CYS A 370 -31.39 24.64 -28.34
C CYS A 370 -31.39 24.64 -28.27
N SER A 371 -30.17 24.11 -28.33
CA SER A 371 -28.94 24.89 -28.25
C SER A 371 -28.74 25.59 -26.91
N ILE A 372 -29.32 25.04 -25.86
CA ILE A 372 -29.05 25.47 -24.49
C ILE A 372 -28.23 24.37 -23.83
N THR A 373 -27.01 24.68 -23.40
CA THR A 373 -26.18 23.68 -22.75
C THR A 373 -26.15 23.94 -21.24
N LEU A 374 -26.67 22.99 -20.47
CA LEU A 374 -26.50 22.97 -19.01
C LEU A 374 -26.20 21.54 -18.62
N ASN A 375 -26.22 21.22 -17.33
CA ASN A 375 -26.04 19.82 -16.99
C ASN A 375 -26.87 19.43 -15.78
N LYS A 376 -27.35 18.18 -15.83
CA LYS A 376 -28.05 17.59 -14.71
C LYS A 376 -27.15 17.54 -13.48
N ASN A 377 -27.78 17.54 -12.31
CA ASN A 377 -27.03 17.71 -11.07
C ASN A 377 -27.87 17.16 -9.93
N ALA A 378 -27.24 16.42 -9.04
CA ALA A 378 -27.95 15.96 -7.85
C ALA A 378 -28.30 17.17 -6.98
N VAL A 379 -29.29 16.97 -6.12
CA VAL A 379 -29.94 18.06 -5.41
C VAL A 379 -30.08 17.67 -3.94
N PHE A 380 -29.65 18.58 -3.05
CA PHE A 380 -29.64 18.36 -1.59
C PHE A 380 -28.79 17.15 -1.18
N GLY A 381 -27.72 16.88 -1.91
CA GLY A 381 -26.80 15.81 -1.54
C GLY A 381 -27.31 14.41 -1.83
N ASP A 382 -28.43 14.29 -2.53
CA ASP A 382 -29.08 13.00 -2.72
C ASP A 382 -28.23 12.07 -3.59
N SER A 383 -27.94 10.89 -3.07
CA SER A 383 -27.26 9.84 -3.81
C SER A 383 -28.10 8.57 -3.91
N SER A 384 -29.38 8.64 -3.57
CA SER A 384 -30.30 7.50 -3.69
C SER A 384 -31.06 7.52 -5.01
N ALA A 385 -31.54 8.69 -5.43
CA ALA A 385 -32.44 8.78 -6.58
C ALA A 385 -31.83 8.13 -7.81
N LEU A 386 -32.69 7.45 -8.57
CA LEU A 386 -32.25 6.78 -9.81
C LEU A 386 -31.49 7.75 -10.71
N ALA A 387 -32.07 8.92 -10.95
CA ALA A 387 -31.51 9.96 -11.79
C ALA A 387 -31.39 11.26 -10.99
N PRO A 388 -30.40 12.10 -11.29
CA PRO A 388 -30.31 13.39 -10.61
C PRO A 388 -31.60 14.18 -10.77
N GLY A 389 -32.01 14.86 -9.70
CA GLY A 389 -33.25 15.61 -9.66
C GLY A 389 -33.14 17.08 -9.98
N GLY A 390 -31.99 17.55 -10.45
CA GLY A 390 -31.84 18.97 -10.73
C GLY A 390 -30.94 19.23 -11.91
N VAL A 391 -30.77 20.52 -12.20
CA VAL A 391 -29.79 20.97 -13.19
C VAL A 391 -28.97 22.09 -12.55
N ARG A 392 -27.74 22.24 -13.04
CA ARG A 392 -26.83 23.30 -12.64
C ARG A 392 -26.70 24.28 -13.79
N ILE A 393 -26.80 25.58 -13.49
CA ILE A 393 -26.73 26.64 -14.48
C ILE A 393 -25.74 27.68 -14.00
N GLY A 394 -24.84 28.13 -14.88
CA GLY A 394 -23.83 29.10 -14.51
C GLY A 394 -23.95 30.36 -15.36
N ALA A 395 -23.58 31.49 -14.75
CA ALA A 395 -23.58 32.77 -15.46
C ALA A 395 -22.28 33.22 -16.14
N PRO A 396 -21.09 32.63 -15.89
CA PRO A 396 -19.87 33.27 -16.42
C PRO A 396 -19.80 33.41 -17.93
N ALA A 397 -20.14 32.36 -18.68
CA ALA A 397 -19.87 32.36 -20.11
C ALA A 397 -20.76 33.37 -20.83
N MET A 398 -22.06 33.40 -20.52
CA MET A 398 -22.91 34.34 -21.23
C MET A 398 -22.68 35.76 -20.74
N THR A 399 -22.28 35.93 -19.47
CA THR A 399 -21.90 37.27 -19.02
C THR A 399 -20.69 37.78 -19.78
N SER A 400 -19.77 36.87 -20.15
CA SER A 400 -18.63 37.26 -20.99
C SER A 400 -19.04 37.71 -22.38
N ARG A 401 -20.22 37.33 -22.85
CA ARG A 401 -20.72 37.84 -24.13
C ARG A 401 -21.48 39.14 -23.96
N GLY A 402 -21.47 39.72 -22.76
CA GLY A 402 -22.02 41.05 -22.53
C GLY A 402 -23.42 41.10 -21.94
N LEU A 403 -23.98 39.96 -21.56
CA LEU A 403 -25.36 39.92 -21.06
C LEU A 403 -25.44 40.45 -19.64
N VAL A 404 -26.55 41.12 -19.33
CA VAL A 404 -26.82 41.68 -18.02
C VAL A 404 -28.12 41.09 -17.49
N GLU A 405 -28.65 41.66 -16.40
CA GLU A 405 -29.75 41.02 -15.68
C GLU A 405 -30.96 40.76 -16.60
N LYS A 406 -31.38 41.78 -17.36
CA LYS A 406 -32.54 41.62 -18.23
C LYS A 406 -32.34 40.49 -19.23
N ASP A 407 -31.12 40.36 -19.75
CA ASP A 407 -30.81 39.25 -20.66
C ASP A 407 -30.90 37.90 -19.95
N PHE A 408 -30.41 37.83 -18.71
CA PHE A 408 -30.54 36.58 -17.98
C PHE A 408 -31.97 36.30 -17.56
N GLU A 409 -32.80 37.33 -17.45
CA GLU A 409 -34.23 37.06 -17.27
C GLU A 409 -34.82 36.45 -18.54
N GLN A 410 -34.37 36.89 -19.72
CA GLN A 410 -34.80 36.26 -20.97
C GLN A 410 -34.32 34.80 -21.06
N ILE A 411 -33.08 34.53 -20.62
CA ILE A 411 -32.63 33.14 -20.51
C ILE A 411 -33.57 32.35 -19.60
N GLY A 412 -33.97 32.97 -18.48
CA GLY A 412 -34.92 32.31 -17.61
C GLY A 412 -36.21 31.94 -18.32
N GLU A 413 -36.71 32.83 -19.17
CA GLU A 413 -37.94 32.51 -19.90
C GLU A 413 -37.70 31.39 -20.91
N PHE A 414 -36.53 31.38 -21.56
CA PHE A 414 -36.18 30.25 -22.41
C PHE A 414 -36.15 28.95 -21.62
N LEU A 415 -35.53 28.97 -20.42
CA LEU A 415 -35.52 27.79 -19.57
C LEU A 415 -36.94 27.37 -19.16
N SER A 416 -37.80 28.33 -18.83
CA SER A 416 -39.18 27.99 -18.47
C SER A 416 -39.87 27.30 -19.64
N ARG A 417 -39.69 27.84 -20.84
CA ARG A 417 -40.26 27.22 -22.03
C ARG A 417 -39.73 25.82 -22.24
N ALA A 418 -38.43 25.62 -21.98
CA ALA A 418 -37.83 24.29 -22.17
C ALA A 418 -38.41 23.28 -21.20
N VAL A 419 -38.57 23.67 -19.94
CA VAL A 419 -39.11 22.75 -18.95
C VAL A 419 -40.59 22.48 -19.23
N THR A 420 -41.33 23.51 -19.67
CA THR A 420 -42.72 23.28 -20.09
C THR A 420 -42.79 22.28 -21.23
N LEU A 421 -41.92 22.42 -22.24
CA LEU A 421 -41.91 21.49 -23.36
C LEU A 421 -41.53 20.09 -22.90
N THR A 422 -40.60 19.98 -21.94
CA THR A 422 -40.24 18.68 -21.39
C THR A 422 -41.43 18.03 -20.70
N LEU A 423 -42.14 18.79 -19.86
CA LEU A 423 -43.35 18.29 -19.22
C LEU A 423 -44.39 17.86 -20.25
N ASP A 424 -44.52 18.62 -21.35
CA ASP A 424 -45.49 18.27 -22.39
C ASP A 424 -45.20 16.91 -22.98
N ILE A 425 -43.92 16.64 -23.29
CA ILE A 425 -43.53 15.34 -23.83
C ILE A 425 -43.75 14.24 -22.80
N GLN A 426 -43.38 14.48 -21.55
CA GLN A 426 -43.59 13.48 -20.52
C GLN A 426 -45.07 13.15 -20.36
N LYS A 427 -45.93 14.17 -20.43
CA LYS A 427 -47.38 13.95 -20.40
C LYS A 427 -47.82 13.00 -21.51
N THR A 428 -47.27 13.17 -22.70
CA THR A 428 -47.82 12.47 -23.86
C THR A 428 -47.21 11.08 -24.05
N TYR A 429 -45.90 10.94 -23.82
CA TYR A 429 -45.21 9.67 -24.06
C TYR A 429 -44.82 8.91 -22.81
N GLY A 430 -44.62 9.58 -21.68
CA GLY A 430 -44.40 8.90 -20.41
C GLY A 430 -43.04 9.23 -19.83
N LYS A 431 -42.76 8.59 -18.69
CA LYS A 431 -41.56 8.87 -17.92
C LYS A 431 -40.37 8.00 -18.32
N LEU A 432 -40.62 6.85 -18.94
CA LEU A 432 -39.51 6.01 -19.40
C LEU A 432 -38.70 6.74 -20.47
N LEU A 433 -37.37 6.77 -20.28
CA LEU A 433 -36.51 7.49 -21.21
C LEU A 433 -36.70 7.01 -22.64
N LYS A 434 -36.98 5.72 -22.85
CA LYS A 434 -37.16 5.24 -24.21
C LYS A 434 -38.47 5.74 -24.81
N ASP A 435 -39.49 5.98 -23.98
CA ASP A 435 -40.73 6.57 -24.49
C ASP A 435 -40.60 8.09 -24.61
N PHE A 436 -39.96 8.73 -23.63
CA PHE A 436 -39.76 10.17 -23.67
C PHE A 436 -39.06 10.60 -24.96
N ASN A 437 -38.08 9.81 -25.41
CA ASN A 437 -37.28 10.23 -26.57
C ASN A 437 -38.13 10.35 -27.84
N LYS A 438 -39.25 9.62 -27.90
CA LYS A 438 -40.10 9.71 -29.08
C LYS A 438 -40.64 11.13 -29.27
N GLY A 439 -40.74 11.91 -28.19
CA GLY A 439 -41.21 13.28 -28.31
C GLY A 439 -40.19 14.28 -28.77
N LEU A 440 -38.91 13.90 -28.79
CA LEU A 440 -37.83 14.80 -29.19
C LEU A 440 -37.60 14.82 -30.69
N VAL A 441 -38.38 14.07 -31.47
CA VAL A 441 -38.24 13.98 -32.91
C VAL A 441 -39.46 14.60 -33.56
N ASN A 442 -39.22 15.46 -34.56
CA ASN A 442 -40.30 16.11 -35.32
C ASN A 442 -41.24 16.89 -34.39
N ASN A 443 -40.64 17.61 -33.45
CA ASN A 443 -41.39 18.41 -32.49
C ASN A 443 -41.32 19.87 -32.95
N LYS A 444 -42.46 20.41 -33.38
CA LYS A 444 -42.46 21.77 -33.91
C LYS A 444 -42.30 22.81 -32.81
N ASP A 445 -42.78 22.52 -31.60
CA ASP A 445 -42.51 23.41 -30.47
C ASP A 445 -41.03 23.43 -30.14
N LEU A 446 -40.39 22.27 -30.15
CA LEU A 446 -38.95 22.20 -29.89
C LEU A 446 -38.17 22.90 -30.98
N ASP A 447 -38.60 22.74 -32.24
CA ASP A 447 -37.92 23.43 -33.34
C ASP A 447 -37.95 24.93 -33.16
N GLN A 448 -39.12 25.47 -32.79
CA GLN A 448 -39.25 26.92 -32.63
C GLN A 448 -38.41 27.44 -31.47
N LEU A 449 -38.37 26.71 -30.35
CA LEU A 449 -37.56 27.16 -29.22
C LEU A 449 -36.09 27.26 -29.61
N LYS A 450 -35.63 26.33 -30.46
CA LYS A 450 -34.23 26.36 -30.92
C LYS A 450 -33.96 27.58 -31.78
N ALA A 451 -34.87 27.87 -32.71
CA ALA A 451 -34.75 29.06 -33.55
C ALA A 451 -34.74 30.33 -32.71
N ASP A 452 -35.63 30.43 -31.72
CA ASP A 452 -35.64 31.57 -30.81
C ASP A 452 -34.32 31.70 -30.05
N VAL A 453 -33.81 30.58 -29.52
CA VAL A 453 -32.58 30.63 -28.74
C VAL A 453 -31.42 31.09 -29.61
N GLU A 454 -31.38 30.60 -30.85
CA GLU A 454 -30.23 30.91 -31.69
C GLU A 454 -30.28 32.34 -32.20
N LYS A 455 -31.49 32.83 -32.53
CA LYS A 455 -31.64 34.25 -32.84
C LYS A 455 -31.20 35.10 -31.66
N PHE A 456 -31.62 34.73 -30.45
CA PHE A 456 -31.20 35.44 -29.25
C PHE A 456 -29.69 35.46 -29.10
N SER A 457 -29.07 34.28 -29.18
CA SER A 457 -27.63 34.16 -28.96
C SER A 457 -26.85 34.89 -30.05
N ALA A 458 -27.35 34.93 -31.28
CA ALA A 458 -26.65 35.57 -32.37
C ALA A 458 -26.48 37.08 -32.14
N SER A 459 -27.32 37.68 -31.30
CA SER A 459 -27.40 39.12 -31.17
C SER A 459 -26.33 39.72 -30.26
N TYR A 460 -25.47 38.89 -29.67
CA TYR A 460 -24.46 39.38 -28.75
C TYR A 460 -23.06 39.21 -29.32
N GLU A 461 -22.12 40.01 -28.82
CA GLU A 461 -20.73 39.92 -29.25
C GLU A 461 -20.10 38.62 -28.74
N MET A 462 -18.90 38.33 -29.26
CA MET A 462 -18.23 37.09 -28.92
C MET A 462 -16.73 37.32 -28.79
N PRO A 463 -16.11 37.02 -27.65
CA PRO A 463 -14.66 37.18 -27.53
C PRO A 463 -13.90 36.03 -28.19
N GLY A 464 -12.62 36.27 -28.42
CA GLY A 464 -11.68 35.24 -28.87
C GLY A 464 -11.54 35.11 -30.38
N PHE A 465 -12.56 35.46 -31.15
CA PHE A 465 -12.49 35.49 -32.59
C PHE A 465 -13.52 36.48 -33.09
N LEU A 466 -13.40 36.86 -34.36
CA LEU A 466 -14.30 37.82 -34.99
C LEU A 466 -15.41 37.07 -35.71
N MET A 467 -16.64 37.18 -35.20
CA MET A 467 -17.79 36.62 -35.91
C MET A 467 -17.89 37.15 -37.33
N SER A 468 -17.44 38.39 -37.57
CA SER A 468 -17.51 38.99 -38.89
C SER A 468 -16.57 38.32 -39.89
N GLU A 469 -15.66 37.48 -39.41
CA GLU A 469 -14.71 36.76 -40.24
C GLU A 469 -14.95 35.27 -40.31
N MET A 470 -15.89 34.73 -39.52
CA MET A 470 -16.02 33.28 -39.45
C MET A 470 -16.69 32.72 -40.70
N LYS A 471 -16.48 31.43 -40.93
CA LYS A 471 -16.87 30.78 -42.18
C LYS A 471 -18.37 30.58 -42.27
N TYR A 472 -19.00 30.27 -41.14
CA TYR A 472 -20.42 29.91 -41.08
C TYR A 472 -21.17 31.01 -40.36
N LYS A 473 -21.70 31.95 -41.13
CA LYS A 473 -22.53 33.04 -40.61
C LYS A 473 -24.00 32.69 -40.78
N ALA B 3 -21.04 49.34 -15.79
CA ALA B 3 -21.20 48.75 -17.13
C ALA B 3 -19.93 48.03 -17.57
N MET B 4 -20.07 46.77 -18.00
CA MET B 4 -18.91 45.94 -18.30
C MET B 4 -18.12 46.49 -19.48
N GLU B 5 -16.80 46.29 -19.44
CA GLU B 5 -15.98 46.61 -20.59
C GLU B 5 -16.43 45.76 -21.77
N PRO B 6 -16.73 46.37 -22.92
CA PRO B 6 -17.30 45.62 -24.04
C PRO B 6 -16.40 44.48 -24.49
N VAL B 7 -17.03 43.47 -25.09
CA VAL B 7 -16.31 42.31 -25.59
C VAL B 7 -15.20 42.71 -26.56
N SER B 8 -15.47 43.70 -27.42
CA SER B 8 -14.48 44.06 -28.43
C SER B 8 -13.19 44.58 -27.81
N SER B 9 -13.26 45.13 -26.60
CA SER B 9 -12.10 45.75 -25.96
C SER B 9 -11.23 44.73 -25.22
N TRP B 10 -11.78 44.03 -24.22
CA TRP B 10 -10.95 43.03 -23.56
C TRP B 10 -10.84 41.76 -24.39
N GLY B 11 -11.86 41.44 -25.19
CA GLY B 11 -11.96 40.09 -25.72
C GLY B 11 -11.55 39.86 -27.16
N ASN B 12 -11.50 40.91 -27.99
CA ASN B 12 -11.08 40.76 -29.38
C ASN B 12 -9.78 41.49 -29.70
N THR B 13 -9.29 42.33 -28.80
CA THR B 13 -8.05 43.06 -29.05
C THR B 13 -6.85 42.11 -29.09
N SER B 14 -5.92 42.37 -30.00
CA SER B 14 -4.75 41.52 -30.19
C SER B 14 -3.83 41.57 -28.98
N LEU B 15 -3.00 40.52 -28.88
CA LEU B 15 -2.06 40.38 -27.77
C LEU B 15 -1.10 41.56 -27.68
N VAL B 16 -0.62 42.04 -28.84
CA VAL B 16 0.36 43.11 -28.82
C VAL B 16 -0.19 44.34 -28.08
N SER B 17 -1.50 44.59 -28.17
CA SER B 17 -2.10 45.72 -27.47
C SER B 17 -2.53 45.37 -26.05
N VAL B 18 -3.02 44.15 -25.83
CA VAL B 18 -3.53 43.81 -24.51
C VAL B 18 -2.39 43.65 -23.52
N ASP B 19 -1.31 43.00 -23.93
CA ASP B 19 -0.22 42.63 -23.03
C ASP B 19 1.10 42.78 -23.78
N PRO B 20 1.58 44.02 -23.96
CA PRO B 20 2.86 44.24 -24.67
C PRO B 20 4.04 43.53 -24.04
N GLU B 21 4.02 43.36 -22.71
CA GLU B 21 5.11 42.71 -21.99
C GLU B 21 5.27 41.25 -22.44
N ILE B 22 4.17 40.50 -22.41
CA ILE B 22 4.22 39.12 -22.85
C ILE B 22 4.48 39.03 -24.36
N HIS B 23 3.88 39.93 -25.15
CA HIS B 23 4.12 39.93 -26.60
C HIS B 23 5.61 40.08 -26.90
N ASP B 24 6.25 41.05 -26.23
CA ASP B 24 7.67 41.30 -26.44
C ASP B 24 8.50 40.09 -26.05
N LEU B 25 8.11 39.40 -24.98
CA LEU B 25 8.87 38.24 -24.53
C LEU B 25 8.72 37.07 -25.51
N ILE B 26 7.53 36.85 -26.05
CA ILE B 26 7.39 35.83 -27.08
C ILE B 26 8.24 36.20 -28.32
N GLU B 27 8.30 37.48 -28.67
CA GLU B 27 9.13 37.86 -29.81
C GLU B 27 10.62 37.65 -29.54
N LYS B 28 11.06 37.88 -28.30
CA LYS B 28 12.44 37.58 -27.96
C LYS B 28 12.70 36.09 -28.03
N GLU B 29 11.70 35.29 -27.65
CA GLU B 29 11.87 33.84 -27.70
C GLU B 29 11.89 33.33 -29.13
N LYS B 30 11.05 33.91 -29.99
CA LYS B 30 11.09 33.60 -31.43
C LYS B 30 12.48 33.88 -32.02
N ARG B 31 13.07 35.04 -31.70
CA ARG B 31 14.43 35.31 -32.18
C ARG B 31 15.43 34.31 -31.63
N ARG B 32 15.34 34.01 -30.33
CA ARG B 32 16.27 33.03 -29.76
C ARG B 32 16.16 31.69 -30.48
N GLN B 33 14.94 31.27 -30.82
CA GLN B 33 14.77 30.00 -31.52
C GLN B 33 15.39 30.06 -32.93
N CYS B 34 15.44 31.25 -33.53
CA CYS B 34 16.04 31.42 -34.87
C CYS B 34 17.56 31.44 -34.85
N ARG B 35 18.13 32.03 -33.82
CA ARG B 35 19.53 32.39 -33.82
C ARG B 35 20.41 31.36 -33.15
N GLY B 36 19.85 30.25 -32.70
CA GLY B 36 20.65 29.23 -32.03
C GLY B 36 20.67 27.91 -32.78
N ILE B 37 21.58 27.03 -32.41
CA ILE B 37 21.58 25.64 -32.88
C ILE B 37 20.92 24.79 -31.80
N GLU B 38 19.73 24.28 -32.11
CA GLU B 38 18.92 23.51 -31.18
C GLU B 38 19.26 22.03 -31.36
N LEU B 39 20.04 21.47 -30.42
CA LEU B 39 20.43 20.07 -30.46
C LEU B 39 19.80 19.24 -29.34
N ILE B 40 18.89 19.81 -28.55
CA ILE B 40 18.19 19.01 -27.57
C ILE B 40 17.34 17.98 -28.31
N ALA B 41 17.57 16.70 -28.02
CA ALA B 41 16.99 15.64 -28.84
C ALA B 41 15.48 15.51 -28.71
N SER B 42 14.88 16.07 -27.65
CA SER B 42 13.44 16.07 -27.48
C SER B 42 12.77 17.30 -28.05
N GLU B 43 13.50 18.21 -28.67
CA GLU B 43 12.95 19.45 -29.16
C GLU B 43 12.66 19.36 -30.65
N ASN B 44 11.60 20.06 -31.07
CA ASN B 44 11.33 20.23 -32.49
C ASN B 44 10.71 21.61 -32.70
N PHE B 45 10.48 21.96 -33.96
CA PHE B 45 9.75 23.17 -34.32
C PHE B 45 8.54 22.73 -35.12
N THR B 46 7.33 22.96 -34.59
CA THR B 46 6.11 22.46 -35.21
C THR B 46 5.59 23.45 -36.25
N SER B 47 4.54 23.06 -36.98
CA SER B 47 4.09 23.85 -38.11
C SER B 47 3.17 25.00 -37.70
N PHE B 48 3.06 26.00 -38.58
CA PHE B 48 2.09 27.07 -38.36
C PHE B 48 0.67 26.52 -38.27
N ALA B 49 0.36 25.48 -39.04
CA ALA B 49 -1.01 24.95 -39.07
C ALA B 49 -1.37 24.32 -37.73
N VAL B 50 -0.44 23.56 -37.17
CA VAL B 50 -0.58 23.04 -35.80
C VAL B 50 -0.83 24.19 -34.84
N ILE B 51 0.01 25.23 -34.91
CA ILE B 51 -0.11 26.35 -33.99
C ILE B 51 -1.45 27.07 -34.15
N GLU B 52 -1.97 27.19 -35.38
CA GLU B 52 -3.28 27.82 -35.56
C GLU B 52 -4.41 27.04 -34.91
N ALA B 53 -4.36 25.69 -34.95
CA ALA B 53 -5.38 24.91 -34.25
C ALA B 53 -5.18 24.95 -32.73
N LEU B 54 -3.91 24.95 -32.30
CA LEU B 54 -3.58 25.05 -30.88
C LEU B 54 -4.12 26.34 -30.29
N GLY B 55 -3.94 27.46 -30.99
CA GLY B 55 -4.49 28.72 -30.55
C GLY B 55 -5.84 29.00 -31.17
N SER B 56 -6.89 28.36 -30.63
CA SER B 56 -8.21 28.47 -31.25
C SER B 56 -9.29 28.39 -30.18
N ALA B 57 -10.52 28.68 -30.63
CA ALA B 57 -11.71 28.61 -29.81
C ALA B 57 -11.98 27.21 -29.27
N LEU B 58 -11.27 26.18 -29.76
CA LEU B 58 -11.42 24.84 -29.17
C LEU B 58 -11.13 24.82 -27.66
N THR B 59 -10.34 25.77 -27.17
CA THR B 59 -10.06 25.86 -25.74
C THR B 59 -11.30 26.18 -24.92
N ASN B 60 -12.35 26.70 -25.55
CA ASN B 60 -13.54 27.12 -24.81
C ASN B 60 -14.51 25.99 -24.49
N LYS B 61 -14.24 24.75 -24.88
CA LYS B 61 -15.27 23.71 -24.78
C LYS B 61 -14.87 22.65 -23.77
N TYR B 62 -15.74 22.44 -22.75
CA TYR B 62 -15.64 21.31 -21.83
C TYR B 62 -16.26 20.08 -22.45
N SER B 63 -15.54 18.95 -22.45
CA SER B 63 -16.06 17.79 -23.16
C SER B 63 -15.66 16.51 -22.46
N GLU B 64 -15.82 16.48 -21.13
CA GLU B 64 -15.49 15.30 -20.36
C GLU B 64 -16.21 14.07 -20.93
N GLY B 65 -15.51 12.95 -20.93
CA GLY B 65 -15.98 11.71 -21.53
C GLY B 65 -15.20 11.37 -22.79
N ILE B 66 -15.82 10.53 -23.62
CA ILE B 66 -15.23 10.19 -24.92
C ILE B 66 -16.30 10.37 -25.98
N PRO B 67 -15.97 10.38 -27.27
CA PRO B 67 -17.03 10.47 -28.29
C PRO B 67 -18.08 9.39 -28.06
N GLY B 68 -19.35 9.79 -28.13
CA GLY B 68 -20.45 8.89 -27.93
C GLY B 68 -20.85 8.70 -26.49
N ASN B 69 -19.95 8.97 -25.54
CA ASN B 69 -20.20 8.79 -24.11
C ASN B 69 -19.68 10.02 -23.36
N ARG B 70 -20.29 11.16 -23.64
CA ARG B 70 -19.92 12.43 -23.01
C ARG B 70 -20.78 12.67 -21.78
N TYR B 71 -20.26 13.48 -20.86
CA TYR B 71 -21.01 13.77 -19.64
C TYR B 71 -22.13 14.79 -19.89
N TYR B 72 -21.99 15.65 -20.90
CA TYR B 72 -23.04 16.63 -21.19
C TYR B 72 -23.02 16.90 -22.69
N GLY B 73 -23.70 17.97 -23.12
CA GLY B 73 -24.01 18.15 -24.52
C GLY B 73 -23.15 19.19 -25.20
N GLY B 74 -23.57 19.57 -26.40
CA GLY B 74 -22.83 20.53 -27.21
C GLY B 74 -21.58 20.00 -27.85
N ASN B 75 -21.42 18.69 -27.93
CA ASN B 75 -20.16 18.08 -28.33
C ASN B 75 -20.16 17.56 -29.77
N GLU B 76 -21.15 17.96 -30.59
CA GLU B 76 -21.25 17.47 -31.96
C GLU B 76 -19.93 17.60 -32.71
N PHE B 77 -19.30 18.76 -32.60
CA PHE B 77 -18.10 18.98 -33.40
C PHE B 77 -16.83 18.57 -32.67
N ILE B 78 -16.81 18.71 -31.34
CA ILE B 78 -15.70 18.12 -30.58
C ILE B 78 -15.59 16.63 -30.87
N ASP B 79 -16.73 15.96 -30.99
CA ASP B 79 -16.73 14.53 -31.23
C ASP B 79 -16.14 14.20 -32.59
N GLU B 80 -16.49 14.96 -33.62
CA GLU B 80 -15.91 14.69 -34.93
C GLU B 80 -14.41 14.92 -34.91
N ILE B 81 -13.97 15.99 -34.25
CA ILE B 81 -12.55 16.32 -34.18
C ILE B 81 -11.78 15.22 -33.47
N GLU B 82 -12.31 14.74 -32.33
CA GLU B 82 -11.61 13.70 -31.58
C GLU B 82 -11.67 12.36 -32.31
N ASN B 83 -12.80 12.05 -32.93
CA ASN B 83 -12.87 10.82 -33.74
C ASN B 83 -11.87 10.86 -34.88
N LEU B 84 -11.75 12.01 -35.56
CA LEU B 84 -10.79 12.16 -36.65
C LEU B 84 -9.36 12.08 -36.13
N CYS B 85 -9.12 12.65 -34.94
CA CYS B 85 -7.78 12.58 -34.38
C CYS B 85 -7.40 11.14 -34.07
N ARG B 86 -8.32 10.38 -33.48
CA ARG B 86 -8.04 8.98 -33.17
C ARG B 86 -7.81 8.19 -34.43
N SER B 87 -8.68 8.37 -35.43
CA SER B 87 -8.53 7.59 -36.65
C SER B 87 -7.24 7.96 -37.39
N ARG B 88 -6.82 9.23 -37.34
CA ARG B 88 -5.55 9.59 -37.99
C ARG B 88 -4.35 9.07 -37.22
N ALA B 89 -4.47 8.95 -35.89
CA ALA B 89 -3.37 8.38 -35.11
C ALA B 89 -3.15 6.92 -35.47
N LEU B 90 -4.24 6.17 -35.59
CA LEU B 90 -4.11 4.76 -35.97
C LEU B 90 -3.55 4.63 -37.37
N GLU B 91 -3.98 5.51 -38.28
CA GLU B 91 -3.46 5.49 -39.65
C GLU B 91 -1.97 5.82 -39.67
N ALA B 92 -1.55 6.85 -38.93
CA ALA B 92 -0.14 7.25 -38.96
C ALA B 92 0.76 6.15 -38.44
N PHE B 93 0.28 5.34 -37.51
CA PHE B 93 1.06 4.26 -36.95
C PHE B 93 0.64 2.89 -37.52
N HIS B 94 -0.11 2.91 -38.64
CA HIS B 94 -0.36 1.73 -39.47
C HIS B 94 -1.03 0.61 -38.69
N CYS B 95 -1.97 0.99 -37.82
CA CYS B 95 -2.71 0.05 -36.97
C CYS B 95 -4.05 -0.30 -37.59
N ASP B 96 -4.38 -1.58 -37.59
CA ASP B 96 -5.73 -2.03 -37.89
C ASP B 96 -6.66 -1.60 -36.75
N PRO B 97 -7.67 -0.78 -37.00
CA PRO B 97 -8.58 -0.38 -35.91
C PRO B 97 -9.33 -1.54 -35.28
N ALA B 98 -9.44 -2.69 -35.95
CA ALA B 98 -10.05 -3.84 -35.30
C ALA B 98 -9.16 -4.41 -34.20
N ALA B 99 -7.86 -4.12 -34.24
CA ALA B 99 -6.89 -4.69 -33.31
C ALA B 99 -6.23 -3.67 -32.40
N TRP B 100 -6.47 -2.38 -32.62
CA TRP B 100 -5.79 -1.33 -31.88
C TRP B 100 -6.76 -0.17 -31.70
N GLY B 101 -6.75 0.43 -30.51
CA GLY B 101 -7.42 1.69 -30.28
C GLY B 101 -6.46 2.69 -29.67
N VAL B 102 -6.96 3.90 -29.45
CA VAL B 102 -6.10 4.95 -28.96
C VAL B 102 -6.92 5.96 -28.18
N ASN B 103 -6.31 6.50 -27.13
CA ASN B 103 -6.90 7.61 -26.39
C ASN B 103 -5.98 8.80 -26.59
N VAL B 104 -6.53 9.90 -27.13
CA VAL B 104 -5.73 11.07 -27.48
C VAL B 104 -5.93 12.21 -26.50
N GLN B 105 -6.53 11.95 -25.33
CA GLN B 105 -6.75 12.97 -24.31
C GLN B 105 -5.58 13.26 -23.34
N PRO B 106 -4.58 12.40 -23.16
CA PRO B 106 -3.51 12.74 -22.21
C PRO B 106 -2.92 14.12 -22.44
N TYR B 107 -2.73 14.87 -21.35
CA TYR B 107 -2.28 16.25 -21.53
C TYR B 107 -0.87 16.34 -22.07
N SER B 108 -0.02 15.35 -21.78
CA SER B 108 1.36 15.32 -22.25
C SER B 108 1.86 13.88 -22.13
N GLY B 109 3.15 13.67 -22.36
CA GLY B 109 3.68 12.31 -22.31
C GLY B 109 3.67 11.70 -20.91
N SER B 110 4.09 12.47 -19.91
CA SER B 110 4.06 11.93 -18.54
C SER B 110 2.65 11.63 -18.09
N PRO B 111 1.63 12.48 -18.35
CA PRO B 111 0.24 12.06 -18.07
C PRO B 111 -0.17 10.78 -18.78
N ALA B 112 0.26 10.60 -20.04
CA ALA B 112 -0.05 9.36 -20.76
C ALA B 112 0.52 8.15 -20.05
N ASN B 113 1.77 8.23 -19.58
CA ASN B 113 2.38 7.09 -18.91
C ASN B 113 1.67 6.78 -17.60
N PHE B 114 1.43 7.80 -16.76
CA PHE B 114 0.79 7.52 -15.47
C PHE B 114 -0.62 6.99 -15.65
N ALA B 115 -1.35 7.45 -16.69
CA ALA B 115 -2.69 6.91 -16.90
C ALA B 115 -2.63 5.46 -17.37
N ALA B 116 -1.66 5.14 -18.24
CA ALA B 116 -1.45 3.73 -18.63
C ALA B 116 -1.17 2.86 -17.40
N TYR B 117 -0.28 3.32 -16.50
CA TYR B 117 -0.02 2.54 -15.28
C TYR B 117 -1.28 2.40 -14.45
N THR B 118 -2.02 3.50 -14.30
CA THR B 118 -3.20 3.47 -13.46
C THR B 118 -4.24 2.50 -13.99
N ALA B 119 -4.36 2.42 -15.32
CA ALA B 119 -5.28 1.51 -15.97
C ALA B 119 -4.86 0.05 -15.80
N LEU B 120 -3.56 -0.22 -15.95
CA LEU B 120 -3.06 -1.59 -16.06
C LEU B 120 -2.69 -2.22 -14.72
N LEU B 121 -2.36 -1.42 -13.71
CA LEU B 121 -1.74 -1.94 -12.49
C LEU B 121 -2.52 -1.52 -11.25
N GLN B 122 -2.27 -2.26 -10.12
CA GLN B 122 -2.68 -1.81 -8.80
C GLN B 122 -1.56 -0.99 -8.15
N PRO B 123 -1.89 -0.09 -7.23
CA PRO B 123 -0.84 0.58 -6.47
C PRO B 123 0.12 -0.45 -5.88
N HIS B 124 1.41 -0.13 -5.94
CA HIS B 124 2.53 -0.96 -5.44
C HIS B 124 2.90 -2.11 -6.37
N ASP B 125 2.21 -2.33 -7.49
CA ASP B 125 2.63 -3.38 -8.41
C ASP B 125 4.03 -3.09 -8.95
N ARG B 126 4.74 -4.15 -9.36
CA ARG B 126 6.13 -4.03 -9.80
C ARG B 126 6.25 -3.66 -11.28
N ILE B 127 7.18 -2.73 -11.56
CA ILE B 127 7.44 -2.17 -12.89
C ILE B 127 8.96 -2.22 -13.13
N MET B 128 9.37 -2.54 -14.37
CA MET B 128 10.76 -2.38 -14.79
C MET B 128 10.87 -1.48 -16.00
N GLY B 129 11.82 -0.54 -15.95
CA GLY B 129 12.10 0.33 -17.08
C GLY B 129 13.59 0.53 -17.25
N LEU B 130 13.97 1.12 -18.37
CA LEU B 130 15.37 1.41 -18.60
C LEU B 130 15.87 2.44 -17.58
N ASP B 131 17.03 2.17 -16.99
CA ASP B 131 17.60 3.00 -15.95
C ASP B 131 17.83 4.40 -16.52
N LEU B 132 17.64 5.42 -15.69
CA LEU B 132 17.86 6.78 -16.16
C LEU B 132 19.29 7.00 -16.65
N PRO B 133 20.33 6.65 -15.89
CA PRO B 133 21.70 6.81 -16.42
C PRO B 133 21.99 5.91 -17.60
N SER B 134 21.16 4.90 -17.89
CA SER B 134 21.28 4.11 -19.10
C SER B 134 20.42 4.63 -20.25
N GLY B 135 19.73 5.76 -20.06
CA GLY B 135 19.02 6.38 -21.14
C GLY B 135 17.52 6.28 -21.05
N GLY B 136 16.98 5.83 -19.92
CA GLY B 136 15.55 5.79 -19.75
C GLY B 136 15.00 7.15 -19.35
N HIS B 137 13.70 7.18 -19.09
CA HIS B 137 13.00 8.41 -18.76
C HIS B 137 12.48 8.32 -17.33
N LEU B 138 12.37 9.49 -16.68
CA LEU B 138 11.92 9.54 -15.29
C LEU B 138 10.62 8.79 -15.08
N THR B 139 9.71 8.88 -16.06
CA THR B 139 8.39 8.29 -15.87
C THR B 139 8.43 6.79 -15.80
N HIS B 140 9.56 6.19 -16.18
CA HIS B 140 9.72 4.75 -16.15
C HIS B 140 10.21 4.26 -14.78
N GLY B 141 10.42 5.16 -13.84
CA GLY B 141 10.83 4.79 -12.49
C GLY B 141 12.21 5.36 -12.22
N TYR B 142 12.37 5.96 -11.04
CA TYR B 142 13.67 6.46 -10.60
C TYR B 142 13.68 6.64 -9.09
N TYR B 143 14.65 5.99 -8.44
CA TYR B 143 14.94 6.26 -7.04
C TYR B 143 16.45 6.35 -6.89
N THR B 144 16.89 7.17 -5.96
CA THR B 144 18.33 7.39 -5.75
C THR B 144 18.93 6.27 -4.91
N SER B 145 20.27 6.24 -4.88
CA SER B 145 20.96 5.26 -4.06
C SER B 145 20.60 5.39 -2.59
N GLY B 146 20.35 6.62 -2.14
CA GLY B 146 19.88 6.85 -0.78
C GLY B 146 18.45 6.44 -0.51
N GLY B 147 17.76 5.86 -1.49
CA GLY B 147 16.40 5.40 -1.31
C GLY B 147 15.32 6.42 -1.55
N LYS B 148 15.67 7.62 -2.02
CA LYS B 148 14.68 8.66 -2.22
C LYS B 148 13.90 8.39 -3.50
N LYS B 149 12.58 8.39 -3.40
CA LYS B 149 11.72 8.09 -4.54
C LYS B 149 11.49 9.39 -5.29
N ILE B 150 12.01 9.46 -6.52
CA ILE B 150 11.97 10.70 -7.28
C ILE B 150 10.77 10.75 -8.21
N SER B 151 10.62 9.74 -9.07
CA SER B 151 9.48 9.66 -9.98
C SER B 151 8.21 9.24 -9.25
N ALA B 152 7.08 9.81 -9.64
CA ALA B 152 5.81 9.34 -9.08
C ALA B 152 5.56 7.88 -9.41
N THR B 153 6.19 7.39 -10.47
CA THR B 153 6.11 5.97 -10.78
C THR B 153 6.72 5.14 -9.66
N SER B 154 7.84 5.62 -9.10
CA SER B 154 8.44 4.92 -7.96
C SER B 154 7.76 5.25 -6.64
N ILE B 155 6.96 6.32 -6.59
CA ILE B 155 6.22 6.65 -5.37
C ILE B 155 5.01 5.73 -5.22
N TYR B 156 4.26 5.56 -6.31
CA TYR B 156 2.99 4.83 -6.27
C TYR B 156 3.12 3.39 -6.73
N PHE B 157 4.24 3.01 -7.37
CA PHE B 157 4.49 1.63 -7.77
C PHE B 157 5.91 1.22 -7.35
N GLU B 158 6.26 -0.05 -7.57
CA GLU B 158 7.53 -0.60 -7.11
C GLU B 158 8.39 -0.83 -8.34
N SER B 159 9.37 0.03 -8.54
CA SER B 159 10.16 -0.03 -9.77
C SER B 159 11.55 -0.60 -9.52
N LEU B 160 12.13 -1.17 -10.59
CA LEU B 160 13.48 -1.67 -10.62
C LEU B 160 13.99 -1.46 -12.05
N PRO B 161 15.12 -0.80 -12.23
CA PRO B 161 15.61 -0.53 -13.59
C PRO B 161 16.47 -1.65 -14.15
N TYR B 162 16.53 -1.70 -15.47
CA TYR B 162 17.52 -2.50 -16.19
C TYR B 162 18.45 -1.58 -16.95
N LYS B 163 19.61 -2.10 -17.35
CA LYS B 163 20.71 -1.23 -17.78
C LYS B 163 21.29 -1.59 -19.13
N VAL B 164 22.04 -0.65 -19.71
CA VAL B 164 22.90 -0.99 -20.84
C VAL B 164 24.13 -1.74 -20.35
N ASN B 165 24.74 -2.49 -21.27
CA ASN B 165 26.05 -3.08 -21.05
C ASN B 165 27.07 -1.96 -20.86
N PHE B 166 27.89 -2.06 -19.80
CA PHE B 166 28.80 -0.99 -19.44
C PHE B 166 29.99 -0.89 -20.39
N THR B 167 30.22 -1.92 -21.20
CA THR B 167 31.29 -1.90 -22.19
C THR B 167 30.82 -1.45 -23.57
N THR B 168 29.68 -1.96 -24.03
CA THR B 168 29.24 -1.75 -25.41
C THR B 168 28.23 -0.63 -25.57
N GLY B 169 27.51 -0.26 -24.51
CA GLY B 169 26.46 0.74 -24.62
C GLY B 169 25.12 0.24 -25.14
N TYR B 170 25.03 -1.03 -25.56
CA TYR B 170 23.77 -1.63 -25.93
C TYR B 170 23.03 -2.17 -24.70
N ILE B 171 21.69 -2.19 -24.78
CA ILE B 171 20.89 -2.84 -23.74
C ILE B 171 21.38 -4.26 -23.54
N ASP B 172 21.61 -4.63 -22.27
CA ASP B 172 22.01 -6.00 -21.93
C ASP B 172 20.74 -6.82 -21.79
N TYR B 173 20.33 -7.46 -22.89
CA TYR B 173 19.06 -8.19 -22.87
C TYR B 173 19.12 -9.41 -21.96
N ASP B 174 20.27 -10.07 -21.87
CA ASP B 174 20.38 -11.24 -20.98
C ASP B 174 20.28 -10.84 -19.52
N LYS B 175 20.94 -9.74 -19.11
CA LYS B 175 20.80 -9.29 -17.72
C LYS B 175 19.38 -8.81 -17.42
N LEU B 176 18.74 -8.15 -18.39
CA LEU B 176 17.33 -7.78 -18.19
C LEU B 176 16.48 -9.02 -17.96
N GLU B 177 16.66 -10.05 -18.80
CA GLU B 177 15.87 -11.26 -18.61
C GLU B 177 16.10 -11.84 -17.21
N GLU B 178 17.35 -11.86 -16.76
CA GLU B 178 17.66 -12.39 -15.44
C GLU B 178 17.00 -11.58 -14.34
N LYS B 179 17.07 -10.25 -14.42
CA LYS B 179 16.44 -9.39 -13.43
C LYS B 179 14.93 -9.55 -13.43
N ALA B 180 14.33 -9.64 -14.61
CA ALA B 180 12.87 -9.76 -14.68
C ALA B 180 12.40 -11.09 -14.12
N LEU B 181 13.16 -12.17 -14.35
CA LEU B 181 12.80 -13.45 -13.75
C LEU B 181 12.86 -13.40 -12.23
N ASP B 182 13.80 -12.62 -11.66
CA ASP B 182 13.92 -12.51 -10.21
C ASP B 182 12.83 -11.61 -9.63
N PHE B 183 12.68 -10.43 -10.24
CA PHE B 183 11.82 -9.37 -9.71
C PHE B 183 10.34 -9.62 -10.03
N ARG B 184 10.06 -10.24 -11.17
CA ARG B 184 8.71 -10.56 -11.63
C ARG B 184 7.87 -9.30 -11.73
N PRO B 185 8.23 -8.36 -12.60
CA PRO B 185 7.38 -7.17 -12.77
C PRO B 185 6.04 -7.54 -13.37
N LYS B 186 5.01 -6.78 -13.00
CA LYS B 186 3.73 -6.89 -13.68
C LYS B 186 3.76 -6.15 -15.01
N LEU B 187 4.61 -5.13 -15.12
CA LEU B 187 4.70 -4.31 -16.30
C LEU B 187 6.18 -4.18 -16.67
N LEU B 188 6.52 -4.48 -17.92
CA LEU B 188 7.85 -4.27 -18.44
C LEU B 188 7.77 -3.15 -19.47
N ILE B 189 8.56 -2.10 -19.28
CA ILE B 189 8.55 -0.94 -20.17
C ILE B 189 9.79 -0.98 -21.06
N CYS B 190 9.61 -0.74 -22.35
CA CYS B 190 10.72 -0.49 -23.27
C CYS B 190 10.55 0.90 -23.84
N GLY B 191 11.63 1.39 -24.46
CA GLY B 191 11.73 2.75 -24.97
C GLY B 191 12.56 3.64 -24.05
N GLY B 192 13.09 4.72 -24.61
CA GLY B 192 13.93 5.56 -23.76
C GLY B 192 14.16 6.94 -24.34
N SER B 193 14.93 7.74 -23.60
CA SER B 193 15.18 9.13 -23.97
C SER B 193 16.58 9.39 -24.51
N ALA B 194 17.53 8.50 -24.28
CA ALA B 194 18.91 8.77 -24.66
C ALA B 194 19.61 7.45 -24.99
N TYR B 195 19.01 6.69 -25.88
CA TYR B 195 19.58 5.43 -26.34
C TYR B 195 19.81 5.57 -27.83
N PRO B 196 21.03 5.38 -28.33
CA PRO B 196 21.30 5.65 -29.76
C PRO B 196 21.02 4.49 -30.70
N ARG B 197 20.34 3.43 -30.26
CA ARG B 197 20.12 2.30 -31.14
C ARG B 197 18.64 1.92 -31.13
N ASP B 198 18.25 1.08 -32.10
CA ASP B 198 16.88 0.62 -32.13
C ASP B 198 16.69 -0.49 -31.10
N TRP B 199 15.42 -0.82 -30.87
CA TRP B 199 15.02 -1.75 -29.83
C TRP B 199 14.61 -3.08 -30.44
N ASP B 200 14.98 -4.17 -29.77
CA ASP B 200 14.54 -5.51 -30.17
C ASP B 200 13.24 -5.80 -29.42
N TYR B 201 12.13 -5.37 -30.01
CA TYR B 201 10.83 -5.59 -29.39
C TYR B 201 10.48 -7.07 -29.33
N ALA B 202 10.96 -7.86 -30.30
CA ALA B 202 10.68 -9.29 -30.27
C ALA B 202 11.29 -9.92 -29.04
N ARG B 203 12.51 -9.52 -28.66
CA ARG B 203 13.12 -10.06 -27.44
C ARG B 203 12.41 -9.55 -26.20
N PHE B 204 11.94 -8.30 -26.21
CA PHE B 204 11.17 -7.84 -25.05
C PHE B 204 9.92 -8.66 -24.87
N ARG B 205 9.27 -9.04 -25.98
CA ARG B 205 8.08 -9.89 -25.91
C ARG B 205 8.43 -11.27 -25.37
N ALA B 206 9.54 -11.85 -25.84
CA ALA B 206 9.97 -13.13 -25.29
C ALA B 206 10.18 -13.06 -23.78
N ILE B 207 10.83 -11.99 -23.30
CA ILE B 207 11.09 -11.84 -21.87
C ILE B 207 9.78 -11.62 -21.11
N ALA B 208 8.93 -10.70 -21.58
CA ALA B 208 7.64 -10.45 -20.93
C ALA B 208 6.82 -11.73 -20.82
N ASP B 209 6.83 -12.56 -21.86
CA ASP B 209 6.07 -13.82 -21.81
C ASP B 209 6.66 -14.80 -20.82
N LYS B 210 7.98 -14.83 -20.68
CA LYS B 210 8.59 -15.70 -19.68
C LYS B 210 8.18 -15.30 -18.27
N VAL B 211 8.09 -14.01 -18.00
CA VAL B 211 7.85 -13.57 -16.63
C VAL B 211 6.38 -13.30 -16.36
N GLY B 212 5.53 -13.33 -17.39
CA GLY B 212 4.12 -13.05 -17.21
C GLY B 212 3.78 -11.58 -17.15
N ALA B 213 4.57 -10.73 -17.79
CA ALA B 213 4.42 -9.29 -17.69
C ALA B 213 3.62 -8.73 -18.87
N LEU B 214 2.95 -7.62 -18.62
CA LEU B 214 2.50 -6.75 -19.69
C LEU B 214 3.70 -6.04 -20.28
N LEU B 215 3.63 -5.72 -21.57
CA LEU B 215 4.74 -5.08 -22.27
C LEU B 215 4.26 -3.77 -22.85
N LEU B 216 4.85 -2.67 -22.40
CA LEU B 216 4.51 -1.32 -22.83
C LEU B 216 5.73 -0.69 -23.48
N CYS B 217 5.53 -0.05 -24.63
CA CYS B 217 6.58 0.74 -25.25
C CYS B 217 6.22 2.22 -25.15
N ASP B 218 7.14 3.00 -24.61
CA ASP B 218 7.02 4.45 -24.59
C ASP B 218 7.91 4.95 -25.72
N MET B 219 7.30 5.30 -26.86
CA MET B 219 8.06 5.62 -28.06
C MET B 219 8.22 7.11 -28.27
N ALA B 220 8.00 7.90 -27.20
CA ALA B 220 8.04 9.36 -27.29
C ALA B 220 9.19 9.89 -28.17
N HIS B 221 10.44 9.49 -27.88
CA HIS B 221 11.53 10.08 -28.64
C HIS B 221 11.50 9.71 -30.11
N ILE B 222 11.04 8.52 -30.47
CA ILE B 222 11.21 8.00 -31.82
C ILE B 222 9.89 7.91 -32.58
N SER B 223 8.80 8.47 -32.05
CA SER B 223 7.49 8.22 -32.64
C SER B 223 7.40 8.71 -34.09
N GLY B 224 8.07 9.81 -34.42
CA GLY B 224 8.13 10.23 -35.81
C GLY B 224 8.82 9.20 -36.69
N LEU B 225 9.93 8.62 -36.20
CA LEU B 225 10.61 7.58 -36.97
C LEU B 225 9.74 6.33 -37.09
N VAL B 226 8.99 5.98 -36.03
CA VAL B 226 8.09 4.83 -36.09
C VAL B 226 6.99 5.06 -37.11
N ALA B 227 6.35 6.24 -37.09
CA ALA B 227 5.28 6.49 -38.05
C ALA B 227 5.79 6.40 -39.49
N ALA B 228 7.00 6.89 -39.73
CA ALA B 228 7.56 6.88 -41.06
C ALA B 228 8.16 5.54 -41.45
N GLN B 229 8.03 4.53 -40.59
CA GLN B 229 8.60 3.20 -40.84
C GLN B 229 10.10 3.29 -41.04
N GLU B 230 10.73 4.18 -40.26
CA GLU B 230 12.17 4.35 -40.19
C GLU B 230 12.74 3.85 -38.86
N ALA B 231 11.96 3.09 -38.10
CA ALA B 231 12.41 2.44 -36.87
C ALA B 231 11.59 1.17 -36.72
N ALA B 232 12.09 0.23 -35.90
CA ALA B 232 11.35 -1.00 -35.63
C ALA B 232 9.96 -0.67 -35.07
N ASN B 233 8.98 -1.50 -35.40
CA ASN B 233 7.60 -1.20 -35.06
C ASN B 233 7.23 -1.80 -33.70
N PRO B 234 7.05 -1.00 -32.64
CA PRO B 234 6.69 -1.59 -31.34
C PRO B 234 5.33 -2.24 -31.32
N PHE B 235 4.41 -1.78 -32.18
CA PHE B 235 3.06 -2.32 -32.18
C PHE B 235 3.05 -3.79 -32.55
N GLU B 236 4.08 -4.29 -33.20
CA GLU B 236 4.14 -5.70 -33.56
C GLU B 236 4.20 -6.59 -32.32
N TYR B 237 4.69 -6.08 -31.20
CA TYR B 237 4.95 -6.92 -30.05
C TYR B 237 4.42 -6.39 -28.73
N CYS B 238 4.06 -5.12 -28.62
CA CYS B 238 3.73 -4.56 -27.32
C CYS B 238 2.22 -4.52 -27.12
N ASP B 239 1.81 -4.66 -25.86
CA ASP B 239 0.40 -4.61 -25.50
C ASP B 239 -0.14 -3.19 -25.60
N VAL B 240 0.64 -2.23 -25.13
CA VAL B 240 0.27 -0.82 -25.04
C VAL B 240 1.47 -0.01 -25.54
N VAL B 241 1.18 1.09 -26.21
CA VAL B 241 2.25 1.98 -26.68
C VAL B 241 1.86 3.39 -26.26
N THR B 242 2.72 4.04 -25.47
CA THR B 242 2.49 5.43 -25.11
C THR B 242 3.42 6.32 -25.92
N THR B 243 3.07 7.60 -26.00
CA THR B 243 3.94 8.54 -26.72
C THR B 243 3.56 9.97 -26.37
N THR B 244 4.54 10.86 -26.49
CA THR B 244 4.28 12.27 -26.71
C THR B 244 3.85 12.48 -28.14
N THR B 245 3.36 13.68 -28.44
CA THR B 245 3.05 14.01 -29.83
C THR B 245 3.95 15.10 -30.38
N HIS B 246 4.85 15.64 -29.57
CA HIS B 246 5.82 16.63 -30.02
C HIS B 246 7.10 15.83 -30.34
N1 LLP B 247 8.60 9.41 -22.10
C2 LLP B 247 9.69 9.59 -22.87
C2' LLP B 247 10.48 8.40 -23.43
C3 LLP B 247 10.08 10.88 -23.19
O3 LLP B 247 11.22 11.03 -23.98
C4 LLP B 247 9.39 11.96 -22.70
C4' LLP B 247 9.87 13.34 -23.14
C5 LLP B 247 8.27 11.76 -21.92
C6 LLP B 247 7.89 10.46 -21.62
C5' LLP B 247 7.43 12.87 -21.26
OP4 LLP B 247 6.83 13.80 -22.10
P LLP B 247 6.34 15.22 -21.42
OP1 LLP B 247 5.47 15.85 -22.46
OP2 LLP B 247 7.54 16.07 -21.12
OP3 LLP B 247 5.64 14.90 -20.09
N LLP B 247 8.27 16.32 -29.94
CA LLP B 247 9.52 15.63 -30.23
CB LLP B 247 9.67 14.40 -29.31
CG LLP B 247 9.44 14.86 -27.84
CD LLP B 247 10.02 13.80 -26.86
CE LLP B 247 10.03 14.36 -25.42
NZ LLP B 247 9.78 13.32 -24.43
C LLP B 247 9.54 15.26 -31.76
O LLP B 247 9.20 16.12 -32.59
N SER B 248 9.92 14.04 -32.11
CA SER B 248 10.18 13.74 -33.53
C SER B 248 8.89 13.62 -34.34
N LEU B 249 7.74 13.55 -33.67
CA LEU B 249 6.47 13.54 -34.40
C LEU B 249 6.09 14.95 -34.87
N ARG B 250 6.71 15.98 -34.30
CA ARG B 250 6.60 17.37 -34.77
C ARG B 250 5.19 17.93 -34.59
N GLY B 251 4.49 17.49 -33.53
CA GLY B 251 3.16 17.96 -33.25
C GLY B 251 3.08 18.92 -32.07
N PRO B 252 1.88 19.12 -31.55
CA PRO B 252 1.71 19.90 -30.33
C PRO B 252 2.19 19.09 -29.14
N ARG B 253 2.24 19.72 -27.97
CA ARG B 253 2.57 18.99 -26.75
C ARG B 253 1.31 18.31 -26.24
N ALA B 254 1.31 16.99 -26.27
CA ALA B 254 0.19 16.16 -25.84
C ALA B 254 0.73 14.74 -25.71
N GLY B 255 -0.15 13.82 -25.33
CA GLY B 255 0.23 12.42 -25.25
C GLY B 255 -0.84 11.55 -25.87
N MET B 256 -0.48 10.32 -26.20
CA MET B 256 -1.45 9.34 -26.67
C MET B 256 -1.19 8.01 -25.98
N ILE B 257 -2.25 7.23 -25.80
CA ILE B 257 -2.09 5.84 -25.35
C ILE B 257 -2.75 4.93 -26.38
N PHE B 258 -1.95 4.09 -27.02
CA PHE B 258 -2.44 3.03 -27.90
C PHE B 258 -2.56 1.72 -27.14
N TYR B 259 -3.58 0.93 -27.46
CA TYR B 259 -3.81 -0.33 -26.76
C TYR B 259 -4.39 -1.36 -27.73
N ARG B 260 -4.05 -2.64 -27.50
CA ARG B 260 -4.62 -3.70 -28.31
C ARG B 260 -6.09 -3.93 -27.99
N LYS B 261 -6.80 -4.46 -28.99
CA LYS B 261 -8.21 -4.80 -28.97
C LYS B 261 -8.36 -6.15 -29.66
N GLY B 262 -9.51 -6.79 -29.46
CA GLY B 262 -9.82 -8.00 -30.17
C GLY B 262 -9.22 -9.25 -29.53
N PRO B 263 -9.21 -10.35 -30.28
CA PRO B 263 -8.75 -11.63 -29.70
C PRO B 263 -7.27 -11.61 -29.39
N LYS B 264 -6.91 -12.31 -28.32
CA LYS B 264 -5.52 -12.41 -27.90
C LYS B 264 -4.83 -13.54 -28.66
N PRO B 265 -3.52 -13.42 -28.91
CA PRO B 265 -2.80 -14.52 -29.57
C PRO B 265 -2.83 -15.77 -28.72
N PRO B 266 -2.69 -16.95 -29.34
CA PRO B 266 -2.73 -18.19 -28.56
C PRO B 266 -1.70 -18.18 -27.43
N LYS B 267 -2.13 -18.66 -26.26
CA LYS B 267 -1.34 -18.57 -25.05
C LYS B 267 -1.49 -19.87 -24.28
N LYS B 268 -0.55 -20.09 -23.36
CA LYS B 268 -0.49 -21.34 -22.61
C LYS B 268 -1.64 -21.44 -21.61
N GLY B 269 -2.37 -22.55 -21.68
CA GLY B 269 -3.43 -22.87 -20.73
C GLY B 269 -4.34 -21.74 -20.33
N GLN B 270 -4.90 -21.03 -21.32
CA GLN B 270 -5.81 -19.92 -21.05
C GLN B 270 -6.89 -19.91 -22.12
N PRO B 271 -8.11 -19.48 -21.80
CA PRO B 271 -9.28 -19.90 -22.57
C PRO B 271 -9.24 -19.48 -24.02
N GLU B 272 -9.86 -20.30 -24.86
CA GLU B 272 -10.06 -19.94 -26.25
C GLU B 272 -11.09 -18.82 -26.34
N GLY B 273 -10.93 -17.98 -27.35
CA GLY B 273 -11.80 -16.83 -27.51
C GLY B 273 -11.50 -15.66 -26.60
N ALA B 274 -10.44 -15.73 -25.79
CA ALA B 274 -10.08 -14.62 -24.93
C ALA B 274 -9.80 -13.37 -25.76
N VAL B 275 -10.22 -12.22 -25.25
CA VAL B 275 -10.03 -10.94 -25.92
C VAL B 275 -9.31 -9.98 -24.98
N TYR B 276 -8.69 -8.96 -25.57
CA TYR B 276 -8.07 -7.93 -24.78
C TYR B 276 -9.13 -7.10 -24.05
N ASP B 277 -8.76 -6.57 -22.91
CA ASP B 277 -9.68 -5.76 -22.12
C ASP B 277 -8.99 -4.49 -21.65
N PHE B 278 -8.15 -3.92 -22.52
CA PHE B 278 -7.44 -2.69 -22.20
C PHE B 278 -8.30 -1.46 -22.40
N GLU B 279 -9.15 -1.46 -23.43
CA GLU B 279 -9.76 -0.21 -23.89
C GLU B 279 -10.53 0.48 -22.79
N ASP B 280 -11.42 -0.23 -22.10
CA ASP B 280 -12.24 0.40 -21.08
C ASP B 280 -11.38 0.89 -19.91
N LYS B 281 -10.42 0.07 -19.49
CA LYS B 281 -9.52 0.44 -18.39
C LYS B 281 -8.74 1.70 -18.72
N ILE B 282 -8.20 1.80 -19.94
CA ILE B 282 -7.37 2.94 -20.29
C ILE B 282 -8.23 4.20 -20.38
N ASN B 283 -9.37 4.12 -21.08
CA ASN B 283 -10.22 5.30 -21.17
C ASN B 283 -10.64 5.79 -19.79
N PHE B 284 -10.98 4.85 -18.91
CA PHE B 284 -11.49 5.21 -17.60
C PHE B 284 -10.39 5.81 -16.72
N ALA B 285 -9.16 5.30 -16.86
CA ALA B 285 -8.02 5.87 -16.13
C ALA B 285 -7.79 7.32 -16.55
N VAL B 286 -7.85 7.61 -17.85
CA VAL B 286 -7.70 8.99 -18.31
C VAL B 286 -8.82 9.86 -17.75
N PHE B 287 -10.06 9.41 -17.89
CA PHE B 287 -11.22 10.10 -17.37
C PHE B 287 -12.29 9.07 -17.06
N PRO B 288 -12.85 9.05 -15.85
CA PRO B 288 -12.79 10.07 -14.79
C PRO B 288 -11.63 9.98 -13.79
N ALA B 289 -10.75 8.98 -13.86
CA ALA B 289 -9.83 8.76 -12.75
C ALA B 289 -8.81 9.89 -12.59
N LEU B 290 -8.12 10.26 -13.68
CA LEU B 290 -6.96 11.15 -13.55
C LEU B 290 -7.19 12.57 -14.07
N GLN B 291 -7.74 12.72 -15.27
CA GLN B 291 -7.83 14.03 -15.90
C GLN B 291 -9.24 14.61 -15.74
N GLY B 292 -9.37 15.87 -16.14
CA GLY B 292 -10.67 16.51 -16.19
C GLY B 292 -11.03 16.73 -17.64
N GLY B 293 -11.39 17.95 -18.01
CA GLY B 293 -11.76 18.23 -19.38
C GLY B 293 -10.57 18.08 -20.30
N PRO B 294 -10.79 17.44 -21.45
CA PRO B 294 -9.75 17.36 -22.48
C PRO B 294 -9.32 18.76 -22.92
N HIS B 295 -8.09 18.88 -23.40
CA HIS B 295 -7.67 20.13 -24.02
C HIS B 295 -7.94 20.00 -25.51
N ASN B 296 -9.14 20.42 -25.92
CA ASN B 296 -9.57 20.15 -27.29
C ASN B 296 -8.74 20.88 -28.33
N HIS B 297 -8.13 22.01 -27.96
CA HIS B 297 -7.25 22.70 -28.90
C HIS B 297 -5.99 21.89 -29.17
N GLN B 298 -5.49 21.18 -28.15
CA GLN B 298 -4.39 20.24 -28.31
C GLN B 298 -4.79 19.06 -29.18
N ILE B 299 -5.99 18.53 -28.96
CA ILE B 299 -6.48 17.42 -29.79
C ILE B 299 -6.65 17.86 -31.24
N GLY B 300 -7.20 19.06 -31.45
CA GLY B 300 -7.33 19.56 -32.81
C GLY B 300 -5.97 19.75 -33.47
N ALA B 301 -5.02 20.34 -32.73
CA ALA B 301 -3.68 20.51 -33.27
C ALA B 301 -3.01 19.17 -33.53
N LEU B 302 -3.24 18.18 -32.65
CA LEU B 302 -2.68 16.85 -32.87
C LEU B 302 -3.24 16.22 -34.14
N ALA B 303 -4.54 16.40 -34.40
CA ALA B 303 -5.10 15.86 -35.64
C ALA B 303 -4.39 16.44 -36.85
N VAL B 304 -4.09 17.74 -36.82
CA VAL B 304 -3.32 18.37 -37.90
C VAL B 304 -1.94 17.72 -38.01
N ALA B 305 -1.23 17.61 -36.88
CA ALA B 305 0.10 17.02 -36.89
C ALA B 305 0.09 15.61 -37.46
N LEU B 306 -0.96 14.83 -37.17
CA LEU B 306 -1.00 13.44 -37.63
C LEU B 306 -1.29 13.36 -39.12
N LYS B 307 -2.12 14.27 -39.63
CA LYS B 307 -2.25 14.36 -41.06
C LYS B 307 -0.91 14.72 -41.70
N GLN B 308 -0.17 15.66 -41.11
CA GLN B 308 1.12 16.05 -41.68
C GLN B 308 2.14 14.93 -41.60
N ALA B 309 2.04 14.08 -40.58
CA ALA B 309 3.02 13.02 -40.41
C ALA B 309 2.77 11.86 -41.36
N ASN B 310 1.53 11.66 -41.76
CA ASN B 310 1.21 10.53 -42.65
C ASN B 310 1.30 10.92 -44.13
N THR B 311 2.47 11.42 -44.53
CA THR B 311 2.71 11.91 -45.88
C THR B 311 4.06 11.42 -46.39
N PRO B 312 4.24 11.33 -47.71
CA PRO B 312 5.58 11.09 -48.26
C PRO B 312 6.59 12.10 -47.78
N GLY B 313 6.19 13.37 -47.63
CA GLY B 313 7.13 14.38 -47.20
C GLY B 313 7.67 14.09 -45.82
N PHE B 314 6.78 13.66 -44.91
CA PHE B 314 7.26 13.41 -43.56
C PHE B 314 8.22 12.22 -43.51
N LYS B 315 7.97 11.19 -44.32
CA LYS B 315 8.90 10.08 -44.39
C LYS B 315 10.28 10.52 -44.88
N VAL B 316 10.32 11.46 -45.83
CA VAL B 316 11.61 12.02 -46.26
C VAL B 316 12.27 12.78 -45.12
N TYR B 317 11.48 13.51 -44.32
CA TYR B 317 12.02 14.19 -43.15
C TYR B 317 12.63 13.17 -42.20
N ALA B 318 11.89 12.10 -41.89
CA ALA B 318 12.39 11.10 -40.95
C ALA B 318 13.70 10.49 -41.44
N LYS B 319 13.78 10.20 -42.74
CA LYS B 319 15.03 9.69 -43.31
C LYS B 319 16.15 10.70 -43.13
N GLN B 320 15.85 11.99 -43.34
CA GLN B 320 16.86 13.02 -43.25
C GLN B 320 17.34 13.20 -41.82
N VAL B 321 16.42 13.10 -40.85
CA VAL B 321 16.79 13.16 -39.43
C VAL B 321 17.85 12.12 -39.14
N LYS B 322 17.58 10.87 -39.52
CA LYS B 322 18.55 9.79 -39.34
C LYS B 322 19.86 10.05 -40.10
N ALA B 323 19.76 10.49 -41.36
CA ALA B 323 20.97 10.75 -42.12
C ALA B 323 21.80 11.84 -41.48
N ASN B 324 21.12 12.86 -40.91
CA ASN B 324 21.80 13.97 -40.27
C ASN B 324 22.50 13.54 -38.98
N ALA B 325 21.84 12.69 -38.17
CA ALA B 325 22.49 12.16 -36.97
C ALA B 325 23.72 11.34 -37.34
N VAL B 326 23.58 10.45 -38.33
CA VAL B 326 24.75 9.69 -38.77
C VAL B 326 25.86 10.64 -39.24
N ALA B 327 25.51 11.67 -40.02
CA ALA B 327 26.54 12.54 -40.57
C ALA B 327 27.26 13.27 -39.45
N LEU B 328 26.52 13.68 -38.42
CA LEU B 328 27.13 14.36 -37.29
C LEU B 328 28.00 13.41 -36.49
N GLY B 329 27.48 12.21 -36.19
CA GLY B 329 28.29 11.21 -35.51
C GLY B 329 29.57 10.87 -36.27
N ASN B 330 29.48 10.72 -37.60
CA ASN B 330 30.66 10.40 -38.40
C ASN B 330 31.67 11.53 -38.39
N TYR B 331 31.17 12.78 -38.45
CA TYR B 331 32.07 13.93 -38.37
C TYR B 331 32.85 13.91 -37.07
N LEU B 332 32.14 13.80 -35.94
CA LEU B 332 32.80 13.74 -34.64
C LEU B 332 33.81 12.60 -34.60
N MET B 333 33.42 11.40 -35.07
CA MET B 333 34.36 10.29 -35.03
C MET B 333 35.57 10.56 -35.91
N SER B 334 35.38 11.26 -37.04
CA SER B 334 36.49 11.56 -37.93
C SER B 334 37.51 12.48 -37.25
N LYS B 335 37.08 13.27 -36.28
CA LYS B 335 38.00 14.14 -35.55
C LYS B 335 38.64 13.46 -34.34
N GLY B 336 38.44 12.15 -34.17
CA GLY B 336 38.98 11.45 -33.01
C GLY B 336 38.06 11.40 -31.81
N TYR B 337 36.89 11.99 -31.89
CA TYR B 337 35.95 11.94 -30.78
C TYR B 337 35.27 10.57 -30.72
N GLN B 338 34.72 10.25 -29.55
CA GLN B 338 34.18 8.93 -29.30
C GLN B 338 32.69 9.05 -29.01
N ILE B 339 31.88 8.30 -29.76
CA ILE B 339 30.44 8.30 -29.55
C ILE B 339 30.02 6.90 -29.13
N VAL B 340 29.03 6.84 -28.25
CA VAL B 340 28.66 5.57 -27.65
C VAL B 340 28.04 4.69 -28.72
N THR B 341 28.51 3.43 -28.77
CA THR B 341 28.25 2.42 -29.80
C THR B 341 28.86 2.77 -31.15
N ASN B 342 29.64 3.85 -31.23
CA ASN B 342 30.36 4.22 -32.48
C ASN B 342 29.39 4.50 -33.63
N GLY B 343 28.20 5.01 -33.31
CA GLY B 343 27.27 5.38 -34.35
C GLY B 343 25.88 5.58 -33.79
N THR B 344 24.90 5.59 -34.69
CA THR B 344 23.51 5.71 -34.25
C THR B 344 22.62 5.05 -35.30
N GLU B 345 21.44 4.65 -34.83
CA GLU B 345 20.38 4.14 -35.68
C GLU B 345 19.13 5.01 -35.63
N ASN B 346 19.17 6.12 -34.90
CA ASN B 346 17.98 6.96 -34.79
C ASN B 346 18.33 8.43 -34.94
N HIS B 347 17.73 9.27 -34.11
CA HIS B 347 17.81 10.71 -34.25
C HIS B 347 18.90 11.34 -33.39
N LEU B 348 19.60 10.57 -32.57
CA LEU B 348 20.50 11.23 -31.64
C LEU B 348 21.86 10.57 -31.64
N VAL B 349 22.83 11.30 -31.08
CA VAL B 349 24.17 10.81 -30.83
C VAL B 349 24.50 11.02 -29.36
N LEU B 350 25.17 10.04 -28.74
CA LEU B 350 25.70 10.18 -27.38
C LEU B 350 27.20 10.32 -27.48
N TRP B 351 27.74 11.46 -27.06
CA TRP B 351 29.16 11.76 -27.18
C TRP B 351 29.88 11.50 -25.85
N ASP B 352 30.83 10.56 -25.85
CA ASP B 352 31.64 10.25 -24.68
C ASP B 352 32.78 11.26 -24.55
N LEU B 353 32.70 12.11 -23.51
CA LEU B 353 33.69 13.17 -23.29
C LEU B 353 34.81 12.76 -22.33
N ARG B 354 34.74 11.58 -21.74
CA ARG B 354 35.79 11.15 -20.82
C ARG B 354 37.18 11.07 -21.47
N PRO B 355 37.34 10.56 -22.70
CA PRO B 355 38.68 10.60 -23.33
C PRO B 355 39.24 12.00 -23.54
N LEU B 356 38.44 13.04 -23.31
CA LEU B 356 38.95 14.40 -23.34
C LEU B 356 39.20 14.94 -21.94
N GLY B 357 38.89 14.16 -20.91
CA GLY B 357 39.03 14.66 -19.55
C GLY B 357 38.04 15.76 -19.26
N LEU B 358 36.84 15.67 -19.81
CA LEU B 358 35.78 16.66 -19.60
C LEU B 358 34.52 15.98 -19.08
N THR B 359 33.66 16.78 -18.47
CA THR B 359 32.33 16.39 -18.06
C THR B 359 31.33 17.05 -19.00
N GLY B 360 30.13 16.46 -19.07
CA GLY B 360 29.09 17.07 -19.89
C GLY B 360 28.57 18.37 -19.31
N ASN B 361 28.69 18.55 -18.00
CA ASN B 361 28.29 19.81 -17.37
C ASN B 361 29.06 20.98 -17.97
N LYS B 362 30.38 20.83 -18.12
CA LYS B 362 31.20 21.93 -18.65
C LYS B 362 30.88 22.23 -20.10
N VAL B 363 30.72 21.19 -20.92
CA VAL B 363 30.44 21.39 -22.33
C VAL B 363 29.06 21.99 -22.51
N GLU B 364 28.07 21.54 -21.72
CA GLU B 364 26.73 22.10 -21.84
C GLU B 364 26.71 23.58 -21.46
N LYS B 365 27.40 23.94 -20.38
CA LYS B 365 27.43 25.35 -19.95
C LYS B 365 28.10 26.24 -21.01
N LEU B 366 29.24 25.80 -21.56
CA LEU B 366 29.90 26.61 -22.57
C LEU B 366 29.08 26.68 -23.85
N CYS B 367 28.50 25.56 -24.26
CA CYS B 367 27.67 25.60 -25.46
C CYS B 367 26.49 26.56 -25.29
N ASP B 368 25.86 26.59 -24.11
N ASP B 368 25.84 26.54 -24.11
CA ASP B 368 24.72 27.47 -23.93
CA ASP B 368 24.76 27.47 -23.83
C ASP B 368 25.14 28.94 -24.06
C ASP B 368 25.18 28.90 -24.14
N LEU B 369 26.37 29.27 -23.66
CA LEU B 369 26.87 30.63 -23.83
C LEU B 369 27.20 30.97 -25.29
N CYS B 370 27.23 29.99 -26.18
N CYS B 370 27.27 30.00 -26.19
CA CYS B 370 27.44 30.21 -27.61
CA CYS B 370 27.42 30.32 -27.60
C CYS B 370 26.21 29.98 -28.45
C CYS B 370 26.25 29.78 -28.41
N SER B 371 25.06 29.82 -27.80
CA SER B 371 23.76 29.61 -28.46
C SER B 371 23.62 28.22 -29.08
N ILE B 372 24.29 27.24 -28.51
CA ILE B 372 24.15 25.85 -28.91
C ILE B 372 23.52 25.13 -27.74
N THR B 373 22.32 24.59 -27.92
CA THR B 373 21.64 23.96 -26.79
C THR B 373 21.71 22.44 -26.94
N LEU B 374 22.37 21.79 -25.98
CA LEU B 374 22.40 20.32 -25.90
C LEU B 374 22.34 19.99 -24.41
N ASN B 375 22.49 18.73 -24.02
CA ASN B 375 22.45 18.47 -22.59
C ASN B 375 23.43 17.38 -22.18
N LYS B 376 23.95 17.53 -20.97
CA LYS B 376 24.83 16.52 -20.37
C LYS B 376 24.08 15.21 -20.21
N ASN B 377 24.82 14.11 -20.31
CA ASN B 377 24.22 12.78 -20.32
C ASN B 377 25.23 11.77 -19.78
N ALA B 378 24.79 10.89 -18.88
CA ALA B 378 25.66 9.79 -18.47
C ALA B 378 26.00 8.90 -19.66
N VAL B 379 27.18 8.30 -19.65
CA VAL B 379 27.59 7.39 -20.73
C VAL B 379 27.82 6.00 -20.14
N PHE B 380 27.48 4.98 -20.95
CA PHE B 380 27.63 3.55 -20.59
C PHE B 380 26.94 3.19 -19.27
N GLY B 381 25.79 3.83 -18.99
CA GLY B 381 25.02 3.47 -17.81
C GLY B 381 25.64 3.82 -16.48
N ASP B 382 26.67 4.67 -16.47
CA ASP B 382 27.42 4.93 -15.25
C ASP B 382 26.67 5.91 -14.34
N SER B 383 26.59 5.57 -13.05
CA SER B 383 26.08 6.48 -12.04
C SER B 383 27.09 6.78 -10.94
N SER B 384 28.29 6.22 -11.03
CA SER B 384 29.33 6.45 -10.01
C SER B 384 30.16 7.71 -10.27
N ALA B 385 30.23 8.19 -11.50
CA ALA B 385 30.97 9.41 -11.77
C ALA B 385 30.33 10.59 -11.05
N LEU B 386 31.17 11.50 -10.55
CA LEU B 386 30.66 12.69 -9.90
C LEU B 386 29.71 13.45 -10.81
N ALA B 387 30.13 13.72 -12.03
CA ALA B 387 29.32 14.38 -13.04
C ALA B 387 29.21 13.48 -14.27
N PRO B 388 28.16 13.66 -15.07
CA PRO B 388 28.02 12.85 -16.29
C PRO B 388 29.16 13.08 -17.26
N GLY B 389 29.60 11.99 -17.89
CA GLY B 389 30.73 12.00 -18.78
C GLY B 389 30.45 12.24 -20.23
N GLY B 390 29.21 12.61 -20.60
CA GLY B 390 28.89 12.79 -22.00
C GLY B 390 27.87 13.88 -22.26
N VAL B 391 27.52 14.04 -23.54
CA VAL B 391 26.42 14.91 -23.93
C VAL B 391 25.55 14.19 -24.94
N ARG B 392 24.25 14.49 -24.91
CA ARG B 392 23.30 13.99 -25.88
C ARG B 392 23.00 15.08 -26.90
N ILE B 393 22.98 14.69 -28.17
CA ILE B 393 22.77 15.62 -29.28
C ILE B 393 21.77 15.01 -30.23
N GLY B 394 20.74 15.77 -30.61
CA GLY B 394 19.67 15.27 -31.45
C GLY B 394 19.48 16.08 -32.73
N ALA B 395 19.09 15.38 -33.80
CA ALA B 395 18.87 16.01 -35.11
C ALA B 395 17.47 16.55 -35.44
N PRO B 396 16.37 16.17 -34.77
CA PRO B 396 15.03 16.56 -35.31
C PRO B 396 14.83 18.05 -35.52
N ALA B 397 15.19 18.89 -34.55
CA ALA B 397 14.86 20.31 -34.60
C ALA B 397 15.54 21.00 -35.77
N MET B 398 16.87 20.88 -35.90
CA MET B 398 17.55 21.58 -37.00
C MET B 398 17.21 20.97 -38.34
N THR B 399 16.93 19.66 -38.38
CA THR B 399 16.48 19.05 -39.63
C THR B 399 15.17 19.70 -40.09
N SER B 400 14.29 20.01 -39.14
CA SER B 400 13.04 20.69 -39.47
C SER B 400 13.26 22.09 -40.04
N ARG B 401 14.39 22.72 -39.75
CA ARG B 401 14.71 24.01 -40.35
C ARG B 401 15.38 23.85 -41.73
N GLY B 402 15.44 22.63 -42.28
CA GLY B 402 15.95 22.41 -43.63
C GLY B 402 17.40 21.97 -43.72
N LEU B 403 18.05 21.77 -42.59
CA LEU B 403 19.46 21.40 -42.63
C LEU B 403 19.62 19.97 -43.11
N VAL B 404 20.67 19.74 -43.88
CA VAL B 404 21.00 18.39 -44.34
C VAL B 404 22.42 18.05 -43.91
N GLU B 405 22.97 16.95 -44.46
CA GLU B 405 24.22 16.37 -43.96
C GLU B 405 25.34 17.38 -43.86
N LYS B 406 25.56 18.16 -44.92
CA LYS B 406 26.69 19.11 -44.91
C LYS B 406 26.49 20.20 -43.86
N ASP B 407 25.23 20.61 -43.62
CA ASP B 407 24.94 21.53 -42.54
C ASP B 407 25.19 20.90 -41.18
N PHE B 408 24.93 19.60 -41.04
CA PHE B 408 25.24 18.96 -39.77
C PHE B 408 26.73 18.75 -39.58
N GLU B 409 27.48 18.61 -40.67
CA GLU B 409 28.93 18.60 -40.54
C GLU B 409 29.44 19.96 -40.07
N GLN B 410 28.83 21.07 -40.52
CA GLN B 410 29.21 22.36 -39.95
C GLN B 410 28.84 22.46 -38.48
N ILE B 411 27.67 21.93 -38.09
CA ILE B 411 27.34 21.83 -36.66
C ILE B 411 28.42 21.05 -35.92
N GLY B 412 28.87 19.94 -36.53
CA GLY B 412 29.95 19.17 -35.93
C GLY B 412 31.20 19.97 -35.68
N GLU B 413 31.54 20.89 -36.61
CA GLU B 413 32.74 21.69 -36.41
C GLU B 413 32.52 22.77 -35.36
N PHE B 414 31.32 23.34 -35.27
CA PHE B 414 31.01 24.24 -34.16
C PHE B 414 31.17 23.52 -32.83
N LEU B 415 30.69 22.28 -32.77
CA LEU B 415 30.81 21.48 -31.55
C LEU B 415 32.27 21.18 -31.23
N SER B 416 33.06 20.85 -32.25
CA SER B 416 34.48 20.62 -32.04
C SER B 416 35.16 21.90 -31.54
N ARG B 417 34.79 23.05 -32.10
CA ARG B 417 35.33 24.30 -31.58
C ARG B 417 34.94 24.50 -30.12
N ALA B 418 33.69 24.21 -29.79
CA ALA B 418 33.21 24.42 -28.41
C ALA B 418 34.01 23.58 -27.42
N VAL B 419 34.18 22.29 -27.71
CA VAL B 419 34.90 21.47 -26.74
C VAL B 419 36.37 21.83 -26.70
N THR B 420 36.94 22.30 -27.82
CA THR B 420 38.31 22.81 -27.78
C THR B 420 38.43 24.01 -26.86
N LEU B 421 37.48 24.95 -26.95
CA LEU B 421 37.46 26.07 -26.01
C LEU B 421 37.29 25.59 -24.58
N THR B 422 36.49 24.54 -24.39
CA THR B 422 36.25 24.03 -23.05
C THR B 422 37.54 23.47 -22.47
N LEU B 423 38.29 22.71 -23.28
CA LEU B 423 39.61 22.22 -22.87
C LEU B 423 40.56 23.36 -22.58
N ASP B 424 40.53 24.41 -23.42
CA ASP B 424 41.42 25.55 -23.20
C ASP B 424 41.17 26.16 -21.81
N ILE B 425 39.89 26.34 -21.45
CA ILE B 425 39.56 26.91 -20.14
C ILE B 425 40.04 26.00 -19.02
N GLN B 426 39.75 24.70 -19.14
CA GLN B 426 40.14 23.77 -18.09
C GLN B 426 41.66 23.75 -17.92
N LYS B 427 42.41 23.80 -19.02
CA LYS B 427 43.86 23.86 -18.95
C LYS B 427 44.32 25.11 -18.21
N THR B 428 43.76 26.27 -18.56
CA THR B 428 44.23 27.53 -18.00
C THR B 428 43.82 27.66 -16.54
N TYR B 429 42.56 27.32 -16.21
CA TYR B 429 42.04 27.63 -14.88
C TYR B 429 41.87 26.44 -13.97
N GLY B 430 41.71 25.23 -14.50
CA GLY B 430 41.57 24.02 -13.71
C GLY B 430 40.21 23.37 -13.88
N LYS B 431 40.06 22.23 -13.21
CA LYS B 431 38.85 21.41 -13.34
C LYS B 431 37.74 21.85 -12.41
N LEU B 432 38.07 22.49 -11.29
CA LEU B 432 37.03 22.91 -10.36
C LEU B 432 36.13 23.94 -11.03
N LEU B 433 34.82 23.83 -10.76
CA LEU B 433 33.85 24.62 -11.51
C LEU B 433 33.99 26.11 -11.21
N LYS B 434 34.36 26.47 -9.99
CA LYS B 434 34.56 27.89 -9.71
C LYS B 434 35.81 28.40 -10.39
N ASP B 435 36.73 27.52 -10.76
CA ASP B 435 37.88 27.92 -11.56
C ASP B 435 37.53 27.92 -13.04
N PHE B 436 36.85 26.86 -13.50
CA PHE B 436 36.36 26.81 -14.88
C PHE B 436 35.48 28.01 -15.23
N ASN B 437 34.61 28.44 -14.32
CA ASN B 437 33.75 29.58 -14.58
C ASN B 437 34.53 30.85 -14.92
N LYS B 438 35.76 30.98 -14.43
CA LYS B 438 36.54 32.16 -14.75
C LYS B 438 36.76 32.30 -16.25
N GLY B 439 36.79 31.18 -16.97
CA GLY B 439 37.00 31.22 -18.40
C GLY B 439 35.77 31.52 -19.21
N LEU B 440 34.60 31.56 -18.60
CA LEU B 440 33.34 31.80 -19.30
C LEU B 440 32.96 33.28 -19.38
N VAL B 441 33.75 34.16 -18.76
CA VAL B 441 33.50 35.59 -18.81
C VAL B 441 34.69 36.27 -19.49
N ASN B 442 34.40 37.27 -20.32
CA ASN B 442 35.44 38.02 -21.03
C ASN B 442 36.36 37.11 -21.84
N ASN B 443 35.74 36.16 -22.54
CA ASN B 443 36.44 35.17 -23.36
C ASN B 443 36.17 35.52 -24.82
N LYS B 444 37.15 36.15 -25.48
CA LYS B 444 36.94 36.62 -26.85
C LYS B 444 36.73 35.46 -27.83
N ASP B 445 37.40 34.32 -27.62
CA ASP B 445 37.17 33.15 -28.47
C ASP B 445 35.75 32.63 -28.31
N LEU B 446 35.22 32.67 -27.09
CA LEU B 446 33.85 32.26 -26.83
C LEU B 446 32.86 33.23 -27.47
N ASP B 447 33.11 34.55 -27.33
CA ASP B 447 32.27 35.54 -28.00
C ASP B 447 32.24 35.29 -29.51
N GLN B 448 33.38 34.93 -30.09
CA GLN B 448 33.42 34.76 -31.54
C GLN B 448 32.69 33.50 -31.98
N LEU B 449 32.78 32.44 -31.18
CA LEU B 449 32.02 31.24 -31.53
C LEU B 449 30.53 31.50 -31.45
N LYS B 450 30.08 32.28 -30.46
CA LYS B 450 28.67 32.66 -30.38
C LYS B 450 28.24 33.42 -31.63
N ALA B 451 29.04 34.42 -32.02
CA ALA B 451 28.75 35.17 -33.23
C ALA B 451 28.65 34.25 -34.45
N ASP B 452 29.60 33.33 -34.61
CA ASP B 452 29.56 32.43 -35.79
C ASP B 452 28.30 31.56 -35.76
N VAL B 453 27.93 31.06 -34.57
CA VAL B 453 26.79 30.17 -34.43
C VAL B 453 25.51 30.90 -34.80
N GLU B 454 25.36 32.13 -34.32
CA GLU B 454 24.12 32.86 -34.55
C GLU B 454 23.97 33.27 -36.00
N LYS B 455 25.08 33.68 -36.64
CA LYS B 455 25.03 34.00 -38.07
C LYS B 455 24.64 32.78 -38.88
N PHE B 456 25.18 31.62 -38.53
CA PHE B 456 24.82 30.37 -39.20
C PHE B 456 23.34 30.06 -39.01
N SER B 457 22.90 30.03 -37.76
CA SER B 457 21.52 29.62 -37.46
C SER B 457 20.51 30.56 -38.10
N ALA B 458 20.76 31.87 -37.99
CA ALA B 458 19.85 32.89 -38.50
C ALA B 458 19.65 32.80 -40.00
N SER B 459 20.47 32.03 -40.72
CA SER B 459 20.41 31.94 -42.18
C SER B 459 19.48 30.85 -42.70
N TYR B 460 18.88 30.05 -41.82
CA TYR B 460 17.97 28.98 -42.22
C TYR B 460 16.52 29.41 -41.99
N GLU B 461 15.61 28.75 -42.70
CA GLU B 461 14.18 29.01 -42.56
C GLU B 461 13.68 28.53 -41.21
N MET B 462 12.45 28.91 -40.88
CA MET B 462 11.87 28.53 -39.61
C MET B 462 10.38 28.22 -39.79
N PRO B 463 9.93 27.01 -39.48
CA PRO B 463 8.49 26.75 -39.50
C PRO B 463 7.81 27.43 -38.32
N GLY B 464 6.51 27.66 -38.47
CA GLY B 464 5.64 28.02 -37.36
C GLY B 464 5.36 29.52 -37.24
N PHE B 465 6.26 30.35 -37.75
CA PHE B 465 6.02 31.79 -37.87
C PHE B 465 6.90 32.28 -39.01
N LEU B 466 6.66 33.52 -39.40
CA LEU B 466 7.40 34.15 -40.50
C LEU B 466 8.52 35.03 -39.94
N MET B 467 9.76 34.62 -40.17
CA MET B 467 10.89 35.44 -39.75
C MET B 467 10.83 36.81 -40.41
N SER B 468 10.25 36.89 -41.61
CA SER B 468 10.17 38.16 -42.29
C SER B 468 9.27 39.16 -41.57
N GLU B 469 8.40 38.71 -40.66
CA GLU B 469 7.49 39.59 -39.95
C GLU B 469 7.76 39.68 -38.46
N MET B 470 8.79 39.00 -37.95
CA MET B 470 9.02 39.00 -36.52
C MET B 470 9.58 40.35 -36.05
N LYS B 471 9.40 40.63 -34.76
CA LYS B 471 9.74 41.94 -34.21
C LYS B 471 11.25 42.16 -34.15
N TYR B 472 12.01 41.11 -33.83
CA TYR B 472 13.47 41.16 -33.67
C TYR B 472 14.10 40.28 -34.75
N LYS B 473 14.41 40.88 -35.91
CA LYS B 473 14.95 40.15 -37.05
C LYS B 473 16.47 39.96 -36.99
N ASP B 474 17.13 40.63 -36.07
CA ASP B 474 18.55 40.40 -35.79
C ASP B 474 18.81 40.50 -34.28
N ALA C 3 -25.67 -26.56 41.46
CA ALA C 3 -25.82 -27.90 40.90
C ALA C 3 -24.71 -28.19 39.90
N MET C 4 -23.59 -27.47 40.00
CA MET C 4 -22.48 -27.70 39.09
C MET C 4 -21.83 -29.06 39.36
N GLU C 5 -21.19 -29.60 38.32
CA GLU C 5 -20.33 -30.76 38.48
C GLU C 5 -19.23 -30.43 39.50
N PRO C 6 -18.88 -31.34 40.41
CA PRO C 6 -17.82 -31.04 41.37
C PRO C 6 -16.50 -30.72 40.67
N VAL C 7 -15.75 -29.76 41.24
CA VAL C 7 -14.49 -29.32 40.64
C VAL C 7 -13.57 -30.51 40.40
N SER C 8 -13.55 -31.47 41.33
CA SER C 8 -12.61 -32.56 41.19
C SER C 8 -12.95 -33.44 40.00
N SER C 9 -14.23 -33.51 39.61
CA SER C 9 -14.64 -34.39 38.52
C SER C 9 -14.06 -33.94 37.18
N TRP C 10 -14.44 -32.74 36.72
CA TRP C 10 -13.91 -32.27 35.44
C TRP C 10 -12.49 -31.71 35.59
N GLY C 11 -12.13 -31.24 36.79
CA GLY C 11 -11.02 -30.31 36.93
C GLY C 11 -9.74 -30.91 37.48
N ASN C 12 -9.83 -31.98 38.26
CA ASN C 12 -8.64 -32.58 38.81
C ASN C 12 -8.36 -33.98 38.29
N THR C 13 -9.30 -34.57 37.56
CA THR C 13 -9.16 -35.94 37.06
C THR C 13 -8.10 -36.04 35.96
N SER C 14 -7.38 -37.15 35.94
CA SER C 14 -6.29 -37.32 34.99
C SER C 14 -6.80 -37.45 33.55
N LEU C 15 -5.91 -37.10 32.61
CA LEU C 15 -6.24 -37.18 31.19
C LEU C 15 -6.67 -38.57 30.76
N VAL C 16 -5.98 -39.61 31.24
CA VAL C 16 -6.33 -40.97 30.83
C VAL C 16 -7.80 -41.27 31.12
N SER C 17 -8.36 -40.71 32.21
CA SER C 17 -9.76 -40.89 32.56
C SER C 17 -10.69 -39.89 31.86
N VAL C 18 -10.27 -38.63 31.74
CA VAL C 18 -11.14 -37.61 31.14
C VAL C 18 -11.29 -37.83 29.63
N ASP C 19 -10.21 -38.18 28.96
CA ASP C 19 -10.19 -38.22 27.49
C ASP C 19 -9.33 -39.38 27.04
N PRO C 20 -9.82 -40.62 27.19
CA PRO C 20 -9.03 -41.78 26.76
C PRO C 20 -8.62 -41.74 25.30
N GLU C 21 -9.45 -41.16 24.43
CA GLU C 21 -9.10 -41.10 23.02
C GLU C 21 -7.84 -40.29 22.81
N ILE C 22 -7.77 -39.11 23.43
CA ILE C 22 -6.60 -38.26 23.28
C ILE C 22 -5.41 -38.85 24.02
N HIS C 23 -5.64 -39.36 25.23
CA HIS C 23 -4.58 -40.06 25.95
C HIS C 23 -3.97 -41.18 25.09
N ASP C 24 -4.83 -41.99 24.45
CA ASP C 24 -4.34 -43.09 23.61
C ASP C 24 -3.51 -42.57 22.43
N LEU C 25 -3.95 -41.50 21.80
CA LEU C 25 -3.21 -40.98 20.65
C LEU C 25 -1.85 -40.39 21.05
N ILE C 26 -1.78 -39.75 22.23
CA ILE C 26 -0.47 -39.27 22.69
C ILE C 26 0.45 -40.46 22.97
N GLU C 27 -0.10 -41.54 23.50
CA GLU C 27 0.73 -42.72 23.73
C GLU C 27 1.22 -43.32 22.42
N LYS C 28 0.37 -43.34 21.38
CA LYS C 28 0.84 -43.83 20.08
C LYS C 28 1.94 -42.94 19.53
N GLU C 29 1.81 -41.62 19.71
CA GLU C 29 2.82 -40.68 19.23
C GLU C 29 4.10 -40.80 20.03
N LYS C 30 4.00 -41.06 21.35
CA LYS C 30 5.20 -41.31 22.14
C LYS C 30 5.95 -42.52 21.62
N ARG C 31 5.24 -43.60 21.30
CA ARG C 31 5.94 -44.76 20.77
C ARG C 31 6.55 -44.47 19.41
N ARG C 32 5.84 -43.72 18.56
CA ARG C 32 6.38 -43.40 17.25
C ARG C 32 7.70 -42.62 17.38
N GLN C 33 7.75 -41.69 18.33
CA GLN C 33 8.94 -40.86 18.47
C GLN C 33 10.17 -41.67 18.85
N CYS C 34 10.02 -42.72 19.65
CA CYS C 34 11.22 -43.42 20.10
C CYS C 34 11.41 -44.78 19.44
N ARG C 35 10.67 -45.06 18.36
CA ARG C 35 10.90 -46.27 17.60
C ARG C 35 11.27 -46.02 16.14
N GLY C 36 11.44 -44.76 15.72
CA GLY C 36 11.91 -44.44 14.39
C GLY C 36 13.22 -43.66 14.45
N ILE C 37 13.76 -43.38 13.28
CA ILE C 37 14.96 -42.56 13.15
C ILE C 37 14.52 -41.17 12.70
N GLU C 38 14.63 -40.21 13.60
CA GLU C 38 14.20 -38.83 13.38
C GLU C 38 15.37 -38.03 12.80
N LEU C 39 15.28 -37.71 11.50
CA LEU C 39 16.31 -36.95 10.79
C LEU C 39 15.83 -35.61 10.30
N ILE C 40 14.63 -35.17 10.69
CA ILE C 40 14.18 -33.83 10.32
C ILE C 40 15.05 -32.83 11.08
N ALA C 41 15.78 -32.00 10.33
CA ALA C 41 16.79 -31.14 10.93
C ALA C 41 16.21 -30.06 11.84
N SER C 42 14.93 -29.75 11.70
CA SER C 42 14.25 -28.83 12.59
C SER C 42 13.67 -29.51 13.82
N GLU C 43 13.79 -30.84 13.94
CA GLU C 43 13.17 -31.58 15.03
C GLU C 43 14.18 -31.81 16.16
N ASN C 44 13.67 -31.89 17.39
CA ASN C 44 14.48 -32.30 18.52
C ASN C 44 13.55 -32.98 19.54
N PHE C 45 14.16 -33.51 20.59
CA PHE C 45 13.41 -34.13 21.68
C PHE C 45 13.78 -33.37 22.96
N THR C 46 12.81 -32.66 23.55
CA THR C 46 13.14 -31.77 24.66
C THR C 46 13.05 -32.53 26.00
N SER C 47 13.45 -31.85 27.07
CA SER C 47 13.55 -32.54 28.36
C SER C 47 12.20 -32.64 29.06
N PHE C 48 12.12 -33.60 29.98
CA PHE C 48 10.94 -33.73 30.83
C PHE C 48 10.76 -32.49 31.69
N ALA C 49 11.86 -31.86 32.09
CA ALA C 49 11.79 -30.64 32.91
C ALA C 49 11.12 -29.51 32.16
N VAL C 50 11.50 -29.31 30.89
CA VAL C 50 10.80 -28.36 30.03
C VAL C 50 9.32 -28.72 29.94
N ILE C 51 9.02 -30.00 29.68
CA ILE C 51 7.63 -30.43 29.53
C ILE C 51 6.83 -30.20 30.81
N GLU C 52 7.45 -30.34 31.99
CA GLU C 52 6.73 -30.09 33.24
C GLU C 52 6.37 -28.61 33.41
N ALA C 53 7.26 -27.72 32.98
CA ALA C 53 6.91 -26.29 33.05
C ALA C 53 5.87 -25.95 31.98
N LEU C 54 5.98 -26.56 30.80
CA LEU C 54 5.05 -26.32 29.71
C LEU C 54 3.63 -26.71 30.11
N GLY C 55 3.47 -27.89 30.72
CA GLY C 55 2.18 -28.32 31.22
C GLY C 55 2.01 -27.93 32.66
N SER C 56 1.65 -26.67 32.92
CA SER C 56 1.55 -26.19 34.30
C SER C 56 0.50 -25.08 34.41
N ALA C 57 0.21 -24.71 35.66
CA ALA C 57 -0.73 -23.63 35.96
C ALA C 57 -0.30 -22.28 35.39
N LEU C 58 0.93 -22.14 34.90
CA LEU C 58 1.29 -20.89 34.22
C LEU C 58 0.35 -20.57 33.07
N THR C 59 -0.31 -21.58 32.50
CA THR C 59 -1.28 -21.34 31.42
C THR C 59 -2.46 -20.53 31.90
N ASN C 60 -2.72 -20.46 33.20
CA ASN C 60 -3.89 -19.74 33.68
C ASN C 60 -3.72 -18.24 33.82
N LYS C 61 -2.55 -17.65 33.56
CA LYS C 61 -2.35 -16.26 33.90
C LYS C 61 -2.25 -15.37 32.67
N TYR C 62 -3.12 -14.35 32.59
CA TYR C 62 -2.99 -13.24 31.64
C TYR C 62 -2.02 -12.20 32.18
N SER C 63 -1.07 -11.77 31.37
CA SER C 63 -0.02 -10.87 31.85
C SER C 63 0.38 -9.87 30.77
N GLU C 64 -0.61 -9.26 30.11
CA GLU C 64 -0.33 -8.31 29.04
C GLU C 64 0.61 -7.21 29.52
N GLY C 65 1.55 -6.86 28.66
CA GLY C 65 2.62 -5.92 29.00
C GLY C 65 3.96 -6.62 29.06
N ILE C 66 4.93 -5.95 29.70
CA ILE C 66 6.23 -6.53 30.03
C ILE C 66 6.48 -6.31 31.51
N PRO C 67 7.45 -6.99 32.12
CA PRO C 67 7.77 -6.72 33.53
C PRO C 67 8.01 -5.25 33.76
N GLY C 68 7.45 -4.73 34.86
CA GLY C 68 7.55 -3.31 35.14
C GLY C 68 6.69 -2.41 34.28
N ASN C 69 5.96 -2.96 33.33
CA ASN C 69 5.00 -2.17 32.56
C ASN C 69 3.84 -3.10 32.15
N ARG C 70 3.12 -3.61 33.14
CA ARG C 70 1.98 -4.49 32.93
C ARG C 70 0.68 -3.69 32.91
N TYR C 71 -0.32 -4.24 32.21
CA TYR C 71 -1.60 -3.54 32.12
C TYR C 71 -2.44 -3.69 33.39
N TYR C 72 -2.34 -4.81 34.09
CA TYR C 72 -3.10 -5.04 35.31
C TYR C 72 -2.21 -5.84 36.27
N GLY C 73 -2.81 -6.40 37.32
CA GLY C 73 -2.07 -6.91 38.46
C GLY C 73 -2.00 -8.43 38.50
N GLY C 74 -1.60 -8.92 39.68
CA GLY C 74 -1.39 -10.33 39.89
C GLY C 74 -0.12 -10.90 39.29
N ASN C 75 0.81 -10.05 38.88
CA ASN C 75 1.95 -10.52 38.08
C ASN C 75 3.24 -10.68 38.88
N GLU C 76 3.16 -10.73 40.20
CA GLU C 76 4.41 -10.77 40.99
C GLU C 76 5.33 -11.88 40.52
N PHE C 77 4.77 -13.07 40.33
CA PHE C 77 5.62 -14.20 40.01
C PHE C 77 5.80 -14.39 38.51
N ILE C 78 4.79 -14.03 37.69
CA ILE C 78 5.01 -13.99 36.24
C ILE C 78 6.18 -13.07 35.92
N ASP C 79 6.27 -11.94 36.62
CA ASP C 79 7.35 -11.01 36.37
C ASP C 79 8.71 -11.64 36.69
N GLU C 80 8.81 -12.33 37.83
CA GLU C 80 10.07 -12.99 38.16
C GLU C 80 10.45 -14.02 37.09
N ILE C 81 9.46 -14.78 36.60
CA ILE C 81 9.73 -15.80 35.60
C ILE C 81 10.22 -15.18 34.30
N GLU C 82 9.50 -14.15 33.81
CA GLU C 82 9.88 -13.55 32.54
C GLU C 82 11.21 -12.82 32.66
N ASN C 83 11.46 -12.17 33.81
CA ASN C 83 12.73 -11.51 34.05
C ASN C 83 13.88 -12.53 34.03
N LEU C 84 13.67 -13.67 34.71
CA LEU C 84 14.67 -14.74 34.72
C LEU C 84 14.83 -15.34 33.32
N CYS C 85 13.74 -15.50 32.59
CA CYS C 85 13.85 -16.02 31.24
C CYS C 85 14.70 -15.09 30.38
N ARG C 86 14.45 -13.79 30.46
CA ARG C 86 15.20 -12.84 29.62
C ARG C 86 16.67 -12.82 29.99
N SER C 87 16.97 -12.83 31.30
CA SER C 87 18.37 -12.81 31.74
C SER C 87 19.09 -14.08 31.33
N ARG C 88 18.39 -15.22 31.41
CA ARG C 88 19.01 -16.48 31.00
C ARG C 88 19.20 -16.54 29.49
N ALA C 89 18.33 -15.87 28.72
CA ALA C 89 18.51 -15.82 27.27
C ALA C 89 19.75 -15.00 26.91
N LEU C 90 19.91 -13.82 27.52
CA LEU C 90 21.10 -13.03 27.26
C LEU C 90 22.36 -13.77 27.69
N GLU C 91 22.30 -14.48 28.81
CA GLU C 91 23.47 -15.21 29.29
C GLU C 91 23.83 -16.36 28.36
N ALA C 92 22.83 -17.10 27.89
CA ALA C 92 23.10 -18.26 27.03
C ALA C 92 23.74 -17.83 25.72
N PHE C 93 23.43 -16.62 25.25
CA PHE C 93 23.98 -16.12 24.00
C PHE C 93 25.07 -15.08 24.23
N HIS C 94 25.56 -14.97 25.47
CA HIS C 94 26.80 -14.26 25.79
C HIS C 94 26.70 -12.77 25.48
N CYS C 95 25.53 -12.21 25.73
CA CYS C 95 25.23 -10.80 25.48
C CYS C 95 25.40 -9.95 26.73
N ASP C 96 26.07 -8.83 26.57
CA ASP C 96 26.10 -7.80 27.60
C ASP C 96 24.71 -7.18 27.67
N PRO C 97 24.03 -7.24 28.82
CA PRO C 97 22.67 -6.66 28.91
C PRO C 97 22.65 -5.16 28.73
N ALA C 98 23.80 -4.48 28.81
CA ALA C 98 23.83 -3.07 28.48
C ALA C 98 23.80 -2.82 26.98
N ALA C 99 24.13 -3.84 26.18
CA ALA C 99 24.24 -3.70 24.73
C ALA C 99 23.19 -4.50 23.98
N TRP C 100 22.42 -5.33 24.68
CA TRP C 100 21.48 -6.25 24.07
C TRP C 100 20.28 -6.40 24.99
N GLY C 101 19.08 -6.39 24.40
CA GLY C 101 17.87 -6.77 25.11
C GLY C 101 17.21 -7.93 24.37
N VAL C 102 16.18 -8.50 25.01
CA VAL C 102 15.45 -9.59 24.37
C VAL C 102 13.99 -9.55 24.81
N ASN C 103 13.11 -9.92 23.88
CA ASN C 103 11.70 -10.12 24.15
C ASN C 103 11.40 -11.61 23.98
N VAL C 104 10.88 -12.25 25.04
CA VAL C 104 10.69 -13.70 25.06
C VAL C 104 9.22 -14.06 24.90
N GLN C 105 8.38 -13.11 24.50
CA GLN C 105 6.97 -13.41 24.32
C GLN C 105 6.52 -13.94 22.95
N PRO C 106 7.29 -13.83 21.85
CA PRO C 106 6.78 -14.36 20.58
C PRO C 106 6.25 -15.79 20.71
N TYR C 107 5.08 -16.04 20.11
CA TYR C 107 4.49 -17.36 20.32
C TYR C 107 5.30 -18.48 19.66
N SER C 108 6.09 -18.16 18.65
CA SER C 108 6.87 -19.15 17.92
C SER C 108 7.88 -18.39 17.05
N GLY C 109 8.58 -19.12 16.19
CA GLY C 109 9.57 -18.47 15.35
C GLY C 109 8.96 -17.50 14.34
N SER C 110 7.92 -17.94 13.63
CA SER C 110 7.33 -17.08 12.61
C SER C 110 6.72 -15.82 13.22
N PRO C 111 5.99 -15.90 14.34
CA PRO C 111 5.59 -14.65 15.02
C PRO C 111 6.76 -13.78 15.41
N ALA C 112 7.88 -14.36 15.84
CA ALA C 112 9.02 -13.53 16.20
C ALA C 112 9.49 -12.73 14.99
N ASN C 113 9.57 -13.38 13.83
CA ASN C 113 10.03 -12.67 12.64
C ASN C 113 9.07 -11.58 12.24
N PHE C 114 7.75 -11.87 12.24
CA PHE C 114 6.85 -10.84 11.73
C PHE C 114 6.79 -9.65 12.68
N ALA C 115 6.92 -9.89 13.98
CA ALA C 115 6.99 -8.80 14.94
C ALA C 115 8.21 -7.94 14.71
N ALA C 116 9.36 -8.57 14.43
CA ALA C 116 10.56 -7.80 14.14
C ALA C 116 10.37 -6.94 12.90
N TYR C 117 9.74 -7.51 11.87
CA TYR C 117 9.47 -6.71 10.67
C TYR C 117 8.53 -5.55 10.98
N THR C 118 7.47 -5.80 11.75
CA THR C 118 6.50 -4.75 12.05
C THR C 118 7.15 -3.62 12.85
N ALA C 119 8.06 -3.97 13.76
CA ALA C 119 8.78 -2.96 14.55
C ALA C 119 9.74 -2.15 13.70
N LEU C 120 10.49 -2.81 12.82
CA LEU C 120 11.60 -2.13 12.15
C LEU C 120 11.21 -1.44 10.86
N LEU C 121 10.13 -1.87 10.20
CA LEU C 121 9.79 -1.48 8.84
C LEU C 121 8.39 -0.91 8.76
N GLN C 122 8.16 -0.18 7.66
CA GLN C 122 6.86 0.29 7.19
C GLN C 122 6.28 -0.72 6.21
N PRO C 123 4.96 -0.84 6.13
CA PRO C 123 4.36 -1.68 5.08
C PRO C 123 4.95 -1.35 3.71
N HIS C 124 5.19 -2.39 2.92
CA HIS C 124 5.80 -2.35 1.59
C HIS C 124 7.29 -2.06 1.56
N ASP C 125 7.97 -1.91 2.70
CA ASP C 125 9.41 -1.75 2.67
C ASP C 125 10.10 -2.97 2.05
N ARG C 126 11.26 -2.76 1.43
CA ARG C 126 11.98 -3.84 0.78
C ARG C 126 12.82 -4.69 1.74
N ILE C 127 12.76 -6.02 1.53
CA ILE C 127 13.43 -7.03 2.36
C ILE C 127 14.13 -8.00 1.41
N MET C 128 15.33 -8.47 1.80
CA MET C 128 16.01 -9.56 1.09
C MET C 128 16.35 -10.67 2.07
N GLY C 129 16.08 -11.91 1.66
CA GLY C 129 16.47 -13.06 2.44
C GLY C 129 16.87 -14.19 1.53
N LEU C 130 17.49 -15.22 2.12
CA LEU C 130 17.89 -16.39 1.34
C LEU C 130 16.69 -17.05 0.64
N ASP C 131 16.86 -17.33 -0.65
CA ASP C 131 15.82 -17.98 -1.45
C ASP C 131 15.41 -19.31 -0.82
N LEU C 132 14.11 -19.62 -0.86
CA LEU C 132 13.66 -20.91 -0.33
C LEU C 132 14.39 -22.08 -0.98
N PRO C 133 14.47 -22.18 -2.32
CA PRO C 133 15.25 -23.29 -2.92
C PRO C 133 16.73 -23.27 -2.59
N SER C 134 17.27 -22.16 -2.09
CA SER C 134 18.68 -22.08 -1.72
C SER C 134 18.91 -22.36 -0.25
N GLY C 135 17.86 -22.69 0.49
CA GLY C 135 17.95 -23.01 1.90
C GLY C 135 17.32 -22.01 2.86
N GLY C 136 16.56 -21.03 2.37
CA GLY C 136 15.96 -20.03 3.23
C GLY C 136 14.65 -20.54 3.84
N HIS C 137 13.99 -19.66 4.60
CA HIS C 137 12.74 -19.98 5.27
C HIS C 137 11.60 -19.15 4.69
N LEU C 138 10.40 -19.73 4.67
CA LEU C 138 9.21 -19.00 4.19
C LEU C 138 9.10 -17.59 4.77
N THR C 139 9.38 -17.42 6.07
CA THR C 139 9.22 -16.11 6.69
C THR C 139 10.21 -15.07 6.15
N HIS C 140 11.23 -15.47 5.41
CA HIS C 140 12.14 -14.48 4.85
C HIS C 140 11.61 -13.91 3.54
N GLY C 141 10.45 -14.37 3.08
CA GLY C 141 9.92 -13.95 1.79
C GLY C 141 9.78 -15.13 0.84
N TYR C 142 8.67 -15.18 0.12
CA TYR C 142 8.48 -16.18 -0.92
C TYR C 142 7.30 -15.81 -1.81
N TYR C 143 7.57 -15.68 -3.10
CA TYR C 143 6.54 -15.58 -4.10
C TYR C 143 6.88 -16.49 -5.27
N THR C 144 5.84 -17.00 -5.92
CA THR C 144 6.01 -17.98 -6.98
C THR C 144 6.31 -17.30 -8.31
N SER C 145 6.74 -18.09 -9.28
CA SER C 145 7.04 -17.57 -10.60
C SER C 145 5.83 -16.90 -11.25
N GLY C 146 4.61 -17.39 -10.94
CA GLY C 146 3.39 -16.71 -11.32
C GLY C 146 3.07 -15.45 -10.54
N GLY C 147 3.96 -15.04 -9.64
CA GLY C 147 3.78 -13.85 -8.85
C GLY C 147 2.87 -14.01 -7.65
N LYS C 148 2.47 -15.24 -7.31
CA LYS C 148 1.62 -15.43 -6.15
C LYS C 148 2.43 -15.21 -4.87
N LYS C 149 1.90 -14.39 -3.97
CA LYS C 149 2.63 -14.05 -2.76
C LYS C 149 2.26 -15.09 -1.70
N ILE C 150 3.25 -15.88 -1.30
CA ILE C 150 2.99 -17.02 -0.44
C ILE C 150 3.19 -16.68 1.02
N SER C 151 4.35 -16.12 1.34
CA SER C 151 4.65 -15.68 2.70
C SER C 151 3.94 -14.36 2.99
N ALA C 152 3.44 -14.22 4.21
CA ALA C 152 2.99 -12.91 4.67
C ALA C 152 4.07 -11.84 4.55
N THR C 153 5.34 -12.25 4.65
CA THR C 153 6.43 -11.30 4.47
C THR C 153 6.37 -10.68 3.08
N SER C 154 6.02 -11.49 2.09
CA SER C 154 5.89 -10.98 0.72
C SER C 154 4.55 -10.30 0.47
N ILE C 155 3.54 -10.55 1.32
CA ILE C 155 2.23 -9.93 1.17
C ILE C 155 2.27 -8.49 1.68
N TYR C 156 2.86 -8.28 2.85
CA TYR C 156 2.86 -6.99 3.51
C TYR C 156 4.12 -6.19 3.29
N PHE C 157 5.20 -6.82 2.80
CA PHE C 157 6.43 -6.13 2.45
C PHE C 157 6.81 -6.53 1.03
N GLU C 158 7.93 -5.99 0.54
CA GLU C 158 8.40 -6.20 -0.83
C GLU C 158 9.72 -6.98 -0.78
N SER C 159 9.66 -8.29 -1.04
CA SER C 159 10.82 -9.14 -0.83
C SER C 159 11.51 -9.46 -2.15
N LEU C 160 12.81 -9.76 -2.07
CA LEU C 160 13.61 -10.24 -3.20
C LEU C 160 14.67 -11.20 -2.63
N PRO C 161 14.75 -12.43 -3.14
CA PRO C 161 15.68 -13.41 -2.56
C PRO C 161 17.08 -13.32 -3.16
N TYR C 162 18.04 -13.79 -2.38
CA TYR C 162 19.38 -14.05 -2.86
C TYR C 162 19.65 -15.56 -2.77
N LYS C 163 20.64 -16.03 -3.54
CA LYS C 163 20.77 -17.47 -3.77
C LYS C 163 22.18 -17.98 -3.48
N VAL C 164 22.28 -19.31 -3.37
CA VAL C 164 23.58 -19.96 -3.35
C VAL C 164 24.14 -20.00 -4.77
N ASN C 165 25.47 -20.07 -4.84
CA ASN C 165 26.15 -20.40 -6.09
C ASN C 165 25.69 -21.77 -6.60
N PHE C 166 25.25 -21.79 -7.86
CA PHE C 166 24.66 -23.01 -8.43
C PHE C 166 25.68 -24.11 -8.64
N THR C 167 26.98 -23.78 -8.63
CA THR C 167 28.04 -24.76 -8.80
C THR C 167 28.61 -25.26 -7.47
N THR C 168 28.81 -24.38 -6.50
CA THR C 168 29.51 -24.72 -5.26
C THR C 168 28.59 -25.04 -4.08
N GLY C 169 27.39 -24.48 -4.06
CA GLY C 169 26.49 -24.66 -2.94
C GLY C 169 26.64 -23.63 -1.84
N TYR C 170 27.64 -22.75 -1.93
CA TYR C 170 27.81 -21.71 -0.93
C TYR C 170 27.02 -20.48 -1.33
N ILE C 171 26.70 -19.66 -0.33
CA ILE C 171 26.05 -18.38 -0.61
C ILE C 171 26.90 -17.58 -1.60
N ASP C 172 26.25 -17.01 -2.62
CA ASP C 172 27.03 -16.20 -3.56
C ASP C 172 27.02 -14.76 -3.05
N TYR C 173 28.05 -14.40 -2.28
CA TYR C 173 28.09 -13.07 -1.67
C TYR C 173 28.22 -11.97 -2.70
N ASP C 174 28.91 -12.22 -3.83
CA ASP C 174 29.03 -11.19 -4.85
C ASP C 174 27.69 -10.89 -5.52
N LYS C 175 26.92 -11.92 -5.88
CA LYS C 175 25.61 -11.69 -6.48
C LYS C 175 24.65 -11.06 -5.48
N LEU C 176 24.76 -11.46 -4.20
CA LEU C 176 23.98 -10.80 -3.15
C LEU C 176 24.28 -9.31 -3.08
N GLU C 177 25.56 -8.94 -3.06
CA GLU C 177 25.87 -7.52 -2.97
C GLU C 177 25.35 -6.77 -4.19
N GLU C 178 25.46 -7.39 -5.36
CA GLU C 178 24.97 -6.76 -6.60
C GLU C 178 23.46 -6.52 -6.53
N LYS C 179 22.70 -7.52 -6.05
CA LYS C 179 21.25 -7.38 -5.97
C LYS C 179 20.85 -6.37 -4.91
N ALA C 180 21.54 -6.35 -3.77
CA ALA C 180 21.21 -5.40 -2.71
C ALA C 180 21.46 -3.97 -3.18
N LEU C 181 22.53 -3.77 -3.96
CA LEU C 181 22.81 -2.44 -4.48
C LEU C 181 21.72 -1.98 -5.45
N ASP C 182 21.13 -2.93 -6.19
CA ASP C 182 20.12 -2.56 -7.18
C ASP C 182 18.76 -2.36 -6.51
N PHE C 183 18.39 -3.29 -5.64
CA PHE C 183 17.07 -3.38 -5.00
C PHE C 183 16.97 -2.44 -3.80
N ARG C 184 18.07 -2.23 -3.07
CA ARG C 184 18.15 -1.36 -1.91
C ARG C 184 17.17 -1.76 -0.81
N PRO C 185 17.31 -2.96 -0.24
CA PRO C 185 16.41 -3.35 0.85
C PRO C 185 16.60 -2.45 2.08
N LYS C 186 15.52 -2.30 2.84
CA LYS C 186 15.62 -1.69 4.17
C LYS C 186 16.09 -2.70 5.21
N LEU C 187 15.85 -3.99 4.97
CA LEU C 187 16.21 -5.06 5.88
C LEU C 187 16.87 -6.16 5.05
N LEU C 188 18.06 -6.57 5.45
CA LEU C 188 18.73 -7.73 4.90
C LEU C 188 18.71 -8.83 5.96
N ILE C 189 18.23 -10.02 5.58
CA ILE C 189 18.10 -11.13 6.51
C ILE C 189 19.17 -12.15 6.15
N CYS C 190 19.86 -12.65 7.15
CA CYS C 190 20.72 -13.82 7.04
C CYS C 190 20.17 -14.91 7.95
N GLY C 191 20.66 -16.12 7.75
CA GLY C 191 20.10 -17.26 8.44
C GLY C 191 19.27 -18.12 7.51
N GLY C 192 19.18 -19.41 7.80
CA GLY C 192 18.45 -20.25 6.87
C GLY C 192 18.04 -21.55 7.51
N SER C 193 17.31 -22.35 6.71
CA SER C 193 16.74 -23.62 7.17
C SER C 193 17.45 -24.85 6.60
N ALA C 194 18.16 -24.70 5.49
CA ALA C 194 18.77 -25.85 4.84
C ALA C 194 20.07 -25.43 4.17
N TYR C 195 20.97 -24.80 4.94
CA TYR C 195 22.27 -24.41 4.43
C TYR C 195 23.32 -25.13 5.25
N PRO C 196 24.21 -25.91 4.66
CA PRO C 196 25.12 -26.76 5.44
C PRO C 196 26.45 -26.11 5.83
N ARG C 197 26.59 -24.80 5.70
CA ARG C 197 27.84 -24.15 6.03
C ARG C 197 27.55 -22.99 6.94
N ASP C 198 28.61 -22.48 7.57
CA ASP C 198 28.42 -21.32 8.44
C ASP C 198 28.28 -20.05 7.60
N TRP C 199 27.93 -18.96 8.29
CA TRP C 199 27.56 -17.69 7.67
C TRP C 199 28.64 -16.66 7.94
N ASP C 200 28.98 -15.87 6.91
CA ASP C 200 29.96 -14.79 7.06
C ASP C 200 29.21 -13.52 7.44
N TYR C 201 28.95 -13.38 8.75
CA TYR C 201 28.17 -12.23 9.22
C TYR C 201 28.91 -10.92 9.00
N ALA C 202 30.24 -10.93 9.11
CA ALA C 202 31.01 -9.72 8.85
C ALA C 202 30.78 -9.22 7.43
N ARG C 203 30.71 -10.14 6.46
CA ARG C 203 30.45 -9.76 5.08
C ARG C 203 29.01 -9.28 4.91
N PHE C 204 28.05 -9.93 5.58
CA PHE C 204 26.68 -9.42 5.53
C PHE C 204 26.61 -8.00 6.08
N ARG C 205 27.37 -7.70 7.14
CA ARG C 205 27.38 -6.33 7.66
C ARG C 205 28.00 -5.35 6.66
N ALA C 206 29.06 -5.77 5.97
CA ALA C 206 29.67 -4.90 4.96
C ALA C 206 28.66 -4.55 3.88
N ILE C 207 27.89 -5.54 3.43
CA ILE C 207 26.88 -5.32 2.39
C ILE C 207 25.75 -4.44 2.91
N ALA C 208 25.21 -4.79 4.08
CA ALA C 208 24.14 -3.98 4.65
C ALA C 208 24.57 -2.52 4.82
N ASP C 209 25.82 -2.29 5.21
CA ASP C 209 26.28 -0.91 5.38
C ASP C 209 26.37 -0.18 4.05
N LYS C 210 26.66 -0.89 2.96
CA LYS C 210 26.76 -0.24 1.66
C LYS C 210 25.42 0.29 1.16
N VAL C 211 24.31 -0.32 1.58
CA VAL C 211 22.99 0.08 1.13
C VAL C 211 22.16 0.72 2.23
N GLY C 212 22.71 0.84 3.44
CA GLY C 212 21.99 1.47 4.51
C GLY C 212 20.93 0.61 5.12
N ALA C 213 20.98 -0.70 4.87
CA ALA C 213 19.99 -1.62 5.38
C ALA C 213 20.26 -1.97 6.84
N LEU C 214 19.18 -2.34 7.54
CA LEU C 214 19.29 -3.06 8.80
C LEU C 214 19.69 -4.52 8.51
N LEU C 215 20.38 -5.15 9.47
CA LEU C 215 20.84 -6.52 9.32
C LEU C 215 20.24 -7.38 10.41
N LEU C 216 19.46 -8.40 10.01
CA LEU C 216 18.78 -9.29 10.95
C LEU C 216 19.28 -10.71 10.70
N CYS C 217 19.60 -11.43 11.76
CA CYS C 217 19.90 -12.86 11.64
C CYS C 217 18.76 -13.66 12.25
N ASP C 218 18.25 -14.60 11.49
CA ASP C 218 17.28 -15.58 11.97
C ASP C 218 18.06 -16.85 12.25
N MET C 219 18.41 -17.08 13.53
CA MET C 219 19.29 -18.20 13.87
C MET C 219 18.54 -19.46 14.32
N ALA C 220 17.23 -19.55 14.03
CA ALA C 220 16.39 -20.67 14.47
C ALA C 220 17.05 -22.06 14.36
N HIS C 221 17.62 -22.38 13.22
CA HIS C 221 18.13 -23.76 13.05
C HIS C 221 19.41 -23.99 13.84
N ILE C 222 20.21 -22.96 14.05
CA ILE C 222 21.54 -23.16 14.61
C ILE C 222 21.66 -22.58 16.01
N SER C 223 20.54 -22.17 16.64
CA SER C 223 20.65 -21.37 17.86
C SER C 223 21.37 -22.14 18.96
N GLY C 224 21.20 -23.47 19.03
CA GLY C 224 21.91 -24.24 20.04
C GLY C 224 23.40 -24.27 19.78
N LEU C 225 23.78 -24.30 18.49
CA LEU C 225 25.19 -24.23 18.15
C LEU C 225 25.76 -22.85 18.50
N VAL C 226 25.01 -21.78 18.21
CA VAL C 226 25.47 -20.42 18.53
C VAL C 226 25.66 -20.28 20.03
N ALA C 227 24.66 -20.73 20.82
CA ALA C 227 24.79 -20.64 22.28
C ALA C 227 26.03 -21.37 22.77
N ALA C 228 26.33 -22.54 22.23
CA ALA C 228 27.45 -23.35 22.67
C ALA C 228 28.78 -22.88 22.13
N GLN C 229 28.79 -21.79 21.34
CA GLN C 229 29.99 -21.25 20.70
C GLN C 229 30.59 -22.28 19.75
N GLU C 230 29.70 -22.98 19.05
CA GLU C 230 30.04 -23.99 18.05
C GLU C 230 29.59 -23.53 16.66
N ALA C 231 29.34 -22.23 16.51
CA ALA C 231 28.94 -21.59 15.27
C ALA C 231 29.34 -20.13 15.40
N ALA C 232 29.62 -19.48 14.27
CA ALA C 232 29.96 -18.06 14.31
C ALA C 232 28.83 -17.28 14.97
N ASN C 233 29.19 -16.18 15.62
CA ASN C 233 28.24 -15.49 16.51
C ASN C 233 27.54 -14.38 15.74
N PRO C 234 26.24 -14.49 15.44
CA PRO C 234 25.58 -13.41 14.67
C PRO C 234 25.48 -12.11 15.43
N PHE C 235 25.47 -12.16 16.76
CA PHE C 235 25.34 -10.95 17.56
C PHE C 235 26.51 -9.99 17.37
N GLU C 236 27.68 -10.48 16.93
CA GLU C 236 28.82 -9.59 16.68
C GLU C 236 28.52 -8.55 15.61
N TYR C 237 27.62 -8.86 14.67
CA TYR C 237 27.41 -8.03 13.49
C TYR C 237 25.99 -7.64 13.18
N CYS C 238 24.99 -8.28 13.77
CA CYS C 238 23.61 -8.02 13.40
C CYS C 238 22.94 -7.05 14.36
N ASP C 239 21.98 -6.30 13.82
CA ASP C 239 21.19 -5.35 14.63
C ASP C 239 20.20 -6.08 15.52
N VAL C 240 19.58 -7.14 14.98
CA VAL C 240 18.47 -7.86 15.56
C VAL C 240 18.73 -9.33 15.26
N VAL C 241 18.50 -10.20 16.24
CA VAL C 241 18.58 -11.64 16.02
C VAL C 241 17.27 -12.28 16.47
N THR C 242 16.63 -13.04 15.58
CA THR C 242 15.40 -13.74 15.95
C THR C 242 15.69 -15.23 16.01
N THR C 243 14.85 -15.97 16.74
CA THR C 243 15.08 -17.41 16.83
C THR C 243 13.81 -18.09 17.31
N THR C 244 13.69 -19.36 16.93
CA THR C 244 12.89 -20.33 17.65
C THR C 244 13.63 -20.73 18.91
N THR C 245 12.92 -21.40 19.82
CA THR C 245 13.55 -21.90 21.02
C THR C 245 13.56 -23.42 21.05
N HIS C 246 12.89 -24.06 20.09
CA HIS C 246 12.99 -25.50 19.91
C HIS C 246 14.18 -25.76 18.97
N1 LLP C 247 12.94 -19.19 10.76
C2 LLP C 247 13.76 -20.22 10.47
C2' LLP C 247 15.12 -19.96 9.82
C3 LLP C 247 13.35 -21.50 10.76
O3 LLP C 247 14.20 -22.57 10.48
C4 LLP C 247 12.12 -21.74 11.33
C4' LLP C 247 11.84 -23.22 11.65
C5 LLP C 247 11.29 -20.68 11.62
C6 LLP C 247 11.73 -19.40 11.30
C5' LLP C 247 9.87 -20.72 12.19
OP4 LLP C 247 9.70 -21.42 13.38
P LLP C 247 8.15 -21.80 13.75
OP1 LLP C 247 8.16 -22.03 15.24
OP2 LLP C 247 7.85 -23.05 12.93
OP3 LLP C 247 7.19 -20.68 13.36
N LLP C 247 14.05 -26.72 18.06
CA LLP C 247 15.11 -27.07 17.10
CB LLP C 247 15.27 -26.00 16.01
CG LLP C 247 13.90 -25.77 15.33
CD LLP C 247 14.08 -24.87 14.09
CE LLP C 247 12.80 -24.88 13.24
NZ LLP C 247 12.66 -23.60 12.55
C LLP C 247 16.43 -27.29 17.87
O LLP C 247 16.39 -27.97 18.91
N SER C 248 17.57 -26.81 17.39
CA SER C 248 18.82 -27.23 18.04
C SER C 248 19.00 -26.68 19.47
N LEU C 249 18.18 -25.70 19.89
CA LEU C 249 18.30 -25.23 21.29
C LEU C 249 17.59 -26.17 22.27
N ARG C 250 16.72 -27.05 21.78
CA ARG C 250 16.15 -28.15 22.56
C ARG C 250 15.18 -27.64 23.63
N GLY C 251 14.48 -26.54 23.35
CA GLY C 251 13.51 -26.01 24.29
C GLY C 251 12.06 -26.22 23.85
N PRO C 252 11.15 -25.48 24.46
CA PRO C 252 9.75 -25.52 24.02
C PRO C 252 9.61 -24.78 22.70
N ARG C 253 8.44 -24.90 22.10
CA ARG C 253 8.13 -24.16 20.87
C ARG C 253 7.78 -22.74 21.27
N ALA C 254 8.66 -21.80 20.94
CA ALA C 254 8.47 -20.39 21.24
C ALA C 254 9.46 -19.62 20.36
N GLY C 255 9.44 -18.29 20.50
CA GLY C 255 10.37 -17.46 19.78
C GLY C 255 10.95 -16.39 20.68
N MET C 256 12.08 -15.83 20.22
CA MET C 256 12.70 -14.72 20.91
C MET C 256 13.17 -13.71 19.87
N ILE C 257 13.15 -12.43 20.26
CA ILE C 257 13.76 -11.37 19.47
C ILE C 257 14.80 -10.66 20.33
N PHE C 258 16.06 -10.73 19.91
CA PHE C 258 17.15 -9.97 20.52
C PHE C 258 17.41 -8.71 19.70
N TYR C 259 17.86 -7.65 20.39
CA TYR C 259 18.04 -6.36 19.74
C TYR C 259 19.12 -5.58 20.46
N ARG C 260 19.91 -4.81 19.69
CA ARG C 260 20.91 -3.94 20.28
C ARG C 260 20.26 -2.83 21.10
N LYS C 261 20.98 -2.39 22.13
CA LYS C 261 20.66 -1.22 22.91
C LYS C 261 21.95 -0.47 23.18
N GLY C 262 21.81 0.78 23.61
CA GLY C 262 22.95 1.59 23.98
C GLY C 262 23.55 2.31 22.79
N PRO C 263 24.80 2.76 22.94
CA PRO C 263 25.39 3.64 21.92
C PRO C 263 25.68 2.89 20.63
N LYS C 264 25.37 3.54 19.51
CA LYS C 264 25.68 2.97 18.20
C LYS C 264 27.17 3.12 17.90
N PRO C 265 27.76 2.20 17.15
CA PRO C 265 29.19 2.30 16.80
C PRO C 265 29.41 3.47 15.86
N PRO C 266 30.65 3.98 15.78
CA PRO C 266 30.92 5.14 14.92
C PRO C 266 30.63 4.84 13.45
N LYS C 267 30.10 5.84 12.76
CA LYS C 267 29.77 5.70 11.35
C LYS C 267 29.79 7.07 10.69
N LYS C 268 30.11 7.08 9.39
CA LYS C 268 30.11 8.32 8.64
C LYS C 268 28.68 8.86 8.49
N GLY C 269 28.53 10.17 8.68
CA GLY C 269 27.24 10.80 8.60
C GLY C 269 26.32 10.55 9.77
N GLN C 270 26.75 9.74 10.77
CA GLN C 270 25.98 9.38 11.95
C GLN C 270 26.18 10.42 13.05
N PRO C 271 25.10 11.00 13.57
CA PRO C 271 25.26 12.02 14.62
C PRO C 271 25.99 11.47 15.84
N GLU C 272 26.78 12.33 16.46
CA GLU C 272 27.56 11.93 17.62
C GLU C 272 26.64 11.65 18.80
N GLY C 273 26.95 10.59 19.54
CA GLY C 273 26.13 10.19 20.68
C GLY C 273 24.90 9.38 20.33
N ALA C 274 24.77 8.93 19.09
CA ALA C 274 23.58 8.19 18.67
C ALA C 274 23.45 6.90 19.49
N VAL C 275 22.21 6.60 19.89
CA VAL C 275 21.89 5.35 20.60
C VAL C 275 20.89 4.56 19.78
N TYR C 276 20.90 3.25 19.99
CA TYR C 276 19.97 2.37 19.31
C TYR C 276 18.54 2.65 19.77
N ASP C 277 17.59 2.39 18.87
CA ASP C 277 16.19 2.73 19.08
C ASP C 277 15.30 1.52 18.84
N PHE C 278 15.81 0.31 19.05
CA PHE C 278 15.03 -0.88 18.73
C PHE C 278 14.10 -1.33 19.84
N GLU C 279 14.51 -1.14 21.11
CA GLU C 279 13.87 -1.84 22.22
C GLU C 279 12.38 -1.56 22.29
N ASP C 280 12.01 -0.28 22.35
CA ASP C 280 10.60 0.06 22.48
C ASP C 280 9.81 -0.34 21.24
N LYS C 281 10.40 -0.16 20.05
CA LYS C 281 9.71 -0.55 18.82
C LYS C 281 9.43 -2.04 18.79
N ILE C 282 10.38 -2.85 19.24
CA ILE C 282 10.19 -4.30 19.19
C ILE C 282 9.20 -4.75 20.26
N ASN C 283 9.36 -4.27 21.49
CA ASN C 283 8.40 -4.65 22.53
C ASN C 283 6.99 -4.26 22.12
N PHE C 284 6.84 -3.05 21.58
CA PHE C 284 5.52 -2.55 21.20
C PHE C 284 4.94 -3.34 20.04
N ALA C 285 5.80 -3.77 19.11
CA ALA C 285 5.33 -4.62 18.02
C ALA C 285 4.75 -5.93 18.55
N VAL C 286 5.44 -6.57 19.49
CA VAL C 286 4.97 -7.84 20.03
C VAL C 286 3.65 -7.64 20.76
N PHE C 287 3.61 -6.64 21.64
CA PHE C 287 2.40 -6.28 22.32
C PHE C 287 2.46 -4.77 22.58
N PRO C 288 1.40 -4.00 22.23
CA PRO C 288 0.07 -4.46 21.83
C PRO C 288 -0.19 -4.69 20.33
N ALA C 289 0.80 -4.46 19.45
CA ALA C 289 0.50 -4.42 18.02
C ALA C 289 0.02 -5.77 17.49
N LEU C 290 0.75 -6.84 17.76
CA LEU C 290 0.48 -8.13 17.13
C LEU C 290 -0.13 -9.18 18.05
N GLN C 291 0.47 -9.41 19.23
CA GLN C 291 0.01 -10.50 20.09
C GLN C 291 -0.92 -9.99 21.18
N GLY C 292 -1.51 -10.93 21.91
CA GLY C 292 -2.28 -10.62 23.10
C GLY C 292 -1.54 -11.07 24.33
N GLY C 293 -2.17 -11.84 25.22
CA GLY C 293 -1.49 -12.30 26.42
C GLY C 293 -0.34 -13.24 26.09
N PRO C 294 0.79 -13.09 26.79
CA PRO C 294 1.88 -14.04 26.62
C PRO C 294 1.44 -15.44 27.02
N HIS C 295 2.13 -16.43 26.50
CA HIS C 295 1.89 -17.81 26.93
C HIS C 295 2.91 -18.12 28.03
N ASN C 296 2.52 -17.86 29.28
CA ASN C 296 3.51 -17.90 30.36
C ASN C 296 4.04 -19.29 30.61
N HIS C 297 3.28 -20.34 30.30
CA HIS C 297 3.84 -21.69 30.38
C HIS C 297 4.97 -21.89 29.37
N GLN C 298 4.89 -21.27 28.17
CA GLN C 298 6.01 -21.35 27.25
C GLN C 298 7.20 -20.58 27.76
N ILE C 299 6.97 -19.41 28.37
CA ILE C 299 8.07 -18.61 28.90
C ILE C 299 8.76 -19.33 30.06
N GLY C 300 8.00 -20.00 30.92
CA GLY C 300 8.62 -20.76 31.99
C GLY C 300 9.41 -21.95 31.47
N ALA C 301 8.82 -22.69 30.53
CA ALA C 301 9.52 -23.81 29.92
C ALA C 301 10.78 -23.32 29.19
N LEU C 302 10.68 -22.15 28.55
CA LEU C 302 11.84 -21.58 27.90
C LEU C 302 12.94 -21.25 28.90
N ALA C 303 12.57 -20.68 30.05
CA ALA C 303 13.55 -20.40 31.10
C ALA C 303 14.30 -21.67 31.49
N VAL C 304 13.57 -22.78 31.65
CA VAL C 304 14.20 -24.07 31.92
C VAL C 304 15.19 -24.44 30.82
N ALA C 305 14.73 -24.37 29.58
CA ALA C 305 15.58 -24.79 28.47
C ALA C 305 16.85 -23.93 28.40
N LEU C 306 16.73 -22.64 28.72
CA LEU C 306 17.88 -21.76 28.62
C LEU C 306 18.90 -22.04 29.71
N LYS C 307 18.42 -22.43 30.90
CA LYS C 307 19.35 -22.90 31.93
C LYS C 307 20.06 -24.16 31.48
N GLN C 308 19.32 -25.10 30.85
CA GLN C 308 19.96 -26.32 30.38
C GLN C 308 20.95 -26.05 29.25
N ALA C 309 20.66 -25.04 28.42
CA ALA C 309 21.55 -24.75 27.29
C ALA C 309 22.87 -24.13 27.75
N ASN C 310 22.86 -23.43 28.88
CA ASN C 310 24.06 -22.74 29.31
C ASN C 310 24.87 -23.58 30.29
N THR C 311 25.08 -24.85 29.95
CA THR C 311 25.86 -25.78 30.75
C THR C 311 27.03 -26.31 29.94
N PRO C 312 28.09 -26.77 30.59
CA PRO C 312 29.12 -27.51 29.86
C PRO C 312 28.55 -28.73 29.16
N GLY C 313 27.56 -29.41 29.77
CA GLY C 313 26.94 -30.55 29.12
C GLY C 313 26.30 -30.20 27.80
N PHE C 314 25.72 -29.01 27.69
CA PHE C 314 25.10 -28.66 26.41
C PHE C 314 26.14 -28.39 25.35
N LYS C 315 27.29 -27.84 25.72
CA LYS C 315 28.37 -27.65 24.74
C LYS C 315 28.86 -28.99 24.19
N VAL C 316 28.94 -30.01 25.04
CA VAL C 316 29.34 -31.32 24.54
C VAL C 316 28.29 -31.87 23.59
N TYR C 317 27.01 -31.64 23.89
CA TYR C 317 25.93 -32.02 22.97
C TYR C 317 26.10 -31.35 21.62
N ALA C 318 26.29 -30.02 21.61
CA ALA C 318 26.42 -29.28 20.35
C ALA C 318 27.64 -29.77 19.56
N LYS C 319 28.75 -30.00 20.25
CA LYS C 319 29.91 -30.59 19.58
C LYS C 319 29.56 -31.94 18.96
N GLN C 320 28.81 -32.77 19.69
CA GLN C 320 28.46 -34.09 19.20
C GLN C 320 27.49 -34.01 18.02
N VAL C 321 26.54 -33.07 18.07
CA VAL C 321 25.64 -32.85 16.92
C VAL C 321 26.45 -32.64 15.65
N LYS C 322 27.41 -31.70 15.71
CA LYS C 322 28.24 -31.42 14.54
C LYS C 322 29.09 -32.63 14.17
N ALA C 323 29.60 -33.35 15.17
CA ALA C 323 30.45 -34.50 14.90
C ALA C 323 29.65 -35.60 14.23
N ASN C 324 28.40 -35.76 14.66
CA ASN C 324 27.50 -36.77 14.09
C ASN C 324 27.10 -36.44 12.67
N ALA C 325 26.84 -35.16 12.38
CA ALA C 325 26.54 -34.74 11.01
C ALA C 325 27.73 -34.97 10.10
N VAL C 326 28.93 -34.67 10.57
CA VAL C 326 30.13 -34.92 9.78
C VAL C 326 30.33 -36.41 9.57
N ALA C 327 30.11 -37.21 10.61
CA ALA C 327 30.31 -38.65 10.48
C ALA C 327 29.34 -39.24 9.46
N LEU C 328 28.09 -38.78 9.50
CA LEU C 328 27.09 -39.25 8.54
C LEU C 328 27.43 -38.80 7.13
N GLY C 329 27.81 -37.53 6.98
CA GLY C 329 28.21 -37.07 5.66
C GLY C 329 29.40 -37.84 5.12
N ASN C 330 30.40 -38.08 5.96
CA ASN C 330 31.56 -38.83 5.49
C ASN C 330 31.17 -40.25 5.12
N TYR C 331 30.27 -40.85 5.89
CA TYR C 331 29.84 -42.21 5.56
C TYR C 331 29.20 -42.26 4.18
N LEU C 332 28.23 -41.36 3.94
CA LEU C 332 27.58 -41.32 2.63
C LEU C 332 28.61 -41.07 1.54
N MET C 333 29.53 -40.12 1.75
CA MET C 333 30.54 -39.89 0.72
C MET C 333 31.44 -41.09 0.52
N SER C 334 31.72 -41.86 1.58
CA SER C 334 32.55 -43.06 1.41
C SER C 334 31.86 -44.12 0.56
N LYS C 335 30.54 -44.10 0.45
CA LYS C 335 29.83 -45.06 -0.38
C LYS C 335 29.55 -44.54 -1.78
N GLY C 336 30.05 -43.35 -2.11
CA GLY C 336 29.92 -42.80 -3.44
C GLY C 336 28.80 -41.80 -3.60
N TYR C 337 28.09 -41.47 -2.53
CA TYR C 337 27.04 -40.49 -2.61
C TYR C 337 27.63 -39.09 -2.58
N GLN C 338 26.86 -38.13 -3.05
CA GLN C 338 27.33 -36.76 -3.16
C GLN C 338 26.56 -35.89 -2.18
N ILE C 339 27.27 -35.13 -1.36
CA ILE C 339 26.59 -34.19 -0.46
C ILE C 339 27.04 -32.78 -0.82
N VAL C 340 26.12 -31.83 -0.64
CA VAL C 340 26.35 -30.49 -1.14
C VAL C 340 27.43 -29.82 -0.31
N THR C 341 28.42 -29.22 -1.00
CA THR C 341 29.67 -28.65 -0.49
C THR C 341 30.64 -29.71 0.02
N ASN C 342 30.34 -31.00 -0.20
CA ASN C 342 31.21 -32.12 0.21
C ASN C 342 31.43 -32.15 1.72
N GLY C 343 30.43 -31.76 2.51
CA GLY C 343 30.60 -31.76 3.94
C GLY C 343 29.58 -30.85 4.61
N THR C 344 29.82 -30.61 5.90
CA THR C 344 28.97 -29.72 6.68
C THR C 344 29.81 -29.05 7.74
N GLU C 345 29.38 -27.86 8.14
CA GLU C 345 29.91 -27.18 9.31
C GLU C 345 28.89 -27.07 10.43
N ASN C 346 27.72 -27.68 10.27
CA ASN C 346 26.71 -27.51 11.31
C ASN C 346 25.99 -28.82 11.61
N HIS C 347 24.68 -28.76 11.79
CA HIS C 347 23.89 -29.89 12.27
C HIS C 347 23.27 -30.70 11.15
N LEU C 348 23.43 -30.32 9.89
CA LEU C 348 22.67 -30.99 8.85
C LEU C 348 23.56 -31.30 7.65
N VAL C 349 23.08 -32.21 6.83
CA VAL C 349 23.73 -32.51 5.56
C VAL C 349 22.65 -32.41 4.47
N LEU C 350 23.06 -31.95 3.29
CA LEU C 350 22.24 -31.96 2.09
C LEU C 350 22.82 -33.00 1.14
N TRP C 351 22.00 -33.98 0.82
CA TRP C 351 22.38 -35.10 -0.04
C TRP C 351 21.82 -34.85 -1.43
N ASP C 352 22.71 -34.74 -2.40
CA ASP C 352 22.34 -34.56 -3.80
C ASP C 352 22.04 -35.93 -4.41
N LEU C 353 20.76 -36.20 -4.70
CA LEU C 353 20.35 -37.49 -5.26
C LEU C 353 20.37 -37.52 -6.78
N ARG C 354 20.63 -36.38 -7.42
CA ARG C 354 20.54 -36.34 -8.88
C ARG C 354 21.47 -37.33 -9.58
N PRO C 355 22.72 -37.54 -9.13
CA PRO C 355 23.55 -38.54 -9.82
C PRO C 355 22.95 -39.94 -9.81
N LEU C 356 22.03 -40.21 -8.91
CA LEU C 356 21.35 -41.49 -8.83
C LEU C 356 20.10 -41.54 -9.69
N GLY C 357 19.69 -40.42 -10.27
CA GLY C 357 18.47 -40.39 -11.04
C GLY C 357 17.22 -40.43 -10.17
N LEU C 358 17.32 -39.90 -8.96
CA LEU C 358 16.24 -39.93 -7.98
C LEU C 358 15.82 -38.53 -7.58
N THR C 359 14.54 -38.40 -7.23
CA THR C 359 14.02 -37.19 -6.59
C THR C 359 14.00 -37.42 -5.09
N GLY C 360 14.09 -36.32 -4.34
CA GLY C 360 13.93 -36.41 -2.90
C GLY C 360 12.53 -36.86 -2.50
N ASN C 361 11.55 -36.59 -3.35
CA ASN C 361 10.16 -36.99 -3.07
C ASN C 361 10.07 -38.51 -2.85
N LYS C 362 10.72 -39.28 -3.73
CA LYS C 362 10.67 -40.73 -3.66
C LYS C 362 11.40 -41.26 -2.44
N VAL C 363 12.59 -40.69 -2.16
CA VAL C 363 13.34 -41.14 -0.99
C VAL C 363 12.58 -40.83 0.30
N GLU C 364 12.03 -39.61 0.41
CA GLU C 364 11.28 -39.23 1.62
C GLU C 364 10.09 -40.14 1.84
N LYS C 365 9.38 -40.48 0.75
CA LYS C 365 8.19 -41.33 0.92
C LYS C 365 8.58 -42.75 1.27
N LEU C 366 9.63 -43.30 0.67
CA LEU C 366 10.02 -44.65 1.05
C LEU C 366 10.59 -44.67 2.47
N CYS C 367 11.38 -43.66 2.83
CA CYS C 367 11.89 -43.59 4.19
C CYS C 367 10.75 -43.50 5.21
N ASP C 368 9.75 -42.66 4.94
CA ASP C 368 8.61 -42.57 5.86
C ASP C 368 7.99 -43.94 6.10
N LEU C 369 7.97 -44.79 5.07
CA LEU C 369 7.39 -46.12 5.21
C LEU C 369 8.24 -47.07 6.03
N CYS C 370 9.53 -46.80 6.22
N CYS C 370 9.52 -46.76 6.21
CA CYS C 370 10.34 -47.62 7.11
CA CYS C 370 10.46 -47.53 7.02
C CYS C 370 10.79 -46.83 8.33
C CYS C 370 10.76 -46.88 8.37
N SER C 371 9.96 -45.89 8.78
CA SER C 371 10.13 -45.18 10.05
C SER C 371 11.37 -44.29 10.10
N ILE C 372 11.84 -43.80 8.95
CA ILE C 372 12.91 -42.81 8.86
C ILE C 372 12.28 -41.52 8.37
N THR C 373 12.32 -40.47 9.18
CA THR C 373 11.72 -39.20 8.81
C THR C 373 12.83 -38.24 8.39
N LEU C 374 12.84 -37.85 7.11
CA LEU C 374 13.69 -36.76 6.61
C LEU C 374 12.83 -35.94 5.67
N ASN C 375 13.39 -34.97 4.94
CA ASN C 375 12.53 -34.36 3.96
C ASN C 375 13.28 -34.00 2.69
N LYS C 376 12.53 -33.99 1.59
CA LYS C 376 13.07 -33.60 0.31
C LYS C 376 13.55 -32.14 0.37
N ASN C 377 14.50 -31.81 -0.50
CA ASN C 377 15.10 -30.49 -0.41
C ASN C 377 15.66 -30.15 -1.78
N ALA C 378 15.46 -28.91 -2.21
CA ALA C 378 16.10 -28.45 -3.42
C ALA C 378 17.61 -28.43 -3.23
N VAL C 379 18.33 -28.51 -4.33
CA VAL C 379 19.77 -28.73 -4.30
C VAL C 379 20.43 -27.70 -5.22
N PHE C 380 21.52 -27.08 -4.75
CA PHE C 380 22.24 -26.00 -5.46
C PHE C 380 21.32 -24.85 -5.88
N GLY C 381 20.28 -24.58 -5.10
CA GLY C 381 19.42 -23.45 -5.39
C GLY C 381 18.48 -23.65 -6.57
N ASP C 382 18.42 -24.86 -7.11
CA ASP C 382 17.58 -25.13 -8.27
C ASP C 382 16.09 -25.02 -7.93
N SER C 383 15.35 -24.29 -8.76
CA SER C 383 13.89 -24.29 -8.72
C SER C 383 13.28 -24.73 -10.05
N SER C 384 14.10 -25.08 -11.03
CA SER C 384 13.62 -25.47 -12.35
C SER C 384 13.17 -26.92 -12.42
N ALA C 385 13.64 -27.76 -11.50
CA ALA C 385 13.28 -29.18 -11.54
C ALA C 385 11.79 -29.36 -11.28
N LEU C 386 11.24 -30.44 -11.86
CA LEU C 386 9.86 -30.79 -11.56
C LEU C 386 9.68 -31.16 -10.08
N ALA C 387 10.73 -31.68 -9.46
CA ALA C 387 10.71 -32.11 -8.07
C ALA C 387 12.10 -31.92 -7.50
N PRO C 388 12.23 -31.71 -6.19
CA PRO C 388 13.56 -31.48 -5.62
C PRO C 388 14.48 -32.68 -5.82
N GLY C 389 15.76 -32.39 -5.98
CA GLY C 389 16.77 -33.39 -6.29
C GLY C 389 17.61 -33.85 -5.12
N GLY C 390 17.21 -33.51 -3.89
CA GLY C 390 18.00 -33.85 -2.73
C GLY C 390 17.11 -34.12 -1.54
N VAL C 391 17.75 -34.53 -0.44
CA VAL C 391 17.10 -34.58 0.86
C VAL C 391 17.97 -33.88 1.89
N ARG C 392 17.32 -33.43 2.95
CA ARG C 392 17.96 -32.77 4.08
C ARG C 392 17.89 -33.69 5.28
N ILE C 393 19.03 -33.88 5.95
CA ILE C 393 19.15 -34.78 7.08
C ILE C 393 19.81 -34.02 8.22
N GLY C 394 19.21 -34.09 9.42
CA GLY C 394 19.74 -33.39 10.57
C GLY C 394 20.09 -34.33 11.71
N ALA C 395 21.10 -33.95 12.50
CA ALA C 395 21.59 -34.73 13.62
C ALA C 395 21.03 -34.35 14.99
N PRO C 396 20.36 -33.20 15.21
CA PRO C 396 20.03 -32.88 16.63
C PRO C 396 19.13 -33.88 17.35
N ALA C 397 18.08 -34.41 16.70
CA ALA C 397 17.11 -35.22 17.43
C ALA C 397 17.70 -36.56 17.86
N MET C 398 18.34 -37.27 16.94
CA MET C 398 18.92 -38.55 17.36
C MET C 398 20.15 -38.34 18.25
N THR C 399 20.85 -37.22 18.12
CA THR C 399 21.93 -36.98 19.07
C THR C 399 21.39 -36.82 20.49
N SER C 400 20.20 -36.24 20.64
CA SER C 400 19.61 -36.06 21.97
C SER C 400 19.19 -37.39 22.60
N ARG C 401 19.03 -38.43 21.80
CA ARG C 401 18.78 -39.76 22.34
C ARG C 401 20.06 -40.52 22.62
N GLY C 402 21.22 -39.88 22.51
CA GLY C 402 22.46 -40.47 22.96
C GLY C 402 23.33 -41.07 21.88
N LEU C 403 22.99 -40.89 20.61
CA LEU C 403 23.77 -41.48 19.55
C LEU C 403 25.06 -40.69 19.32
N VAL C 404 26.11 -41.42 18.96
CA VAL C 404 27.42 -40.82 18.67
C VAL C 404 27.82 -41.24 17.26
N GLU C 405 29.08 -41.04 16.88
CA GLU C 405 29.47 -41.16 15.47
C GLU C 405 29.19 -42.54 14.90
N LYS C 406 29.53 -43.59 15.65
CA LYS C 406 29.32 -44.96 15.18
C LYS C 406 27.85 -45.22 14.91
N ASP C 407 26.96 -44.66 15.73
CA ASP C 407 25.53 -44.85 15.54
C ASP C 407 25.04 -44.09 14.31
N PHE C 408 25.58 -42.90 14.05
CA PHE C 408 25.22 -42.19 12.83
C PHE C 408 25.78 -42.87 11.58
N GLU C 409 26.81 -43.68 11.72
CA GLU C 409 27.26 -44.45 10.58
C GLU C 409 26.30 -45.60 10.28
N GLN C 410 25.66 -46.15 11.31
CA GLN C 410 24.60 -47.13 11.09
C GLN C 410 23.37 -46.48 10.48
N ILE C 411 23.06 -45.25 10.88
CA ILE C 411 22.01 -44.52 10.19
C ILE C 411 22.40 -44.34 8.72
N GLY C 412 23.68 -44.06 8.46
CA GLY C 412 24.14 -43.92 7.08
C GLY C 412 23.93 -45.18 6.27
N GLU C 413 24.20 -46.34 6.88
CA GLU C 413 23.95 -47.59 6.15
C GLU C 413 22.44 -47.83 5.98
N PHE C 414 21.63 -47.47 6.98
CA PHE C 414 20.19 -47.57 6.81
C PHE C 414 19.71 -46.69 5.65
N LEU C 415 20.26 -45.47 5.54
CA LEU C 415 19.90 -44.59 4.44
C LEU C 415 20.39 -45.13 3.10
N SER C 416 21.57 -45.75 3.08
CA SER C 416 22.00 -46.40 1.84
C SER C 416 21.03 -47.50 1.45
N ARG C 417 20.54 -48.25 2.43
CA ARG C 417 19.61 -49.32 2.09
C ARG C 417 18.31 -48.74 1.55
N ALA C 418 17.84 -47.65 2.15
CA ALA C 418 16.60 -47.02 1.69
C ALA C 418 16.72 -46.53 0.24
N VAL C 419 17.80 -45.81 -0.09
CA VAL C 419 17.92 -45.35 -1.48
C VAL C 419 18.16 -46.50 -2.43
N THR C 420 18.80 -47.57 -1.98
CA THR C 420 18.93 -48.72 -2.87
C THR C 420 17.58 -49.32 -3.19
N LEU C 421 16.71 -49.46 -2.19
CA LEU C 421 15.36 -49.96 -2.44
C LEU C 421 14.56 -48.98 -3.28
N THR C 422 14.77 -47.68 -3.09
CA THR C 422 14.10 -46.70 -3.92
C THR C 422 14.47 -46.89 -5.39
N LEU C 423 15.77 -47.07 -5.66
CA LEU C 423 16.22 -47.35 -7.02
C LEU C 423 15.62 -48.65 -7.55
N ASP C 424 15.55 -49.69 -6.70
CA ASP C 424 14.96 -50.96 -7.12
C ASP C 424 13.53 -50.78 -7.58
N ILE C 425 12.73 -50.06 -6.80
CA ILE C 425 11.35 -49.79 -7.20
C ILE C 425 11.33 -49.02 -8.51
N GLN C 426 12.19 -48.01 -8.64
CA GLN C 426 12.19 -47.20 -9.85
C GLN C 426 12.60 -48.05 -11.05
N LYS C 427 13.60 -48.93 -10.88
CA LYS C 427 14.03 -49.81 -11.98
C LYS C 427 12.89 -50.66 -12.50
N THR C 428 12.06 -51.18 -11.59
CA THR C 428 11.11 -52.22 -11.95
C THR C 428 9.77 -51.66 -12.42
N TYR C 429 9.40 -50.48 -11.93
CA TYR C 429 8.09 -49.89 -12.21
C TYR C 429 8.16 -48.59 -12.99
N GLY C 430 9.17 -47.76 -12.75
CA GLY C 430 9.42 -46.58 -13.56
C GLY C 430 9.52 -45.32 -12.72
N LYS C 431 9.83 -44.22 -13.41
CA LYS C 431 10.11 -42.94 -12.75
C LYS C 431 8.84 -42.15 -12.42
N LEU C 432 7.74 -42.39 -13.12
CA LEU C 432 6.48 -41.72 -12.79
C LEU C 432 6.07 -42.10 -11.37
N LEU C 433 5.87 -41.09 -10.50
CA LEU C 433 5.55 -41.43 -9.12
C LEU C 433 4.29 -42.30 -9.05
N LYS C 434 3.40 -42.15 -10.02
CA LYS C 434 2.26 -43.06 -10.11
C LYS C 434 2.73 -44.52 -10.21
N ASP C 435 3.76 -44.78 -11.01
CA ASP C 435 4.29 -46.13 -11.14
C ASP C 435 5.15 -46.51 -9.94
N PHE C 436 5.90 -45.54 -9.40
CA PHE C 436 6.74 -45.79 -8.24
C PHE C 436 5.93 -46.32 -7.06
N ASN C 437 4.75 -45.74 -6.81
CA ASN C 437 3.95 -46.15 -5.66
C ASN C 437 3.61 -47.63 -5.71
N LYS C 438 3.71 -48.26 -6.90
CA LYS C 438 3.39 -49.68 -7.01
C LYS C 438 4.38 -50.56 -6.24
N GLY C 439 5.59 -50.08 -6.03
CA GLY C 439 6.55 -50.82 -5.25
C GLY C 439 6.50 -50.60 -3.76
N LEU C 440 5.68 -49.67 -3.27
CA LEU C 440 5.65 -49.34 -1.85
C LEU C 440 4.66 -50.19 -1.05
N VAL C 441 3.90 -51.06 -1.71
CA VAL C 441 2.94 -51.93 -1.04
C VAL C 441 3.38 -53.38 -1.19
N ASN C 442 3.26 -54.15 -0.11
CA ASN C 442 3.60 -55.58 -0.11
C ASN C 442 5.04 -55.81 -0.57
N ASN C 443 5.95 -54.95 -0.12
CA ASN C 443 7.36 -55.02 -0.50
C ASN C 443 8.12 -55.63 0.66
N LYS C 444 8.66 -56.83 0.46
CA LYS C 444 9.27 -57.57 1.57
C LYS C 444 10.56 -56.91 2.07
N ASP C 445 11.43 -56.46 1.14
CA ASP C 445 12.64 -55.75 1.58
C ASP C 445 12.29 -54.49 2.35
N LEU C 446 11.20 -53.81 1.97
CA LEU C 446 10.78 -52.61 2.67
C LEU C 446 10.31 -52.94 4.08
N ASP C 447 9.59 -54.07 4.26
CA ASP C 447 9.19 -54.46 5.61
C ASP C 447 10.40 -54.78 6.48
N GLN C 448 11.41 -55.44 5.91
CA GLN C 448 12.58 -55.81 6.70
C GLN C 448 13.37 -54.58 7.13
N LEU C 449 13.52 -53.61 6.23
CA LEU C 449 14.23 -52.40 6.60
C LEU C 449 13.51 -51.67 7.72
N LYS C 450 12.17 -51.61 7.64
CA LYS C 450 11.39 -51.04 8.73
C LYS C 450 11.68 -51.75 10.05
N ALA C 451 11.68 -53.08 10.03
CA ALA C 451 11.93 -53.84 11.24
C ALA C 451 13.32 -53.57 11.78
N ASP C 452 14.32 -53.49 10.91
CA ASP C 452 15.69 -53.20 11.34
C ASP C 452 15.81 -51.79 11.91
N VAL C 453 15.15 -50.82 11.28
CA VAL C 453 15.17 -49.44 11.78
C VAL C 453 14.54 -49.36 13.18
N GLU C 454 13.38 -50.01 13.35
CA GLU C 454 12.68 -49.86 14.63
C GLU C 454 13.39 -50.61 15.76
N LYS C 455 14.04 -51.73 15.44
CA LYS C 455 14.81 -52.43 16.47
C LYS C 455 16.01 -51.60 16.92
N PHE C 456 16.76 -51.06 15.96
CA PHE C 456 17.85 -50.12 16.25
C PHE C 456 17.37 -48.96 17.10
N SER C 457 16.26 -48.34 16.72
CA SER C 457 15.78 -47.17 17.43
C SER C 457 15.38 -47.51 18.86
N ALA C 458 14.80 -48.69 19.07
CA ALA C 458 14.38 -49.08 20.42
C ALA C 458 15.54 -49.32 21.37
N SER C 459 16.77 -49.40 20.86
CA SER C 459 17.91 -49.67 21.72
C SER C 459 18.43 -48.42 22.41
N TYR C 460 17.93 -47.24 22.05
CA TYR C 460 18.43 -45.98 22.59
C TYR C 460 17.48 -45.39 23.62
N GLU C 461 18.05 -44.55 24.49
CA GLU C 461 17.27 -43.88 25.52
C GLU C 461 16.42 -42.79 24.88
N MET C 462 15.60 -42.15 25.70
CA MET C 462 14.66 -41.18 25.18
C MET C 462 14.37 -40.12 26.24
N PRO C 463 14.69 -38.85 26.01
CA PRO C 463 14.31 -37.79 26.96
C PRO C 463 12.82 -37.46 26.87
N GLY C 464 12.33 -36.80 27.90
CA GLY C 464 11.00 -36.19 27.87
C GLY C 464 9.91 -37.04 28.51
N PHE C 465 10.05 -38.35 28.49
CA PHE C 465 9.14 -39.27 29.12
C PHE C 465 9.91 -40.57 29.32
N LEU C 466 9.34 -41.45 30.13
CA LEU C 466 9.97 -42.73 30.46
C LEU C 466 9.39 -43.82 29.58
N MET C 467 10.23 -44.41 28.72
CA MET C 467 9.77 -45.54 27.92
C MET C 467 9.31 -46.69 28.79
N SER C 468 9.87 -46.80 30.00
CA SER C 468 9.46 -47.86 30.91
C SER C 468 8.04 -47.70 31.42
N GLU C 469 7.40 -46.54 31.23
CA GLU C 469 6.05 -46.30 31.71
C GLU C 469 5.03 -46.12 30.60
N MET C 470 5.45 -46.14 29.35
CA MET C 470 4.55 -45.82 28.25
C MET C 470 3.60 -46.98 27.98
N LYS C 471 2.44 -46.65 27.40
CA LYS C 471 1.39 -47.65 27.22
C LYS C 471 1.79 -48.71 26.19
N TYR C 472 2.42 -48.30 25.09
CA TYR C 472 2.69 -49.17 23.96
C TYR C 472 4.19 -49.50 23.91
N LYS C 473 4.59 -50.50 24.69
CA LYS C 473 5.95 -51.00 24.62
C LYS C 473 6.06 -52.07 23.53
N ASP C 474 7.26 -52.61 23.35
CA ASP C 474 7.48 -53.68 22.38
C ASP C 474 6.97 -55.01 22.90
N ALA D 3 32.39 -37.50 26.70
CA ALA D 3 31.07 -38.09 26.43
C ALA D 3 29.96 -37.11 26.81
N MET D 4 28.80 -37.23 26.15
CA MET D 4 27.66 -36.38 26.48
C MET D 4 27.12 -36.71 27.88
N GLU D 5 26.47 -35.71 28.48
CA GLU D 5 25.70 -35.94 29.69
C GLU D 5 24.66 -37.03 29.40
N PRO D 6 24.54 -38.04 30.25
CA PRO D 6 23.58 -39.12 30.01
C PRO D 6 22.15 -38.61 29.81
N VAL D 7 21.41 -39.29 28.94
CA VAL D 7 20.06 -38.86 28.59
C VAL D 7 19.21 -38.71 29.83
N SER D 8 19.30 -39.65 30.77
CA SER D 8 18.40 -39.59 31.92
C SER D 8 18.70 -38.40 32.82
N SER D 9 19.94 -37.92 32.83
CA SER D 9 20.28 -36.76 33.66
C SER D 9 19.52 -35.52 33.18
N TRP D 10 19.91 -34.97 32.04
CA TRP D 10 19.29 -33.73 31.57
C TRP D 10 17.86 -33.96 31.10
N GLY D 11 17.56 -35.14 30.56
CA GLY D 11 16.38 -35.35 29.75
C GLY D 11 15.19 -35.99 30.45
N ASN D 12 15.44 -36.74 31.51
CA ASN D 12 14.35 -37.43 32.20
C ASN D 12 14.11 -36.90 33.62
N THR D 13 15.01 -36.11 34.16
CA THR D 13 14.90 -35.68 35.55
C THR D 13 13.78 -34.66 35.71
N SER D 14 13.14 -34.67 36.87
CA SER D 14 12.03 -33.75 37.11
C SER D 14 12.51 -32.31 37.19
N LEU D 15 11.57 -31.41 36.87
CA LEU D 15 11.77 -29.97 36.96
C LEU D 15 12.27 -29.54 38.34
N VAL D 16 11.71 -30.14 39.41
CA VAL D 16 12.12 -29.74 40.75
C VAL D 16 13.63 -29.88 40.93
N SER D 17 14.24 -30.89 40.30
CA SER D 17 15.68 -31.09 40.41
C SER D 17 16.45 -30.34 39.32
N VAL D 18 15.92 -30.27 38.10
CA VAL D 18 16.65 -29.62 37.01
C VAL D 18 16.71 -28.10 37.23
N ASP D 19 15.60 -27.48 37.61
CA ASP D 19 15.52 -26.03 37.70
C ASP D 19 14.72 -25.66 38.93
N PRO D 20 15.33 -25.77 40.11
CA PRO D 20 14.61 -25.44 41.35
C PRO D 20 14.09 -24.03 41.37
N GLU D 21 14.78 -23.11 40.70
CA GLU D 21 14.34 -21.71 40.73
C GLU D 21 13.01 -21.54 40.03
N ILE D 22 12.86 -22.14 38.85
CA ILE D 22 11.58 -22.04 38.14
C ILE D 22 10.52 -22.88 38.83
N HIS D 23 10.89 -24.06 39.34
CA HIS D 23 9.92 -24.86 40.08
C HIS D 23 9.32 -24.08 41.22
N ASP D 24 10.18 -23.39 41.99
CA ASP D 24 9.74 -22.58 43.12
C ASP D 24 8.79 -21.48 42.66
N LEU D 25 9.12 -20.81 41.56
CA LEU D 25 8.27 -19.73 41.04
C LEU D 25 6.92 -20.26 40.57
N ILE D 26 6.90 -21.40 39.88
CA ILE D 26 5.59 -21.98 39.54
C ILE D 26 4.81 -22.33 40.80
N GLU D 27 5.48 -22.82 41.83
CA GLU D 27 4.75 -23.17 43.05
C GLU D 27 4.20 -21.92 43.74
N LYS D 28 4.93 -20.80 43.68
CA LYS D 28 4.40 -19.57 44.26
C LYS D 28 3.20 -19.05 43.46
N GLU D 29 3.24 -19.22 42.13
CA GLU D 29 2.13 -18.79 41.29
C GLU D 29 0.90 -19.68 41.49
N LYS D 30 1.09 -20.98 41.65
CA LYS D 30 -0.04 -21.86 41.99
C LYS D 30 -0.72 -21.38 43.27
N ARG D 31 0.08 -21.07 44.30
CA ARG D 31 -0.49 -20.57 45.54
C ARG D 31 -1.23 -19.26 45.31
N ARG D 32 -0.61 -18.34 44.56
CA ARG D 32 -1.29 -17.08 44.26
C ARG D 32 -2.63 -17.32 43.59
N GLN D 33 -2.72 -18.31 42.70
CA GLN D 33 -3.97 -18.52 41.97
C GLN D 33 -5.10 -19.00 42.87
N CYS D 34 -4.82 -19.78 43.89
CA CYS D 34 -5.92 -20.27 44.72
C CYS D 34 -6.03 -19.55 46.06
N ARG D 35 -5.23 -18.49 46.27
CA ARG D 35 -5.41 -17.63 47.42
C ARG D 35 -5.95 -16.24 47.09
N GLY D 36 -6.28 -15.94 45.83
CA GLY D 36 -6.82 -14.64 45.47
C GLY D 36 -8.23 -14.78 44.93
N ILE D 37 -8.89 -13.64 44.77
CA ILE D 37 -10.18 -13.58 44.11
C ILE D 37 -9.91 -13.09 42.69
N GLU D 38 -10.01 -14.00 41.71
CA GLU D 38 -9.66 -13.74 40.33
C GLU D 38 -10.88 -13.24 39.58
N LEU D 39 -10.91 -11.93 39.31
CA LEU D 39 -12.05 -11.30 38.66
C LEU D 39 -11.71 -10.74 37.27
N ILE D 40 -10.52 -11.02 36.74
CA ILE D 40 -10.20 -10.60 35.38
C ILE D 40 -11.06 -11.41 34.42
N ALA D 41 -11.87 -10.70 33.62
CA ALA D 41 -12.95 -11.35 32.89
C ALA D 41 -12.45 -12.27 31.79
N SER D 42 -11.19 -12.10 31.38
CA SER D 42 -10.57 -12.96 30.40
C SER D 42 -9.85 -14.15 31.02
N GLU D 43 -9.85 -14.30 32.34
CA GLU D 43 -9.09 -15.40 32.93
C GLU D 43 -10.02 -16.53 33.33
N ASN D 44 -9.48 -17.74 33.27
CA ASN D 44 -10.16 -18.91 33.78
C ASN D 44 -9.12 -19.83 34.42
N PHE D 45 -9.58 -20.93 35.01
CA PHE D 45 -8.68 -21.98 35.50
C PHE D 45 -9.04 -23.27 34.79
N THR D 46 -8.09 -23.82 34.00
CA THR D 46 -8.38 -24.96 33.15
C THR D 46 -8.13 -26.29 33.89
N SER D 47 -8.52 -27.40 33.26
CA SER D 47 -8.49 -28.71 33.90
C SER D 47 -7.08 -29.32 33.94
N PHE D 48 -6.89 -30.25 34.88
CA PHE D 48 -5.66 -31.03 34.91
C PHE D 48 -5.49 -31.82 33.62
N ALA D 49 -6.59 -32.30 33.04
CA ALA D 49 -6.52 -33.11 31.83
C ALA D 49 -6.04 -32.27 30.66
N VAL D 50 -6.51 -31.02 30.55
CA VAL D 50 -5.96 -30.10 29.55
C VAL D 50 -4.46 -29.90 29.79
N ILE D 51 -4.08 -29.68 31.04
CA ILE D 51 -2.68 -29.41 31.35
C ILE D 51 -1.81 -30.62 31.06
N GLU D 52 -2.32 -31.83 31.30
CA GLU D 52 -1.55 -33.04 31.00
C GLU D 52 -1.32 -33.20 29.50
N ALA D 53 -2.30 -32.86 28.67
CA ALA D 53 -2.06 -32.91 27.22
C ALA D 53 -1.14 -31.79 26.77
N LEU D 54 -1.24 -30.61 27.41
CA LEU D 54 -0.43 -29.45 27.06
C LEU D 54 1.04 -29.71 27.30
N GLY D 55 1.37 -30.29 28.45
CA GLY D 55 2.73 -30.68 28.76
C GLY D 55 2.99 -32.13 28.38
N SER D 56 3.18 -32.39 27.08
CA SER D 56 3.36 -33.75 26.60
C SER D 56 4.33 -33.75 25.42
N ALA D 57 4.70 -34.97 25.00
CA ALA D 57 5.62 -35.17 23.89
C ALA D 57 5.06 -34.68 22.55
N LEU D 58 3.79 -34.27 22.48
CA LEU D 58 3.27 -33.62 21.28
C LEU D 58 4.09 -32.39 20.91
N THR D 59 4.80 -31.78 21.86
CA THR D 59 5.62 -30.62 21.51
C THR D 59 6.80 -30.99 20.59
N ASN D 60 7.17 -32.27 20.52
CA ASN D 60 8.33 -32.69 19.74
C ASN D 60 8.07 -32.89 18.23
N LYS D 61 6.87 -32.64 17.72
CA LYS D 61 6.56 -33.01 16.34
C LYS D 61 6.28 -31.79 15.48
N TYR D 62 7.06 -31.65 14.38
CA TYR D 62 6.80 -30.64 13.34
C TYR D 62 5.78 -31.19 12.36
N SER D 63 4.72 -30.43 12.10
CA SER D 63 3.62 -30.95 11.30
C SER D 63 3.01 -29.84 10.45
N GLU D 64 3.86 -29.02 9.82
CA GLU D 64 3.39 -27.97 8.94
C GLU D 64 2.45 -28.54 7.89
N GLY D 65 1.41 -27.79 7.59
CA GLY D 65 0.37 -28.25 6.70
C GLY D 65 -0.92 -28.52 7.45
N ILE D 66 -1.77 -29.34 6.85
CA ILE D 66 -3.02 -29.77 7.50
C ILE D 66 -3.15 -31.27 7.31
N PRO D 67 -4.03 -31.93 8.09
CA PRO D 67 -4.24 -33.37 7.88
C PRO D 67 -4.55 -33.69 6.43
N GLY D 68 -3.98 -34.80 5.95
CA GLY D 68 -4.07 -35.14 4.54
C GLY D 68 -3.20 -34.33 3.63
N ASN D 69 -2.41 -33.39 4.17
CA ASN D 69 -1.60 -32.54 3.32
C ASN D 69 -0.48 -31.88 4.11
N ARG D 70 0.42 -32.70 4.65
CA ARG D 70 1.56 -32.21 5.41
C ARG D 70 2.78 -32.06 4.51
N TYR D 71 3.72 -31.23 4.97
CA TYR D 71 5.01 -31.14 4.32
C TYR D 71 5.90 -32.33 4.66
N TYR D 72 5.77 -32.88 5.86
CA TYR D 72 6.60 -33.98 6.34
C TYR D 72 5.77 -35.24 6.50
N GLY D 73 6.47 -36.36 6.66
CA GLY D 73 5.87 -37.60 7.09
C GLY D 73 5.89 -37.71 8.61
N GLY D 74 5.53 -38.90 9.08
CA GLY D 74 5.49 -39.15 10.52
C GLY D 74 4.32 -38.56 11.25
N ASN D 75 3.27 -38.13 10.54
CA ASN D 75 2.19 -37.35 11.12
C ASN D 75 0.93 -38.15 11.33
N GLU D 76 1.02 -39.49 11.32
CA GLU D 76 -0.16 -40.33 11.39
C GLU D 76 -0.98 -40.02 12.64
N PHE D 77 -0.32 -39.91 13.79
CA PHE D 77 -1.09 -39.68 15.00
C PHE D 77 -1.41 -38.21 15.21
N ILE D 78 -0.53 -37.31 14.78
CA ILE D 78 -0.87 -35.89 14.81
C ILE D 78 -2.12 -35.62 13.99
N ASP D 79 -2.22 -36.24 12.79
CA ASP D 79 -3.40 -36.04 11.96
C ASP D 79 -4.66 -36.50 12.68
N GLU D 80 -4.59 -37.65 13.36
CA GLU D 80 -5.74 -38.13 14.12
C GLU D 80 -6.16 -37.14 15.21
N ILE D 81 -5.18 -36.58 15.92
CA ILE D 81 -5.48 -35.62 16.97
C ILE D 81 -6.08 -34.35 16.39
N GLU D 82 -5.48 -33.82 15.31
CA GLU D 82 -5.99 -32.57 14.75
C GLU D 82 -7.38 -32.77 14.15
N ASN D 83 -7.64 -33.93 13.56
CA ASN D 83 -8.96 -34.22 13.00
C ASN D 83 -10.00 -34.33 14.10
N LEU D 84 -9.65 -35.02 15.18
CA LEU D 84 -10.50 -35.07 16.36
C LEU D 84 -10.79 -33.68 16.91
N CYS D 85 -9.75 -32.85 16.99
CA CYS D 85 -9.93 -31.52 17.55
C CYS D 85 -10.86 -30.69 16.68
N ARG D 86 -10.69 -30.78 15.35
CA ARG D 86 -11.56 -30.03 14.47
C ARG D 86 -13.00 -30.50 14.60
N SER D 87 -13.24 -31.81 14.55
CA SER D 87 -14.63 -32.26 14.61
C SER D 87 -15.27 -31.95 15.96
N ARG D 88 -14.48 -31.98 17.05
CA ARG D 88 -15.00 -31.62 18.38
C ARG D 88 -15.33 -30.13 18.46
N ALA D 89 -14.56 -29.30 17.75
CA ALA D 89 -14.84 -27.87 17.68
C ALA D 89 -16.18 -27.62 17.04
N LEU D 90 -16.39 -28.19 15.85
CA LEU D 90 -17.67 -28.04 15.17
C LEU D 90 -18.82 -28.56 16.04
N GLU D 91 -18.63 -29.73 16.68
CA GLU D 91 -19.67 -30.26 17.56
C GLU D 91 -19.98 -29.33 18.72
N ALA D 92 -18.95 -28.77 19.35
CA ALA D 92 -19.15 -27.91 20.51
C ALA D 92 -19.94 -26.66 20.14
N PHE D 93 -19.81 -26.19 18.90
CA PHE D 93 -20.53 -25.00 18.48
C PHE D 93 -21.69 -25.32 17.56
N HIS D 94 -22.12 -26.58 17.54
CA HIS D 94 -23.37 -27.01 16.92
C HIS D 94 -23.39 -26.71 15.43
N CYS D 95 -22.22 -26.90 14.80
CA CYS D 95 -22.00 -26.62 13.39
C CYS D 95 -22.17 -27.88 12.55
N ASP D 96 -22.99 -27.79 11.51
CA ASP D 96 -23.04 -28.82 10.48
C ASP D 96 -21.73 -28.81 9.71
N PRO D 97 -20.95 -29.90 9.69
CA PRO D 97 -19.65 -29.85 8.99
C PRO D 97 -19.75 -29.67 7.49
N ALA D 98 -20.92 -29.86 6.89
CA ALA D 98 -21.13 -29.54 5.48
C ALA D 98 -21.26 -28.04 5.27
N ALA D 99 -21.57 -27.29 6.33
CA ALA D 99 -21.80 -25.85 6.28
C ALA D 99 -20.70 -25.05 6.93
N TRP D 100 -19.82 -25.68 7.69
CA TRP D 100 -18.82 -25.00 8.49
C TRP D 100 -17.56 -25.84 8.56
N GLY D 101 -16.42 -25.17 8.52
CA GLY D 101 -15.15 -25.79 8.87
C GLY D 101 -14.42 -24.93 9.88
N VAL D 102 -13.28 -25.46 10.33
CA VAL D 102 -12.52 -24.76 11.37
C VAL D 102 -11.04 -25.04 11.16
N ASN D 103 -10.23 -24.03 11.41
CA ASN D 103 -8.79 -24.22 11.50
C ASN D 103 -8.40 -24.04 12.96
N VAL D 104 -7.76 -25.05 13.54
CA VAL D 104 -7.42 -25.05 14.97
C VAL D 104 -5.94 -24.79 15.20
N GLN D 105 -5.21 -24.33 14.18
CA GLN D 105 -3.79 -24.06 14.37
C GLN D 105 -3.38 -22.68 14.91
N PRO D 106 -4.20 -21.62 14.87
CA PRO D 106 -3.74 -20.32 15.38
C PRO D 106 -3.13 -20.43 16.77
N TYR D 107 -1.97 -19.80 16.96
CA TYR D 107 -1.29 -19.93 18.25
C TYR D 107 -2.08 -19.32 19.40
N SER D 108 -2.89 -18.31 19.14
CA SER D 108 -3.70 -17.65 20.17
C SER D 108 -4.82 -16.87 19.47
N GLY D 109 -5.55 -16.07 20.25
CA GLY D 109 -6.66 -15.30 19.68
C GLY D 109 -6.19 -14.22 18.69
N SER D 110 -5.19 -13.45 19.08
CA SER D 110 -4.73 -12.39 18.19
C SER D 110 -4.18 -12.95 16.88
N PRO D 111 -3.39 -14.05 16.87
CA PRO D 111 -3.04 -14.69 15.57
C PRO D 111 -4.24 -15.15 14.77
N ALA D 112 -5.27 -15.68 15.42
CA ALA D 112 -6.46 -16.12 14.71
C ALA D 112 -7.10 -14.96 13.96
N ASN D 113 -7.22 -13.81 14.65
CA ASN D 113 -7.78 -12.63 14.00
C ASN D 113 -6.93 -12.19 12.81
N PHE D 114 -5.61 -12.06 13.00
CA PHE D 114 -4.79 -11.54 11.90
C PHE D 114 -4.77 -12.50 10.73
N ALA D 115 -4.77 -13.81 10.99
CA ALA D 115 -4.84 -14.76 9.88
C ALA D 115 -6.16 -14.63 9.12
N ALA D 116 -7.28 -14.46 9.84
CA ALA D 116 -8.55 -14.24 9.17
C ALA D 116 -8.51 -13.00 8.29
N TYR D 117 -7.94 -11.88 8.81
CA TYR D 117 -7.87 -10.70 7.95
C TYR D 117 -7.01 -10.96 6.74
N THR D 118 -5.87 -11.64 6.93
CA THR D 118 -4.98 -11.94 5.81
C THR D 118 -5.66 -12.84 4.78
N ALA D 119 -6.51 -13.75 5.25
CA ALA D 119 -7.22 -14.63 4.33
C ALA D 119 -8.26 -13.86 3.51
N LEU D 120 -9.02 -12.99 4.17
CA LEU D 120 -10.22 -12.37 3.58
C LEU D 120 -9.93 -11.05 2.88
N LEU D 121 -8.87 -10.34 3.25
CA LEU D 121 -8.67 -8.97 2.82
C LEU D 121 -7.34 -8.80 2.11
N GLN D 122 -7.25 -7.71 1.29
CA GLN D 122 -6.01 -7.18 0.75
C GLN D 122 -5.44 -6.13 1.70
N PRO D 123 -4.12 -5.96 1.73
CA PRO D 123 -3.56 -4.88 2.53
C PRO D 123 -4.25 -3.56 2.20
N HIS D 124 -4.51 -2.77 3.23
CA HIS D 124 -5.16 -1.46 3.20
C HIS D 124 -6.68 -1.54 3.04
N ASP D 125 -7.29 -2.72 2.94
CA ASP D 125 -8.76 -2.78 2.90
C ASP D 125 -9.34 -2.19 4.18
N ARG D 126 -10.59 -1.72 4.08
CA ARG D 126 -11.27 -1.09 5.20
C ARG D 126 -11.94 -2.12 6.13
N ILE D 127 -11.82 -1.87 7.44
CA ILE D 127 -12.31 -2.74 8.50
C ILE D 127 -13.01 -1.85 9.52
N MET D 128 -14.14 -2.31 10.07
CA MET D 128 -14.79 -1.65 11.21
C MET D 128 -14.96 -2.64 12.35
N GLY D 129 -14.61 -2.20 13.56
CA GLY D 129 -14.84 -3.00 14.76
C GLY D 129 -15.24 -2.09 15.91
N LEU D 130 -15.67 -2.70 17.02
CA LEU D 130 -16.04 -1.92 18.20
C LEU D 130 -14.82 -1.18 18.75
N ASP D 131 -15.00 0.11 19.00
CA ASP D 131 -13.94 0.94 19.55
C ASP D 131 -13.44 0.36 20.88
N LEU D 132 -12.13 0.38 21.07
CA LEU D 132 -11.54 -0.10 22.32
C LEU D 132 -12.19 0.53 23.55
N PRO D 133 -12.35 1.86 23.64
CA PRO D 133 -13.01 2.42 24.83
C PRO D 133 -14.49 2.08 24.93
N SER D 134 -15.13 1.58 23.87
CA SER D 134 -16.51 1.12 23.91
C SER D 134 -16.60 -0.36 24.24
N GLY D 135 -15.48 -1.02 24.48
CA GLY D 135 -15.49 -2.43 24.84
C GLY D 135 -15.00 -3.38 23.77
N GLY D 136 -14.37 -2.88 22.70
CA GLY D 136 -13.83 -3.73 21.67
C GLY D 136 -12.45 -4.23 22.05
N HIS D 137 -11.83 -4.96 21.12
CA HIS D 137 -10.50 -5.50 21.34
C HIS D 137 -9.50 -4.78 20.44
N LEU D 138 -8.26 -4.69 20.92
CA LEU D 138 -7.18 -4.05 20.16
C LEU D 138 -7.08 -4.60 18.74
N THR D 139 -7.28 -5.92 18.59
CA THR D 139 -7.08 -6.52 17.27
C THR D 139 -8.16 -6.14 16.27
N HIS D 140 -9.22 -5.47 16.72
CA HIS D 140 -10.25 -5.02 15.79
C HIS D 140 -9.92 -3.65 15.21
N GLY D 141 -8.80 -3.07 15.61
CA GLY D 141 -8.36 -1.80 15.07
C GLY D 141 -8.27 -0.78 16.19
N TYR D 142 -7.21 0.00 16.18
CA TYR D 142 -7.02 1.02 17.20
C TYR D 142 -5.96 2.01 16.74
N TYR D 143 -6.36 3.27 16.56
CA TYR D 143 -5.41 4.35 16.41
C TYR D 143 -5.80 5.45 17.39
N THR D 144 -4.80 6.19 17.86
CA THR D 144 -5.02 7.27 18.83
C THR D 144 -5.53 8.52 18.13
N SER D 145 -6.07 9.45 18.94
CA SER D 145 -6.47 10.74 18.39
C SER D 145 -5.31 11.49 17.73
N GLY D 146 -4.07 11.18 18.09
CA GLY D 146 -2.92 11.77 17.42
C GLY D 146 -2.48 11.07 16.16
N GLY D 147 -3.23 10.06 15.71
CA GLY D 147 -2.90 9.35 14.49
C GLY D 147 -1.91 8.22 14.62
N LYS D 148 -1.51 7.85 15.85
CA LYS D 148 -0.57 6.76 16.02
C LYS D 148 -1.31 5.44 15.82
N LYS D 149 -0.85 4.64 14.86
CA LYS D 149 -1.46 3.35 14.59
C LYS D 149 -0.94 2.32 15.59
N ILE D 150 -1.81 1.86 16.48
CA ILE D 150 -1.39 1.03 17.59
C ILE D 150 -1.54 -0.46 17.27
N SER D 151 -2.71 -0.86 16.82
CA SER D 151 -2.96 -2.25 16.44
C SER D 151 -2.33 -2.57 15.10
N ALA D 152 -1.84 -3.81 14.95
CA ALA D 152 -1.37 -4.23 13.61
C ALA D 152 -2.50 -4.17 12.60
N THR D 153 -3.73 -4.31 13.07
CA THR D 153 -4.89 -4.21 12.19
C THR D 153 -4.98 -2.83 11.56
N SER D 154 -4.67 -1.79 12.33
CA SER D 154 -4.66 -0.43 11.80
C SER D 154 -3.37 -0.10 11.07
N ILE D 155 -2.30 -0.87 11.29
CA ILE D 155 -1.05 -0.66 10.56
C ILE D 155 -1.18 -1.19 9.14
N TYR D 156 -1.75 -2.38 8.97
CA TYR D 156 -1.78 -3.06 7.68
C TYR D 156 -3.12 -2.94 6.97
N PHE D 157 -4.15 -2.51 7.67
CA PHE D 157 -5.46 -2.28 7.09
C PHE D 157 -5.94 -0.90 7.50
N GLU D 158 -7.10 -0.49 6.99
CA GLU D 158 -7.64 0.83 7.26
C GLU D 158 -8.89 0.67 8.13
N SER D 159 -8.76 0.95 9.43
CA SER D 159 -9.85 0.70 10.37
C SER D 159 -10.60 1.98 10.71
N LEU D 160 -11.86 1.79 11.11
CA LEU D 160 -12.68 2.86 11.67
C LEU D 160 -13.59 2.21 12.71
N PRO D 161 -13.60 2.70 13.94
CA PRO D 161 -14.43 2.07 14.98
C PRO D 161 -15.88 2.58 14.98
N TYR D 162 -16.75 1.76 15.57
CA TYR D 162 -18.08 2.19 15.98
C TYR D 162 -18.16 2.12 17.50
N LYS D 163 -19.12 2.84 18.08
CA LYS D 163 -19.10 3.05 19.52
C LYS D 163 -20.43 2.68 20.17
N VAL D 164 -20.38 2.55 21.51
CA VAL D 164 -21.62 2.47 22.27
C VAL D 164 -22.24 3.86 22.38
N ASN D 165 -23.57 3.87 22.59
CA ASN D 165 -24.29 5.06 23.01
C ASN D 165 -23.69 5.61 24.30
N PHE D 166 -23.33 6.89 24.26
CA PHE D 166 -22.62 7.53 25.37
C PHE D 166 -23.47 7.69 26.62
N THR D 167 -24.80 7.58 26.49
CA THR D 167 -25.71 7.71 27.62
C THR D 167 -26.15 6.35 28.19
N THR D 168 -26.47 5.39 27.32
CA THR D 168 -27.03 4.11 27.75
C THR D 168 -26.00 3.01 27.90
N GLY D 169 -24.86 3.11 27.23
CA GLY D 169 -23.89 2.04 27.27
C GLY D 169 -24.14 0.89 26.32
N TYR D 170 -25.24 0.92 25.57
CA TYR D 170 -25.49 -0.06 24.53
C TYR D 170 -24.87 0.35 23.21
N ILE D 171 -24.57 -0.64 22.36
CA ILE D 171 -24.08 -0.36 21.02
C ILE D 171 -25.09 0.48 20.27
N ASP D 172 -24.62 1.53 19.58
CA ASP D 172 -25.53 2.37 18.82
C ASP D 172 -25.61 1.81 17.40
N TYR D 173 -26.61 0.96 17.16
CA TYR D 173 -26.67 0.26 15.87
C TYR D 173 -27.00 1.21 14.72
N ASP D 174 -27.85 2.21 14.96
CA ASP D 174 -28.17 3.17 13.90
C ASP D 174 -26.95 3.97 13.49
N LYS D 175 -26.15 4.39 14.47
CA LYS D 175 -24.93 5.13 14.16
C LYS D 175 -23.90 4.23 13.48
N LEU D 176 -23.89 2.95 13.85
CA LEU D 176 -23.02 1.99 13.17
C LEU D 176 -23.41 1.86 11.71
N GLU D 177 -24.70 1.72 11.42
CA GLU D 177 -25.14 1.59 10.03
C GLU D 177 -24.80 2.85 9.23
N GLU D 178 -25.04 4.02 9.83
CA GLU D 178 -24.68 5.28 9.18
C GLU D 178 -23.19 5.33 8.85
N LYS D 179 -22.34 5.00 9.83
CA LYS D 179 -20.90 5.02 9.58
C LYS D 179 -20.51 4.01 8.52
N ALA D 180 -21.07 2.80 8.58
CA ALA D 180 -20.68 1.77 7.62
C ALA D 180 -21.07 2.15 6.20
N LEU D 181 -22.23 2.80 6.05
CA LEU D 181 -22.65 3.26 4.72
C LEU D 181 -21.70 4.31 4.17
N ASP D 182 -21.13 5.14 5.05
CA ASP D 182 -20.19 6.18 4.60
C ASP D 182 -18.83 5.57 4.31
N PHE D 183 -18.32 4.75 5.23
CA PHE D 183 -16.95 4.25 5.18
C PHE D 183 -16.81 3.05 4.23
N ARG D 184 -17.85 2.24 4.13
CA ARG D 184 -17.90 1.08 3.24
C ARG D 184 -16.78 0.10 3.56
N PRO D 185 -16.76 -0.49 4.76
CA PRO D 185 -15.72 -1.48 5.07
C PRO D 185 -15.92 -2.75 4.24
N LYS D 186 -14.79 -3.40 3.93
CA LYS D 186 -14.86 -4.73 3.37
C LYS D 186 -15.11 -5.80 4.43
N LEU D 187 -14.80 -5.47 5.68
CA LEU D 187 -15.01 -6.40 6.78
C LEU D 187 -15.61 -5.65 7.96
N LEU D 188 -16.71 -6.17 8.47
CA LEU D 188 -17.35 -5.65 9.67
C LEU D 188 -17.15 -6.67 10.77
N ILE D 189 -16.58 -6.24 11.89
CA ILE D 189 -16.32 -7.12 13.01
C ILE D 189 -17.32 -6.84 14.11
N CYS D 190 -17.87 -7.91 14.69
CA CYS D 190 -18.62 -7.82 15.94
C CYS D 190 -17.94 -8.68 17.00
N GLY D 191 -18.33 -8.48 18.25
CA GLY D 191 -17.69 -9.12 19.38
C GLY D 191 -16.82 -8.14 20.14
N GLY D 192 -16.60 -8.45 21.42
CA GLY D 192 -15.82 -7.50 22.19
C GLY D 192 -15.26 -8.09 23.47
N SER D 193 -14.54 -7.24 24.20
CA SER D 193 -13.83 -7.63 25.41
C SER D 193 -14.41 -7.06 26.69
N ALA D 194 -15.26 -6.03 26.59
CA ALA D 194 -15.74 -5.34 27.79
C ALA D 194 -17.15 -4.80 27.55
N TYR D 195 -18.02 -5.61 26.96
CA TYR D 195 -19.40 -5.23 26.67
C TYR D 195 -20.32 -6.12 27.48
N PRO D 196 -21.18 -5.56 28.33
CA PRO D 196 -21.97 -6.38 29.27
C PRO D 196 -23.29 -6.88 28.71
N ARG D 197 -23.53 -6.80 27.40
CA ARG D 197 -24.79 -7.24 26.84
C ARG D 197 -24.55 -8.14 25.64
N ASP D 198 -25.63 -8.81 25.22
CA ASP D 198 -25.50 -9.66 24.05
C ASP D 198 -25.57 -8.81 22.78
N TRP D 199 -25.31 -9.48 21.67
CA TRP D 199 -25.09 -8.84 20.38
C TRP D 199 -26.25 -9.15 19.44
N ASP D 200 -26.69 -8.13 18.69
CA ASP D 200 -27.77 -8.34 17.71
C ASP D 200 -27.11 -8.70 16.39
N TYR D 201 -26.80 -9.99 16.25
CA TYR D 201 -26.12 -10.49 15.07
C TYR D 201 -26.97 -10.31 13.82
N ALA D 202 -28.28 -10.45 13.95
CA ALA D 202 -29.16 -10.22 12.81
C ALA D 202 -29.01 -8.81 12.28
N ARG D 203 -28.87 -7.83 13.18
CA ARG D 203 -28.70 -6.46 12.73
C ARG D 203 -27.34 -6.27 12.06
N PHE D 204 -26.28 -6.85 12.64
CA PHE D 204 -24.99 -6.79 11.96
C PHE D 204 -25.07 -7.37 10.56
N ARG D 205 -25.83 -8.45 10.38
CA ARG D 205 -25.95 -9.04 9.05
C ARG D 205 -26.72 -8.12 8.10
N ALA D 206 -27.80 -7.50 8.59
CA ALA D 206 -28.51 -6.53 7.75
C ALA D 206 -27.60 -5.39 7.34
N ILE D 207 -26.81 -4.86 8.27
CA ILE D 207 -25.87 -3.79 7.96
C ILE D 207 -24.79 -4.27 6.98
N ALA D 208 -24.21 -5.44 7.23
CA ALA D 208 -23.18 -5.94 6.33
C ALA D 208 -23.70 -6.14 4.91
N ASP D 209 -24.94 -6.64 4.78
CA ASP D 209 -25.50 -6.79 3.44
C ASP D 209 -25.75 -5.45 2.76
N LYS D 210 -26.17 -4.42 3.52
CA LYS D 210 -26.38 -3.12 2.90
C LYS D 210 -25.07 -2.56 2.32
N VAL D 211 -23.93 -2.82 2.96
CA VAL D 211 -22.69 -2.26 2.46
C VAL D 211 -21.84 -3.28 1.71
N GLY D 212 -22.29 -4.53 1.61
CA GLY D 212 -21.50 -5.53 0.91
C GLY D 212 -20.28 -6.00 1.65
N ALA D 213 -20.29 -5.91 2.98
CA ALA D 213 -19.16 -6.32 3.81
C ALA D 213 -19.24 -7.80 4.15
N LEU D 214 -18.07 -8.41 4.33
CA LEU D 214 -17.99 -9.67 5.07
C LEU D 214 -18.26 -9.40 6.54
N LEU D 215 -18.80 -10.39 7.24
CA LEU D 215 -19.18 -10.23 8.65
C LEU D 215 -18.46 -11.27 9.50
N LEU D 216 -17.68 -10.80 10.45
CA LEU D 216 -16.87 -11.68 11.30
C LEU D 216 -17.22 -11.45 12.75
N CYS D 217 -17.37 -12.53 13.51
CA CYS D 217 -17.57 -12.42 14.95
C CYS D 217 -16.34 -12.95 15.66
N ASP D 218 -15.75 -12.12 16.50
CA ASP D 218 -14.68 -12.53 17.41
C ASP D 218 -15.36 -12.80 18.76
N MET D 219 -15.63 -14.09 19.02
CA MET D 219 -16.41 -14.45 20.21
C MET D 219 -15.52 -14.83 21.40
N ALA D 220 -14.25 -14.43 21.38
CA ALA D 220 -13.30 -14.89 22.39
C ALA D 220 -13.84 -14.84 23.82
N HIS D 221 -14.42 -13.71 24.22
CA HIS D 221 -14.83 -13.59 25.62
C HIS D 221 -16.02 -14.47 25.97
N ILE D 222 -16.90 -14.74 25.02
CA ILE D 222 -18.17 -15.39 25.33
C ILE D 222 -18.25 -16.78 24.73
N SER D 223 -17.12 -17.34 24.27
CA SER D 223 -17.18 -18.58 23.51
C SER D 223 -17.76 -19.72 24.33
N GLY D 224 -17.41 -19.82 25.61
CA GLY D 224 -18.03 -20.85 26.44
C GLY D 224 -19.52 -20.67 26.56
N LEU D 225 -19.98 -19.42 26.72
CA LEU D 225 -21.43 -19.18 26.75
C LEU D 225 -22.09 -19.56 25.42
N VAL D 226 -21.43 -19.26 24.31
CA VAL D 226 -21.99 -19.60 23.00
C VAL D 226 -22.09 -21.11 22.85
N ALA D 227 -21.01 -21.83 23.18
CA ALA D 227 -21.06 -23.28 23.09
C ALA D 227 -22.22 -23.84 23.91
N ALA D 228 -22.42 -23.30 25.10
CA ALA D 228 -23.48 -23.76 26.00
C ALA D 228 -24.86 -23.28 25.60
N GLN D 229 -24.98 -22.54 24.49
CA GLN D 229 -26.26 -21.99 24.06
C GLN D 229 -26.85 -21.07 25.14
N GLU D 230 -25.96 -20.28 25.74
CA GLU D 230 -26.29 -19.31 26.78
C GLU D 230 -26.03 -17.89 26.31
N ALA D 231 -25.81 -17.73 25.01
CA ALA D 231 -25.65 -16.44 24.38
C ALA D 231 -26.15 -16.60 22.95
N ALA D 232 -26.52 -15.49 22.33
CA ALA D 232 -26.96 -15.53 20.94
C ALA D 232 -25.88 -16.17 20.09
N ASN D 233 -26.31 -16.87 19.02
CA ASN D 233 -25.40 -17.68 18.23
C ASN D 233 -24.84 -16.88 17.05
N PRO D 234 -23.57 -16.45 17.08
CA PRO D 234 -23.04 -15.72 15.92
C PRO D 234 -23.03 -16.53 14.65
N PHE D 235 -22.94 -17.86 14.74
CA PHE D 235 -22.83 -18.68 13.53
C PHE D 235 -24.06 -18.57 12.62
N GLU D 236 -25.20 -18.13 13.17
CA GLU D 236 -26.40 -18.02 12.38
C GLU D 236 -26.28 -16.93 11.32
N TYR D 237 -25.41 -15.96 11.54
CA TYR D 237 -25.36 -14.74 10.73
C TYR D 237 -23.99 -14.36 10.20
N CYS D 238 -22.90 -14.82 10.80
CA CYS D 238 -21.56 -14.38 10.45
C CYS D 238 -20.90 -15.32 9.44
N ASP D 239 -20.10 -14.73 8.54
CA ASP D 239 -19.34 -15.52 7.58
C ASP D 239 -18.21 -16.30 8.25
N VAL D 240 -17.58 -15.68 9.24
CA VAL D 240 -16.39 -16.22 9.89
C VAL D 240 -16.54 -15.94 11.39
N VAL D 241 -16.13 -16.89 12.21
CA VAL D 241 -16.10 -16.67 13.66
C VAL D 241 -14.71 -17.02 14.15
N THR D 242 -14.05 -16.09 14.84
CA THR D 242 -12.76 -16.38 15.45
C THR D 242 -12.95 -16.46 16.96
N THR D 243 -11.99 -17.07 17.64
CA THR D 243 -12.09 -17.16 19.10
C THR D 243 -10.75 -17.57 19.66
N THR D 244 -10.54 -17.20 20.93
CA THR D 244 -9.60 -17.85 21.81
C THR D 244 -10.19 -19.18 22.27
N THR D 245 -9.34 -20.03 22.86
CA THR D 245 -9.85 -21.26 23.44
C THR D 245 -9.72 -21.28 24.95
N HIS D 246 -9.13 -20.26 25.56
CA HIS D 246 -9.11 -20.14 27.01
C HIS D 246 -10.33 -19.28 27.37
N1 LLP D 247 -10.14 -10.95 20.71
C2 LLP D 247 -10.93 -10.79 21.79
C2' LLP D 247 -12.36 -10.28 21.65
C3 LLP D 247 -10.42 -11.06 23.03
O3 LLP D 247 -11.26 -10.87 24.13
C4 LLP D 247 -9.14 -11.51 23.17
C4' LLP D 247 -8.70 -11.86 24.59
C5 LLP D 247 -8.36 -11.70 22.06
C6 LLP D 247 -8.88 -11.39 20.82
C5' LLP D 247 -6.88 -12.14 22.05
OP4 LLP D 247 -6.60 -13.34 22.72
P LLP D 247 -5.00 -13.65 22.95
OP1 LLP D 247 -4.89 -15.16 23.10
OP2 LLP D 247 -4.57 -12.90 24.19
OP3 LLP D 247 -4.15 -13.14 21.78
N LLP D 247 -10.17 -18.30 28.26
CA LLP D 247 -11.28 -17.48 28.71
CB LLP D 247 -11.62 -16.43 27.63
CG LLP D 247 -10.37 -15.63 27.22
CD LLP D 247 -10.73 -14.30 26.52
CE LLP D 247 -9.43 -13.51 26.26
NZ LLP D 247 -9.45 -12.79 25.00
C LLP D 247 -12.50 -18.35 29.07
O LLP D 247 -12.33 -19.42 29.73
N SER D 248 -13.71 -17.95 28.69
CA SER D 248 -14.90 -18.68 29.18
C SER D 248 -15.00 -20.11 28.63
N LEU D 249 -14.27 -20.43 27.54
CA LEU D 249 -14.29 -21.81 27.04
C LEU D 249 -13.48 -22.76 27.88
N ARG D 250 -12.54 -22.24 28.69
CA ARG D 250 -11.87 -22.99 29.74
C ARG D 250 -10.87 -24.00 29.18
N GLY D 251 -10.26 -23.69 28.02
CA GLY D 251 -9.28 -24.57 27.45
C GLY D 251 -7.86 -24.03 27.54
N PRO D 252 -6.96 -24.59 26.74
CA PRO D 252 -5.60 -24.04 26.68
C PRO D 252 -5.59 -22.70 25.97
N ARG D 253 -4.44 -22.04 25.98
CA ARG D 253 -4.30 -20.80 25.22
C ARG D 253 -4.01 -21.15 23.76
N ALA D 254 -4.98 -20.86 22.90
CA ALA D 254 -4.89 -21.12 21.47
C ALA D 254 -6.00 -20.32 20.81
N GLY D 255 -6.08 -20.43 19.48
CA GLY D 255 -7.12 -19.79 18.72
C GLY D 255 -7.74 -20.75 17.72
N MET D 256 -8.94 -20.40 17.27
CA MET D 256 -9.61 -21.13 16.22
C MET D 256 -10.21 -20.12 15.25
N ILE D 257 -10.33 -20.54 13.99
CA ILE D 257 -11.07 -19.78 13.00
C ILE D 257 -12.09 -20.72 12.39
N PHE D 258 -13.38 -20.41 12.56
CA PHE D 258 -14.47 -21.10 11.90
C PHE D 258 -14.87 -20.35 10.64
N TYR D 259 -15.30 -21.07 9.61
CA TYR D 259 -15.68 -20.40 8.38
C TYR D 259 -16.78 -21.17 7.68
N ARG D 260 -17.64 -20.45 6.97
CA ARG D 260 -18.69 -21.12 6.23
C ARG D 260 -18.15 -21.95 5.08
N LYS D 261 -18.88 -23.01 4.75
CA LYS D 261 -18.63 -23.89 3.62
C LYS D 261 -19.93 -24.15 2.89
N GLY D 262 -19.82 -24.56 1.63
CA GLY D 262 -20.94 -25.06 0.89
C GLY D 262 -21.79 -23.95 0.29
N PRO D 263 -23.02 -24.27 -0.09
CA PRO D 263 -23.83 -23.33 -0.88
C PRO D 263 -24.10 -22.02 -0.15
N LYS D 264 -24.04 -20.92 -0.90
CA LYS D 264 -24.33 -19.59 -0.37
C LYS D 264 -25.85 -19.32 -0.33
N PRO D 265 -26.29 -18.41 0.55
CA PRO D 265 -27.69 -17.96 0.51
C PRO D 265 -27.95 -17.10 -0.70
N PRO D 266 -29.21 -16.84 -1.07
CA PRO D 266 -29.49 -16.09 -2.30
C PRO D 266 -28.92 -14.67 -2.25
N LYS D 267 -28.55 -14.17 -3.43
CA LYS D 267 -27.88 -12.88 -3.52
C LYS D 267 -28.01 -12.35 -4.93
N LYS D 268 -27.93 -11.02 -5.06
CA LYS D 268 -27.96 -10.37 -6.36
C LYS D 268 -26.61 -10.50 -7.05
N GLY D 269 -26.65 -10.79 -8.35
CA GLY D 269 -25.43 -10.91 -9.13
C GLY D 269 -24.54 -12.08 -8.76
N GLN D 270 -25.07 -13.04 -7.99
CA GLN D 270 -24.35 -14.25 -7.56
C GLN D 270 -24.77 -15.43 -8.41
N PRO D 271 -23.82 -16.18 -8.98
CA PRO D 271 -24.20 -17.29 -9.87
C PRO D 271 -24.88 -18.40 -9.09
N GLU D 272 -25.91 -18.98 -9.71
CA GLU D 272 -26.59 -20.12 -9.11
C GLU D 272 -25.58 -21.23 -8.83
N GLY D 273 -25.73 -21.87 -7.67
CA GLY D 273 -24.78 -22.89 -7.28
C GLY D 273 -23.49 -22.38 -6.67
N ALA D 274 -23.38 -21.08 -6.43
CA ALA D 274 -22.16 -20.55 -5.83
C ALA D 274 -21.95 -21.15 -4.44
N VAL D 275 -20.70 -21.47 -4.14
CA VAL D 275 -20.33 -22.00 -2.83
C VAL D 275 -19.37 -21.03 -2.17
N TYR D 276 -19.31 -21.12 -0.85
CA TYR D 276 -18.33 -20.33 -0.12
C TYR D 276 -16.92 -20.74 -0.53
N ASP D 277 -16.00 -19.79 -0.44
CA ASP D 277 -14.63 -19.99 -0.86
C ASP D 277 -13.68 -19.51 0.23
N PHE D 278 -14.07 -19.71 1.49
CA PHE D 278 -13.28 -19.28 2.63
C PHE D 278 -12.22 -20.31 3.02
N GLU D 279 -12.52 -21.59 2.83
CA GLU D 279 -11.73 -22.64 3.46
C GLU D 279 -10.26 -22.59 3.02
N ASP D 280 -10.01 -22.62 1.71
CA ASP D 280 -8.62 -22.69 1.26
C ASP D 280 -7.85 -21.43 1.66
N LYS D 281 -8.52 -20.26 1.58
CA LYS D 281 -7.86 -19.01 1.95
C LYS D 281 -7.47 -18.98 3.43
N ILE D 282 -8.38 -19.40 4.31
CA ILE D 282 -8.08 -19.33 5.75
C ILE D 282 -6.96 -20.31 6.09
N ASN D 283 -7.05 -21.55 5.60
CA ASN D 283 -6.00 -22.51 5.86
C ASN D 283 -4.66 -22.00 5.35
N PHE D 284 -4.62 -21.48 4.12
CA PHE D 284 -3.40 -20.97 3.54
C PHE D 284 -2.85 -19.76 4.31
N ALA D 285 -3.74 -18.92 4.86
CA ALA D 285 -3.27 -17.77 5.62
C ALA D 285 -2.56 -18.22 6.90
N VAL D 286 -3.10 -19.22 7.57
CA VAL D 286 -2.45 -19.75 8.77
C VAL D 286 -1.12 -20.38 8.40
N PHE D 287 -1.11 -21.23 7.36
CA PHE D 287 0.09 -21.83 6.83
C PHE D 287 -0.10 -22.10 5.35
N PRO D 288 0.83 -21.67 4.48
CA PRO D 288 2.17 -21.19 4.78
C PRO D 288 2.31 -19.69 5.07
N ALA D 289 1.24 -18.89 5.01
CA ALA D 289 1.47 -17.45 4.98
C ALA D 289 2.03 -16.93 6.30
N LEU D 290 1.40 -17.26 7.43
CA LEU D 290 1.71 -16.54 8.64
C LEU D 290 2.44 -17.37 9.69
N GLN D 291 1.99 -18.60 9.96
CA GLN D 291 2.56 -19.40 11.03
C GLN D 291 3.55 -20.42 10.47
N GLY D 292 4.23 -21.09 11.41
CA GLY D 292 5.14 -22.16 11.08
C GLY D 292 4.54 -23.49 11.49
N GLY D 293 5.30 -24.31 12.19
CA GLY D 293 4.78 -25.56 12.70
C GLY D 293 3.65 -25.31 13.69
N PRO D 294 2.58 -26.11 13.61
CA PRO D 294 1.52 -26.05 14.62
C PRO D 294 2.08 -26.41 15.99
N HIS D 295 1.44 -25.92 17.06
CA HIS D 295 1.81 -26.37 18.41
C HIS D 295 0.89 -27.53 18.79
N ASN D 296 1.36 -28.74 18.52
CA ASN D 296 0.48 -29.91 18.62
C ASN D 296 0.05 -30.23 20.04
N HIS D 297 0.86 -29.83 21.04
CA HIS D 297 0.43 -29.99 22.42
C HIS D 297 -0.76 -29.09 22.75
N GLN D 298 -0.78 -27.87 22.19
CA GLN D 298 -1.95 -27.00 22.29
C GLN D 298 -3.16 -27.62 21.64
N ILE D 299 -2.99 -28.19 20.44
CA ILE D 299 -4.11 -28.75 19.71
C ILE D 299 -4.65 -29.97 20.43
N GLY D 300 -3.76 -30.84 20.94
CA GLY D 300 -4.23 -31.94 21.76
C GLY D 300 -4.94 -31.49 23.02
N ALA D 301 -4.42 -30.45 23.69
CA ALA D 301 -5.07 -29.95 24.88
C ALA D 301 -6.39 -29.30 24.54
N LEU D 302 -6.47 -28.67 23.37
CA LEU D 302 -7.72 -28.06 22.93
C LEU D 302 -8.78 -29.12 22.65
N ALA D 303 -8.39 -30.25 22.05
CA ALA D 303 -9.35 -31.33 21.86
C ALA D 303 -9.95 -31.78 23.18
N VAL D 304 -9.13 -31.87 24.23
CA VAL D 304 -9.64 -32.23 25.55
C VAL D 304 -10.65 -31.21 26.02
N ALA D 305 -10.29 -29.92 25.94
CA ALA D 305 -11.19 -28.87 26.42
C ALA D 305 -12.51 -28.84 25.66
N LEU D 306 -12.48 -29.13 24.35
CA LEU D 306 -13.71 -29.15 23.56
C LEU D 306 -14.60 -30.34 23.91
N LYS D 307 -14.01 -31.50 24.17
CA LYS D 307 -14.81 -32.60 24.71
C LYS D 307 -15.41 -32.20 26.05
N GLN D 308 -14.64 -31.49 26.89
CA GLN D 308 -15.18 -31.10 28.19
C GLN D 308 -16.26 -30.04 28.05
N ALA D 309 -16.14 -29.18 27.05
CA ALA D 309 -17.13 -28.12 26.91
C ALA D 309 -18.46 -28.67 26.39
N ASN D 310 -18.44 -29.79 25.66
CA ASN D 310 -19.67 -30.31 25.06
C ASN D 310 -20.35 -31.32 25.97
N THR D 311 -20.56 -30.94 27.21
CA THR D 311 -21.19 -31.79 28.22
C THR D 311 -22.34 -31.06 28.88
N PRO D 312 -23.31 -31.80 29.43
CA PRO D 312 -24.33 -31.15 30.27
C PRO D 312 -23.72 -30.33 31.39
N GLY D 313 -22.66 -30.84 32.02
CA GLY D 313 -22.04 -30.13 33.12
C GLY D 313 -21.47 -28.79 32.73
N PHE D 314 -20.96 -28.68 31.50
CA PHE D 314 -20.44 -27.39 31.08
C PHE D 314 -21.56 -26.37 30.91
N LYS D 315 -22.72 -26.82 30.40
CA LYS D 315 -23.83 -25.90 30.26
C LYS D 315 -24.29 -25.38 31.61
N VAL D 316 -24.28 -26.25 32.62
CA VAL D 316 -24.62 -25.80 33.97
C VAL D 316 -23.62 -24.77 34.45
N TYR D 317 -22.33 -24.99 34.16
CA TYR D 317 -21.29 -24.02 34.48
C TYR D 317 -21.54 -22.69 33.79
N ALA D 318 -21.85 -22.72 32.49
CA ALA D 318 -22.10 -21.47 31.78
C ALA D 318 -23.31 -20.74 32.36
N LYS D 319 -24.39 -21.48 32.64
CA LYS D 319 -25.54 -20.85 33.31
C LYS D 319 -25.09 -20.20 34.62
N GLN D 320 -24.24 -20.91 35.38
CA GLN D 320 -23.80 -20.41 36.68
C GLN D 320 -22.96 -19.14 36.53
N VAL D 321 -22.09 -19.10 35.50
CA VAL D 321 -21.27 -17.91 35.24
C VAL D 321 -22.17 -16.70 35.08
N LYS D 322 -23.21 -16.84 34.26
CA LYS D 322 -24.12 -15.72 34.03
C LYS D 322 -24.82 -15.34 35.33
N ALA D 323 -25.32 -16.35 36.05
CA ALA D 323 -26.06 -16.09 37.29
C ALA D 323 -25.19 -15.40 38.33
N ASN D 324 -23.89 -15.71 38.32
CA ASN D 324 -22.97 -15.11 39.27
C ASN D 324 -22.67 -13.66 38.91
N ALA D 325 -22.55 -13.36 37.63
CA ALA D 325 -22.33 -11.97 37.23
C ALA D 325 -23.54 -11.13 37.58
N VAL D 326 -24.74 -11.65 37.34
CA VAL D 326 -25.95 -10.91 37.71
C VAL D 326 -26.01 -10.71 39.22
N ALA D 327 -25.70 -11.77 39.99
CA ALA D 327 -25.71 -11.66 41.45
C ALA D 327 -24.75 -10.59 41.94
N LEU D 328 -23.55 -10.54 41.35
CA LEU D 328 -22.57 -9.54 41.77
C LEU D 328 -23.04 -8.15 41.37
N GLY D 329 -23.49 -7.99 40.12
CA GLY D 329 -24.02 -6.71 39.68
C GLY D 329 -25.17 -6.23 40.55
N ASN D 330 -26.10 -7.14 40.87
CA ASN D 330 -27.20 -6.75 41.75
C ASN D 330 -26.71 -6.32 43.12
N TYR D 331 -25.73 -7.05 43.66
CA TYR D 331 -25.18 -6.68 44.96
C TYR D 331 -24.65 -5.27 44.95
N LEU D 332 -23.83 -4.96 43.94
CA LEU D 332 -23.25 -3.63 43.85
C LEU D 332 -24.33 -2.57 43.72
N MET D 333 -25.32 -2.79 42.86
CA MET D 333 -26.37 -1.81 42.70
C MET D 333 -27.18 -1.62 43.99
N SER D 334 -27.33 -2.68 44.79
CA SER D 334 -28.07 -2.55 46.03
C SER D 334 -27.33 -1.73 47.07
N LYS D 335 -26.01 -1.59 46.93
CA LYS D 335 -25.20 -0.74 47.78
C LYS D 335 -25.11 0.69 47.27
N GLY D 336 -25.86 1.02 46.23
CA GLY D 336 -25.81 2.33 45.66
C GLY D 336 -24.77 2.53 44.59
N TYR D 337 -24.04 1.48 44.23
CA TYR D 337 -23.06 1.58 43.15
C TYR D 337 -23.78 1.55 41.79
N GLN D 338 -23.06 1.97 40.77
CA GLN D 338 -23.62 2.07 39.43
C GLN D 338 -22.83 1.21 38.46
N ILE D 339 -23.53 0.35 37.73
CA ILE D 339 -22.91 -0.51 36.75
C ILE D 339 -23.50 -0.15 35.39
N VAL D 340 -22.67 -0.23 34.35
CA VAL D 340 -23.07 0.28 33.05
C VAL D 340 -24.17 -0.61 32.49
N THR D 341 -25.24 0.03 32.01
CA THR D 341 -26.51 -0.54 31.55
C THR D 341 -27.33 -1.12 32.69
N ASN D 342 -26.91 -0.95 33.94
CA ASN D 342 -27.67 -1.37 35.12
C ASN D 342 -27.91 -2.88 35.15
N GLY D 343 -26.98 -3.66 34.61
CA GLY D 343 -27.11 -5.10 34.62
C GLY D 343 -26.08 -5.74 33.71
N THR D 344 -26.27 -7.04 33.49
CA THR D 344 -25.44 -7.77 32.54
C THR D 344 -26.29 -8.90 31.95
N GLU D 345 -25.94 -9.30 30.73
CA GLU D 345 -26.47 -10.50 30.10
C GLU D 345 -25.40 -11.54 29.83
N ASN D 346 -24.16 -11.33 30.28
CA ASN D 346 -23.12 -12.30 30.03
C ASN D 346 -22.30 -12.56 31.29
N HIS D 347 -20.99 -12.70 31.13
CA HIS D 347 -20.10 -13.14 32.20
C HIS D 347 -19.49 -11.98 32.99
N LEU D 348 -19.75 -10.74 32.60
CA LEU D 348 -18.99 -9.66 33.22
C LEU D 348 -19.89 -8.50 33.63
N VAL D 349 -19.30 -7.63 34.43
CA VAL D 349 -19.92 -6.40 34.90
C VAL D 349 -18.97 -5.25 34.64
N LEU D 350 -19.52 -4.11 34.22
CA LEU D 350 -18.79 -2.85 34.10
C LEU D 350 -19.24 -1.91 35.21
N TRP D 351 -18.32 -1.59 36.13
CA TRP D 351 -18.64 -0.80 37.31
C TRP D 351 -18.20 0.63 37.06
N ASP D 352 -19.15 1.58 37.16
CA ASP D 352 -18.85 2.99 36.94
C ASP D 352 -18.42 3.61 38.27
N LEU D 353 -17.16 4.02 38.35
CA LEU D 353 -16.56 4.54 39.57
C LEU D 353 -16.63 6.06 39.67
N ARG D 354 -17.00 6.75 38.60
CA ARG D 354 -17.09 8.20 38.65
C ARG D 354 -18.06 8.74 39.68
N PRO D 355 -19.24 8.15 39.93
CA PRO D 355 -20.07 8.66 41.04
C PRO D 355 -19.45 8.44 42.41
N LEU D 356 -18.33 7.71 42.50
CA LEU D 356 -17.61 7.53 43.76
C LEU D 356 -16.42 8.46 43.89
N GLY D 357 -16.10 9.23 42.86
CA GLY D 357 -14.93 10.07 42.86
C GLY D 357 -13.62 9.31 42.79
N LEU D 358 -13.60 8.17 42.10
CA LEU D 358 -12.46 7.29 42.03
C LEU D 358 -12.13 6.99 40.57
N THR D 359 -10.84 6.76 40.30
CA THR D 359 -10.40 6.21 39.03
C THR D 359 -10.35 4.70 39.10
N GLY D 360 -10.47 4.06 37.94
CA GLY D 360 -10.29 2.63 37.90
C GLY D 360 -8.88 2.23 38.28
N ASN D 361 -7.90 3.12 38.00
CA ASN D 361 -6.51 2.83 38.34
C ASN D 361 -6.33 2.68 39.84
N LYS D 362 -6.98 3.54 40.63
CA LYS D 362 -6.82 3.45 42.08
C LYS D 362 -7.44 2.17 42.63
N VAL D 363 -8.64 1.83 42.18
CA VAL D 363 -9.30 0.64 42.68
C VAL D 363 -8.54 -0.61 42.25
N GLU D 364 -8.04 -0.65 41.01
CA GLU D 364 -7.30 -1.81 40.54
C GLU D 364 -6.03 -2.01 41.36
N LYS D 365 -5.34 -0.91 41.68
CA LYS D 365 -4.09 -1.01 42.43
C LYS D 365 -4.34 -1.48 43.86
N LEU D 366 -5.31 -0.87 44.55
CA LEU D 366 -5.57 -1.32 45.93
C LEU D 366 -6.10 -2.75 45.95
N CYS D 367 -6.95 -3.10 44.99
CA CYS D 367 -7.45 -4.48 44.93
C CYS D 367 -6.32 -5.47 44.76
N ASP D 368 -5.36 -5.14 43.89
CA ASP D 368 -4.23 -6.02 43.64
C ASP D 368 -3.45 -6.28 44.91
N LEU D 369 -3.20 -5.23 45.69
CA LEU D 369 -2.48 -5.39 46.94
C LEU D 369 -3.22 -6.25 47.95
N CYS D 370 -4.53 -6.42 47.78
N CYS D 370 -4.54 -6.42 47.83
CA CYS D 370 -5.35 -7.24 48.66
CA CYS D 370 -5.25 -7.31 48.73
C CYS D 370 -5.72 -8.59 48.04
C CYS D 370 -5.76 -8.56 47.99
N SER D 371 -5.04 -8.98 46.96
CA SER D 371 -5.22 -10.27 46.28
C SER D 371 -6.54 -10.38 45.54
N ILE D 372 -7.11 -9.25 45.14
CA ILE D 372 -8.29 -9.20 44.27
C ILE D 372 -7.81 -8.66 42.94
N THR D 373 -7.92 -9.45 41.87
CA THR D 373 -7.42 -9.02 40.58
C THR D 373 -8.60 -8.69 39.68
N LEU D 374 -8.65 -7.44 39.22
CA LEU D 374 -9.62 -7.00 38.22
C LEU D 374 -8.87 -6.01 37.34
N ASN D 375 -9.57 -5.29 36.47
CA ASN D 375 -8.80 -4.29 35.74
C ASN D 375 -9.64 -3.06 35.42
N LYS D 376 -8.96 -1.91 35.40
CA LYS D 376 -9.61 -0.66 35.04
C LYS D 376 -10.14 -0.71 33.61
N ASN D 377 -11.16 0.10 33.34
CA ASN D 377 -11.87 0.03 32.08
C ASN D 377 -12.58 1.35 31.85
N ALA D 378 -12.56 1.85 30.61
CA ALA D 378 -13.37 3.03 30.32
C ALA D 378 -14.85 2.68 30.43
N VAL D 379 -15.67 3.71 30.67
CA VAL D 379 -17.12 3.53 30.76
C VAL D 379 -17.82 4.45 29.78
N PHE D 380 -18.92 3.95 29.20
CA PHE D 380 -19.74 4.70 28.26
C PHE D 380 -18.93 5.18 27.06
N GLY D 381 -17.91 4.40 26.69
CA GLY D 381 -17.11 4.70 25.51
C GLY D 381 -16.23 5.91 25.63
N ASP D 382 -16.04 6.44 26.84
CA ASP D 382 -15.31 7.68 27.00
C ASP D 382 -13.83 7.46 26.75
N SER D 383 -13.25 8.34 25.93
CA SER D 383 -11.82 8.41 25.73
C SER D 383 -11.24 9.77 26.10
N SER D 384 -12.10 10.76 26.39
CA SER D 384 -11.63 12.10 26.71
C SER D 384 -11.14 12.21 28.15
N ALA D 385 -11.58 11.32 29.03
CA ALA D 385 -11.10 11.33 30.40
C ALA D 385 -9.59 11.12 30.45
N LEU D 386 -8.99 11.60 31.54
CA LEU D 386 -7.58 11.33 31.79
C LEU D 386 -7.35 9.84 31.99
N ALA D 387 -7.96 9.28 33.03
CA ALA D 387 -7.83 7.89 33.44
C ALA D 387 -9.19 7.21 33.33
N PRO D 388 -9.23 5.90 33.06
CA PRO D 388 -10.52 5.21 32.95
C PRO D 388 -11.33 5.34 34.23
N GLY D 389 -12.64 5.48 34.07
CA GLY D 389 -13.50 5.76 35.21
C GLY D 389 -14.24 4.55 35.74
N GLY D 390 -13.79 3.35 35.39
CA GLY D 390 -14.48 2.16 35.85
C GLY D 390 -13.56 0.96 35.97
N VAL D 391 -14.14 -0.17 36.38
CA VAL D 391 -13.40 -1.44 36.37
C VAL D 391 -14.27 -2.49 35.70
N ARG D 392 -13.62 -3.46 35.07
CA ARG D 392 -14.32 -4.64 34.53
C ARG D 392 -14.10 -5.83 35.47
N ILE D 393 -15.19 -6.55 35.76
CA ILE D 393 -15.17 -7.73 36.64
C ILE D 393 -15.86 -8.90 35.93
N GLY D 394 -15.23 -10.07 35.97
CA GLY D 394 -15.79 -11.25 35.33
C GLY D 394 -15.96 -12.42 36.28
N ALA D 395 -16.98 -13.24 36.01
CA ALA D 395 -17.30 -14.43 36.80
C ALA D 395 -16.66 -15.77 36.38
N PRO D 396 -16.13 -15.97 35.16
CA PRO D 396 -15.71 -17.34 34.79
C PRO D 396 -14.73 -18.01 35.75
N ALA D 397 -13.69 -17.30 36.19
CA ALA D 397 -12.63 -17.97 36.93
C ALA D 397 -13.10 -18.46 38.30
N MET D 398 -13.76 -17.58 39.07
CA MET D 398 -14.19 -18.01 40.40
C MET D 398 -15.37 -18.97 40.33
N THR D 399 -16.21 -18.84 39.30
CA THR D 399 -17.22 -19.87 39.08
C THR D 399 -16.58 -21.23 38.87
N SER D 400 -15.42 -21.28 38.19
CA SER D 400 -14.75 -22.56 37.96
C SER D 400 -14.24 -23.20 39.24
N ARG D 401 -14.02 -22.41 40.29
CA ARG D 401 -13.66 -22.94 41.58
C ARG D 401 -14.87 -23.32 42.42
N GLY D 402 -16.07 -23.30 41.83
CA GLY D 402 -17.26 -23.74 42.52
C GLY D 402 -18.11 -22.68 43.20
N LEU D 403 -17.81 -21.40 43.01
CA LEU D 403 -18.56 -20.35 43.68
C LEU D 403 -19.91 -20.14 43.00
N VAL D 404 -20.94 -19.91 43.82
CA VAL D 404 -22.28 -19.65 43.33
C VAL D 404 -22.72 -18.28 43.83
N GLU D 405 -24.02 -17.98 43.73
CA GLU D 405 -24.48 -16.59 43.88
C GLU D 405 -24.10 -16.02 45.24
N LYS D 406 -24.33 -16.80 46.31
CA LYS D 406 -24.04 -16.26 47.64
C LYS D 406 -22.56 -15.99 47.83
N ASP D 407 -21.69 -16.81 47.22
CA ASP D 407 -20.26 -16.54 47.27
C ASP D 407 -19.91 -15.28 46.49
N PHE D 408 -20.60 -15.03 45.37
CA PHE D 408 -20.32 -13.82 44.61
C PHE D 408 -20.85 -12.58 45.31
N GLU D 409 -21.89 -12.73 46.14
CA GLU D 409 -22.32 -11.62 47.00
C GLU D 409 -21.27 -11.33 48.07
N GLN D 410 -20.59 -12.36 48.58
CA GLN D 410 -19.46 -12.11 49.47
C GLN D 410 -18.32 -11.40 48.72
N ILE D 411 -18.07 -11.78 47.47
CA ILE D 411 -17.09 -11.04 46.66
C ILE D 411 -17.51 -9.58 46.53
N GLY D 412 -18.81 -9.34 46.34
CA GLY D 412 -19.30 -7.98 46.33
C GLY D 412 -18.94 -7.23 47.61
N GLU D 413 -19.04 -7.91 48.76
CA GLU D 413 -18.77 -7.20 49.99
C GLU D 413 -17.27 -6.94 50.14
N PHE D 414 -16.42 -7.86 49.66
CA PHE D 414 -14.99 -7.55 49.62
C PHE D 414 -14.72 -6.35 48.75
N LEU D 415 -15.39 -6.28 47.59
CA LEU D 415 -15.22 -5.13 46.70
C LEU D 415 -15.68 -3.84 47.35
N SER D 416 -16.79 -3.90 48.10
CA SER D 416 -17.25 -2.71 48.83
C SER D 416 -16.23 -2.27 49.86
N ARG D 417 -15.66 -3.22 50.59
CA ARG D 417 -14.59 -2.89 51.53
C ARG D 417 -13.40 -2.27 50.81
N ALA D 418 -12.99 -2.87 49.68
CA ALA D 418 -11.88 -2.32 48.92
C ALA D 418 -12.17 -0.89 48.47
N VAL D 419 -13.37 -0.62 47.98
CA VAL D 419 -13.67 0.74 47.53
C VAL D 419 -13.72 1.69 48.71
N THR D 420 -14.30 1.24 49.84
CA THR D 420 -14.29 2.06 51.05
C THR D 420 -12.86 2.34 51.52
N LEU D 421 -11.98 1.34 51.47
CA LEU D 421 -10.58 1.59 51.82
C LEU D 421 -9.94 2.57 50.86
N THR D 422 -10.24 2.41 49.56
CA THR D 422 -9.71 3.33 48.56
C THR D 422 -10.16 4.76 48.84
N LEU D 423 -11.43 4.92 49.23
CA LEU D 423 -11.93 6.25 49.58
C LEU D 423 -11.22 6.80 50.81
N ASP D 424 -10.99 5.95 51.83
CA ASP D 424 -10.28 6.40 53.02
C ASP D 424 -8.86 6.84 52.68
N ILE D 425 -8.17 6.07 51.84
CA ILE D 425 -6.81 6.42 51.45
C ILE D 425 -6.80 7.74 50.68
N GLN D 426 -7.69 7.86 49.69
CA GLN D 426 -7.80 9.12 48.95
C GLN D 426 -8.11 10.29 49.88
N LYS D 427 -8.90 10.05 50.94
CA LYS D 427 -9.23 11.10 51.90
C LYS D 427 -8.00 11.56 52.66
N THR D 428 -7.12 10.62 53.02
CA THR D 428 -6.00 10.96 53.89
C THR D 428 -4.81 11.48 53.09
N TYR D 429 -4.54 10.89 51.92
CA TYR D 429 -3.30 11.16 51.21
C TYR D 429 -3.49 11.92 49.91
N GLY D 430 -4.71 11.99 49.37
CA GLY D 430 -5.01 12.84 48.25
C GLY D 430 -5.43 12.07 47.01
N LYS D 431 -5.88 12.85 46.02
CA LYS D 431 -6.35 12.32 44.75
C LYS D 431 -5.22 12.12 43.75
N LEU D 432 -4.12 12.85 43.86
CA LEU D 432 -3.00 12.64 42.96
C LEU D 432 -2.42 11.25 43.20
N LEU D 433 -2.15 10.54 42.11
CA LEU D 433 -1.76 9.13 42.23
C LEU D 433 -0.49 8.97 43.06
N LYS D 434 0.49 9.85 42.85
CA LYS D 434 1.75 9.77 43.59
C LYS D 434 1.52 9.94 45.08
N ASP D 435 0.58 10.82 45.46
CA ASP D 435 0.22 10.97 46.86
C ASP D 435 -0.58 9.79 47.39
N PHE D 436 -1.56 9.33 46.59
CA PHE D 436 -2.39 8.20 46.97
C PHE D 436 -1.56 6.98 47.35
N ASN D 437 -0.49 6.71 46.59
CA ASN D 437 0.34 5.54 46.81
C ASN D 437 0.90 5.46 48.22
N LYS D 438 1.02 6.60 48.92
CA LYS D 438 1.57 6.59 50.26
C LYS D 438 0.68 5.79 51.22
N GLY D 439 -0.62 5.74 50.97
CA GLY D 439 -1.55 5.00 51.79
C GLY D 439 -1.60 3.52 51.52
N LEU D 440 -0.83 3.02 50.56
CA LEU D 440 -0.80 1.61 50.21
C LEU D 440 0.34 0.85 50.89
N VAL D 441 1.14 1.52 51.74
CA VAL D 441 2.22 0.88 52.48
C VAL D 441 1.94 1.03 53.97
N ASN D 442 2.19 -0.03 54.73
CA ASN D 442 1.98 -0.05 56.18
C ASN D 442 0.55 0.37 56.52
N ASN D 443 -0.40 -0.24 55.83
CA ASN D 443 -1.82 0.07 56.00
C ASN D 443 -2.48 -1.12 56.68
N LYS D 444 -2.85 -0.93 57.94
CA LYS D 444 -3.40 -1.98 58.78
C LYS D 444 -4.70 -2.54 58.20
N ASP D 445 -5.59 -1.66 57.70
CA ASP D 445 -6.87 -2.12 57.15
C ASP D 445 -6.68 -2.83 55.82
N LEU D 446 -5.72 -2.35 55.02
CA LEU D 446 -5.34 -3.06 53.80
C LEU D 446 -4.86 -4.46 54.14
N ASP D 447 -3.97 -4.57 55.14
CA ASP D 447 -3.48 -5.87 55.59
C ASP D 447 -4.63 -6.79 55.97
N GLN D 448 -5.60 -6.26 56.71
CA GLN D 448 -6.71 -7.09 57.17
C GLN D 448 -7.55 -7.57 56.00
N LEU D 449 -7.87 -6.67 55.06
CA LEU D 449 -8.67 -7.07 53.90
C LEU D 449 -7.96 -8.16 53.11
N LYS D 450 -6.63 -8.05 52.97
CA LYS D 450 -5.86 -9.07 52.25
C LYS D 450 -5.97 -10.42 52.96
N ALA D 451 -5.80 -10.42 54.29
CA ALA D 451 -5.92 -11.67 55.05
C ALA D 451 -7.30 -12.29 54.87
N ASP D 452 -8.35 -11.48 54.96
CA ASP D 452 -9.70 -12.01 54.80
C ASP D 452 -9.94 -12.53 53.39
N VAL D 453 -9.44 -11.82 52.37
CA VAL D 453 -9.59 -12.28 50.99
C VAL D 453 -8.94 -13.64 50.81
N GLU D 454 -7.74 -13.80 51.33
CA GLU D 454 -6.99 -15.04 51.11
C GLU D 454 -7.57 -16.21 51.88
N LYS D 455 -8.08 -15.96 53.09
CA LYS D 455 -8.78 -17.01 53.82
C LYS D 455 -10.02 -17.44 53.07
N PHE D 456 -10.78 -16.48 52.53
CA PHE D 456 -11.94 -16.78 51.69
C PHE D 456 -11.54 -17.62 50.48
N SER D 457 -10.53 -17.18 49.74
CA SER D 457 -10.15 -17.89 48.52
C SER D 457 -9.65 -19.30 48.81
N ALA D 458 -8.88 -19.47 49.87
CA ALA D 458 -8.33 -20.77 50.22
C ALA D 458 -9.40 -21.80 50.58
N SER D 459 -10.63 -21.37 50.85
CA SER D 459 -11.68 -22.29 51.27
C SER D 459 -12.38 -23.01 50.11
N TYR D 460 -12.00 -22.74 48.87
CA TYR D 460 -12.64 -23.33 47.71
C TYR D 460 -11.70 -24.30 47.01
N GLU D 461 -12.29 -25.23 46.26
CA GLU D 461 -11.49 -26.16 45.49
C GLU D 461 -10.79 -25.44 44.34
N MET D 462 -9.82 -26.14 43.71
CA MET D 462 -9.01 -25.56 42.63
C MET D 462 -8.77 -26.62 41.55
N PRO D 463 -9.22 -26.41 40.32
CA PRO D 463 -8.89 -27.34 39.24
C PRO D 463 -7.46 -27.14 38.77
N GLY D 464 -6.94 -28.13 38.03
CA GLY D 464 -5.68 -28.03 37.32
C GLY D 464 -4.48 -28.59 38.07
N PHE D 465 -4.53 -28.57 39.40
CA PHE D 465 -3.48 -29.15 40.24
C PHE D 465 -4.09 -29.44 41.60
N LEU D 466 -3.37 -30.25 42.38
CA LEU D 466 -3.81 -30.66 43.71
C LEU D 466 -3.24 -29.72 44.77
N MET D 467 -4.12 -28.94 45.42
CA MET D 467 -3.69 -28.07 46.50
C MET D 467 -3.08 -28.86 47.65
N SER D 468 -3.50 -30.12 47.81
CA SER D 468 -2.97 -30.97 48.90
C SER D 468 -1.53 -31.40 48.65
N GLU D 469 -1.01 -31.17 47.45
CA GLU D 469 0.36 -31.55 47.11
C GLU D 469 1.26 -30.36 46.75
N MET D 470 0.73 -29.14 46.73
CA MET D 470 1.54 -28.01 46.32
C MET D 470 2.55 -27.66 47.40
N LYS D 471 3.63 -27.00 46.99
CA LYS D 471 4.73 -26.73 47.90
C LYS D 471 4.34 -25.72 48.97
N TYR D 472 3.53 -24.72 48.59
CA TYR D 472 3.17 -23.61 49.47
C TYR D 472 1.68 -23.71 49.78
N LYS D 473 1.37 -24.38 50.90
CA LYS D 473 -0.01 -24.63 51.32
C LYS D 473 -0.58 -23.55 52.23
N ASP D 474 0.27 -22.76 52.88
CA ASP D 474 -0.23 -21.79 53.86
C ASP D 474 0.42 -20.42 53.63
C1 EDO E . -2.97 32.19 -32.46
O1 EDO E . -3.92 33.17 -32.87
C2 EDO E . -2.93 31.07 -33.48
O2 EDO E . -2.15 31.54 -34.59
C1 EDO F . 11.13 1.57 -4.56
O1 EDO F . 9.99 1.34 -3.71
C2 EDO F . 10.77 2.44 -5.76
O2 EDO F . 9.57 2.03 -6.41
C TRS G . 19.14 37.24 -41.35
C1 TRS G . 19.99 37.36 -40.09
C2 TRS G . 18.49 38.59 -41.64
C3 TRS G . 19.99 36.82 -42.56
N TRS G . 18.09 36.24 -41.11
O1 TRS G . 19.16 37.37 -38.94
O2 TRS G . 17.57 38.46 -42.71
O3 TRS G . 20.45 35.49 -42.41
C1 EDO H . 1.89 -32.31 32.49
O1 EDO H . 1.28 -32.64 33.76
C2 EDO H . 3.34 -31.89 32.74
O2 EDO H . 4.14 -33.04 33.07
C1 EDO I . -17.32 -26.58 39.28
O1 EDO I . -17.44 -27.78 38.49
C2 EDO I . -17.19 -25.40 38.35
O2 EDO I . -15.88 -25.50 37.79
C1 EDO J . -0.83 -3.84 -1.05
O1 EDO J . -0.13 -5.04 -1.42
C2 EDO J . -1.98 -3.59 -2.01
O2 EDO J . -3.26 -3.80 -1.38
C1 EDO K . -27.38 -16.08 7.38
O1 EDO K . -26.41 -15.03 7.22
C2 EDO K . -27.40 -17.01 6.17
O2 EDO K . -27.03 -18.33 6.59
#